data_2RNZ
#
_entry.id   2RNZ
#
_entity_poly.entity_id   1
_entity_poly.type   'polypeptide(L)'
_entity_poly.pdbx_seq_one_letter_code
;MGSSHHHHHHSSGLVPRGSHMSVDDIIIKCQCWVQKNDEERLAEILSINTRKAPPKFYVHYVNYNKRLDEWITTDRINLD
KEVLYPKLKATDED
;
_entity_poly.pdbx_strand_id   A
#
# COMPACT_ATOMS: atom_id res chain seq x y z
N MET A 1 7.95 -21.96 -13.40
CA MET A 1 7.14 -21.46 -12.30
C MET A 1 7.96 -21.39 -11.01
N GLY A 2 7.30 -21.05 -9.91
CA GLY A 2 7.99 -20.95 -8.64
C GLY A 2 7.21 -21.59 -7.51
N SER A 3 7.75 -21.53 -6.30
CA SER A 3 7.09 -22.10 -5.13
C SER A 3 7.11 -21.13 -3.96
N SER A 4 6.44 -21.51 -2.88
CA SER A 4 6.37 -20.67 -1.69
C SER A 4 7.69 -20.70 -0.92
N HIS A 5 8.49 -19.65 -1.08
CA HIS A 5 9.78 -19.56 -0.41
C HIS A 5 9.92 -18.22 0.31
N HIS A 6 8.79 -17.64 0.69
CA HIS A 6 8.79 -16.35 1.39
C HIS A 6 7.98 -16.44 2.68
N HIS A 7 8.30 -17.42 3.52
CA HIS A 7 7.60 -17.61 4.78
C HIS A 7 8.52 -17.31 5.96
N HIS A 8 8.76 -16.02 6.21
CA HIS A 8 9.62 -15.59 7.31
C HIS A 8 8.82 -14.86 8.37
N HIS A 9 9.28 -14.93 9.61
CA HIS A 9 8.61 -14.27 10.73
C HIS A 9 9.56 -13.30 11.44
N HIS A 10 8.99 -12.45 12.28
CA HIS A 10 9.78 -11.47 13.02
C HIS A 10 10.55 -10.55 12.07
N SER A 11 9.89 -10.14 11.00
CA SER A 11 10.51 -9.26 10.02
C SER A 11 10.53 -7.82 10.51
N SER A 12 11.60 -7.10 10.15
CA SER A 12 11.75 -5.71 10.56
C SER A 12 11.68 -4.77 9.36
N GLY A 13 11.41 -3.50 9.63
CA GLY A 13 11.31 -2.52 8.56
C GLY A 13 10.09 -1.63 8.69
N LEU A 14 10.30 -0.33 8.66
CA LEU A 14 9.21 0.63 8.78
C LEU A 14 8.88 1.26 7.42
N VAL A 15 9.79 2.08 6.92
CA VAL A 15 9.60 2.74 5.62
C VAL A 15 10.04 1.83 4.48
N PRO A 16 9.19 1.73 3.45
CA PRO A 16 9.48 0.90 2.26
C PRO A 16 10.61 1.48 1.42
N ARG A 17 11.84 1.08 1.71
CA ARG A 17 13.00 1.55 0.98
C ARG A 17 12.95 1.09 -0.47
N GLY A 18 12.38 1.91 -1.34
CA GLY A 18 12.27 1.56 -2.75
C GLY A 18 11.36 0.39 -2.99
N SER A 19 10.05 0.65 -3.05
CA SER A 19 9.06 -0.39 -3.28
C SER A 19 8.74 -0.53 -4.76
N HIS A 20 8.16 -1.67 -5.14
CA HIS A 20 7.80 -1.92 -6.53
C HIS A 20 6.64 -1.04 -6.95
N MET A 21 5.65 -0.90 -6.08
CA MET A 21 4.48 -0.06 -6.38
C MET A 21 4.59 1.30 -5.70
N SER A 22 3.86 2.27 -6.22
CA SER A 22 3.88 3.62 -5.67
C SER A 22 2.48 4.22 -5.64
N VAL A 23 2.39 5.47 -5.19
CA VAL A 23 1.10 6.16 -5.11
C VAL A 23 0.77 6.83 -6.44
N ASP A 24 1.74 6.87 -7.35
CA ASP A 24 1.55 7.49 -8.65
C ASP A 24 0.38 6.83 -9.40
N ASP A 25 0.07 5.60 -9.02
CA ASP A 25 -1.02 4.87 -9.65
C ASP A 25 -2.28 4.91 -8.78
N ILE A 26 -2.36 5.94 -7.93
CA ILE A 26 -3.51 6.09 -7.04
C ILE A 26 -4.14 7.48 -7.20
N ILE A 27 -5.46 7.50 -7.42
CA ILE A 27 -6.18 8.76 -7.58
C ILE A 27 -7.28 8.88 -6.54
N ILE A 28 -8.09 9.94 -6.68
CA ILE A 28 -9.18 10.17 -5.75
C ILE A 28 -10.43 9.40 -6.15
N LYS A 29 -11.17 8.92 -5.15
CA LYS A 29 -12.39 8.15 -5.40
C LYS A 29 -12.07 6.85 -6.13
N CYS A 30 -10.88 6.32 -5.89
CA CYS A 30 -10.46 5.08 -6.52
C CYS A 30 -10.69 3.89 -5.60
N GLN A 31 -10.86 2.71 -6.18
CA GLN A 31 -11.10 1.50 -5.42
C GLN A 31 -9.78 0.79 -5.09
N CYS A 32 -9.54 0.56 -3.81
CA CYS A 32 -8.32 -0.11 -3.37
C CYS A 32 -8.64 -1.35 -2.55
N TRP A 33 -8.10 -2.49 -2.96
CA TRP A 33 -8.33 -3.75 -2.26
C TRP A 33 -7.41 -3.88 -1.06
N VAL A 34 -7.99 -4.26 0.08
CA VAL A 34 -7.22 -4.43 1.31
C VAL A 34 -6.89 -5.90 1.56
N GLN A 35 -5.61 -6.24 1.45
CA GLN A 35 -5.16 -7.60 1.67
C GLN A 35 -4.74 -7.82 3.13
N LYS A 36 -5.57 -8.53 3.87
CA LYS A 36 -5.29 -8.81 5.28
C LYS A 36 -4.40 -10.03 5.42
N ASN A 37 -3.83 -10.21 6.60
CA ASN A 37 -2.95 -11.34 6.87
C ASN A 37 -3.63 -12.65 6.49
N ASP A 38 -4.77 -12.92 7.09
CA ASP A 38 -5.52 -14.14 6.81
C ASP A 38 -6.97 -13.82 6.42
N GLU A 39 -7.19 -12.60 5.94
CA GLU A 39 -8.53 -12.18 5.55
C GLU A 39 -8.47 -11.33 4.28
N GLU A 40 -9.64 -10.95 3.77
CA GLU A 40 -9.73 -10.15 2.56
C GLU A 40 -10.81 -9.08 2.69
N ARG A 41 -10.42 -7.83 2.54
CA ARG A 41 -11.34 -6.71 2.64
C ARG A 41 -11.15 -5.72 1.48
N LEU A 42 -12.06 -4.77 1.37
CA LEU A 42 -11.98 -3.77 0.31
C LEU A 42 -12.29 -2.38 0.85
N ALA A 43 -11.55 -1.38 0.37
CA ALA A 43 -11.75 -0.01 0.81
C ALA A 43 -11.62 0.96 -0.37
N GLU A 44 -11.95 2.23 -0.12
CA GLU A 44 -11.87 3.25 -1.16
C GLU A 44 -10.99 4.41 -0.71
N ILE A 45 -10.42 5.12 -1.67
CA ILE A 45 -9.55 6.26 -1.38
C ILE A 45 -10.30 7.57 -1.54
N LEU A 46 -10.38 8.34 -0.47
CA LEU A 46 -11.06 9.63 -0.49
C LEU A 46 -10.07 10.78 -0.60
N SER A 47 -8.99 10.69 0.19
CA SER A 47 -7.96 11.73 0.19
C SER A 47 -6.57 11.11 0.23
N ILE A 48 -5.56 11.93 -0.03
CA ILE A 48 -4.18 11.46 -0.02
C ILE A 48 -3.25 12.48 0.65
N ASN A 49 -2.47 12.00 1.62
CA ASN A 49 -1.54 12.87 2.34
C ASN A 49 -0.10 12.52 2.00
N THR A 50 0.69 13.53 1.65
CA THR A 50 2.09 13.34 1.30
C THR A 50 3.00 14.13 2.22
N ARG A 51 2.69 14.12 3.51
CA ARG A 51 3.48 14.85 4.50
C ARG A 51 4.39 13.89 5.27
N LYS A 52 3.89 12.68 5.52
CA LYS A 52 4.67 11.68 6.25
C LYS A 52 5.44 10.78 5.28
N ALA A 53 6.28 9.92 5.83
CA ALA A 53 7.08 9.01 5.03
C ALA A 53 7.16 7.63 5.68
N PRO A 54 6.53 6.63 5.03
CA PRO A 54 5.79 6.84 3.78
C PRO A 54 4.52 7.65 3.97
N PRO A 55 3.92 8.10 2.86
CA PRO A 55 2.70 8.89 2.88
C PRO A 55 1.49 8.08 3.31
N LYS A 56 0.47 8.76 3.83
CA LYS A 56 -0.76 8.09 4.27
C LYS A 56 -1.94 8.49 3.40
N PHE A 57 -2.94 7.62 3.35
CA PHE A 57 -4.14 7.89 2.56
C PHE A 57 -5.41 7.68 3.39
N TYR A 58 -6.47 8.38 3.02
CA TYR A 58 -7.74 8.28 3.74
C TYR A 58 -8.61 7.19 3.15
N VAL A 59 -8.78 6.10 3.89
CA VAL A 59 -9.59 4.98 3.45
C VAL A 59 -11.05 5.15 3.87
N HIS A 60 -11.96 4.63 3.06
CA HIS A 60 -13.39 4.73 3.35
C HIS A 60 -14.13 3.51 2.82
N TYR A 61 -15.00 2.94 3.66
CA TYR A 61 -15.77 1.77 3.27
C TYR A 61 -17.19 2.16 2.86
N VAL A 62 -17.72 1.47 1.85
CA VAL A 62 -19.06 1.74 1.36
C VAL A 62 -20.09 0.88 2.07
N ASN A 63 -21.31 1.39 2.19
CA ASN A 63 -22.39 0.67 2.85
C ASN A 63 -22.00 0.31 4.29
N TYR A 64 -21.13 1.12 4.88
CA TYR A 64 -20.66 0.88 6.24
C TYR A 64 -20.70 2.17 7.06
N ASN A 65 -20.49 2.05 8.36
CA ASN A 65 -20.48 3.21 9.25
C ASN A 65 -19.31 4.13 8.94
N LYS A 66 -19.21 5.22 9.69
CA LYS A 66 -18.13 6.18 9.50
C LYS A 66 -16.92 5.83 10.36
N ARG A 67 -17.16 5.10 11.45
CA ARG A 67 -16.10 4.70 12.36
C ARG A 67 -14.98 4.00 11.60
N LEU A 68 -15.33 3.33 10.51
CA LEU A 68 -14.35 2.61 9.70
C LEU A 68 -13.57 3.58 8.82
N ASP A 69 -14.23 4.65 8.39
CA ASP A 69 -13.61 5.65 7.54
C ASP A 69 -12.50 6.38 8.29
N GLU A 70 -11.27 5.92 8.11
CA GLU A 70 -10.11 6.52 8.77
C GLU A 70 -8.94 6.66 7.81
N TRP A 71 -7.80 7.09 8.33
CA TRP A 71 -6.60 7.27 7.52
C TRP A 71 -5.53 6.25 7.90
N ILE A 72 -4.92 5.63 6.89
CA ILE A 72 -3.88 4.65 7.12
C ILE A 72 -2.71 4.85 6.18
N THR A 73 -1.72 3.96 6.26
CA THR A 73 -0.53 4.05 5.41
C THR A 73 -0.63 3.08 4.22
N THR A 74 0.45 2.98 3.47
CA THR A 74 0.49 2.09 2.31
C THR A 74 0.84 0.67 2.72
N ASP A 75 1.42 0.53 3.91
CA ASP A 75 1.80 -0.78 4.43
C ASP A 75 0.61 -1.73 4.44
N ARG A 76 -0.59 -1.17 4.52
CA ARG A 76 -1.80 -1.97 4.56
C ARG A 76 -2.52 -1.93 3.20
N ILE A 77 -2.26 -0.87 2.44
CA ILE A 77 -2.86 -0.71 1.13
C ILE A 77 -1.91 -1.12 0.02
N ASN A 78 -2.28 -2.15 -0.73
CA ASN A 78 -1.45 -2.65 -1.82
C ASN A 78 -2.00 -2.19 -3.17
N LEU A 79 -1.13 -1.64 -4.01
CA LEU A 79 -1.53 -1.17 -5.32
C LEU A 79 -2.16 -2.29 -6.14
N ASP A 80 -1.40 -3.37 -6.34
CA ASP A 80 -1.89 -4.52 -7.10
C ASP A 80 -1.70 -5.81 -6.30
N LYS A 81 -0.47 -6.27 -6.21
CA LYS A 81 -0.15 -7.50 -5.48
C LYS A 81 1.05 -7.30 -4.57
N GLU A 82 1.21 -8.20 -3.61
CA GLU A 82 2.33 -8.13 -2.67
C GLU A 82 3.66 -8.09 -3.41
N VAL A 83 4.55 -7.19 -2.98
CA VAL A 83 5.86 -7.06 -3.60
C VAL A 83 6.90 -7.90 -2.88
N LEU A 84 7.55 -8.80 -3.61
CA LEU A 84 8.56 -9.66 -3.04
C LEU A 84 9.97 -9.10 -3.28
N TYR A 85 10.72 -8.92 -2.21
CA TYR A 85 12.08 -8.39 -2.30
C TYR A 85 13.07 -9.27 -1.56
N PRO A 86 14.36 -9.15 -1.90
CA PRO A 86 15.42 -9.92 -1.27
C PRO A 86 15.67 -9.50 0.17
N LYS A 87 16.16 -10.44 0.98
CA LYS A 87 16.44 -10.17 2.39
C LYS A 87 17.57 -11.06 2.89
N LEU A 88 18.38 -10.51 3.80
CA LEU A 88 19.50 -11.26 4.38
C LEU A 88 19.25 -11.58 5.84
N LYS A 89 20.13 -12.41 6.42
CA LYS A 89 20.00 -12.79 7.82
C LYS A 89 20.96 -11.99 8.69
N ALA A 90 20.52 -11.69 9.91
CA ALA A 90 21.33 -10.92 10.84
C ALA A 90 21.55 -11.70 12.14
N THR A 91 22.59 -11.34 12.88
CA THR A 91 22.91 -11.99 14.14
C THR A 91 22.53 -11.13 15.33
N ASP A 92 22.03 -11.76 16.39
CA ASP A 92 21.62 -11.04 17.59
C ASP A 92 22.19 -11.72 18.84
N GLU A 93 22.04 -11.05 19.98
CA GLU A 93 22.54 -11.58 21.25
C GLU A 93 21.82 -10.95 22.42
N ASP A 94 21.93 -11.57 23.59
CA ASP A 94 21.28 -11.09 24.80
C ASP A 94 22.32 -10.52 25.77
N MET A 1 12.65 -14.42 -30.81
CA MET A 1 13.02 -13.82 -29.54
C MET A 1 12.54 -14.67 -28.37
N GLY A 2 13.49 -15.29 -27.67
CA GLY A 2 13.14 -16.12 -26.53
C GLY A 2 14.00 -15.85 -25.32
N SER A 3 13.39 -15.29 -24.28
CA SER A 3 14.12 -14.95 -23.05
C SER A 3 13.16 -14.78 -21.88
N SER A 4 13.67 -14.95 -20.67
CA SER A 4 12.86 -14.82 -19.47
C SER A 4 13.19 -13.53 -18.72
N HIS A 5 12.21 -12.97 -18.04
CA HIS A 5 12.40 -11.74 -17.29
C HIS A 5 12.59 -12.03 -15.80
N HIS A 6 13.53 -12.93 -15.50
CA HIS A 6 13.81 -13.30 -14.11
C HIS A 6 14.93 -12.44 -13.54
N HIS A 7 14.61 -11.68 -12.50
CA HIS A 7 15.61 -10.82 -11.85
C HIS A 7 15.12 -10.37 -10.48
N HIS A 8 15.89 -10.69 -9.45
CA HIS A 8 15.53 -10.32 -8.08
C HIS A 8 16.63 -9.46 -7.46
N HIS A 9 16.25 -8.66 -6.46
CA HIS A 9 17.19 -7.78 -5.78
C HIS A 9 16.75 -7.53 -4.34
N HIS A 10 17.73 -7.51 -3.43
CA HIS A 10 17.44 -7.27 -2.02
C HIS A 10 18.14 -6.01 -1.53
N SER A 11 17.40 -5.20 -0.78
CA SER A 11 17.94 -3.95 -0.25
C SER A 11 16.93 -3.26 0.65
N SER A 12 17.27 -3.13 1.94
CA SER A 12 16.39 -2.49 2.90
C SER A 12 16.67 -0.99 2.98
N GLY A 13 15.87 -0.29 3.78
CA GLY A 13 16.05 1.14 3.93
C GLY A 13 15.10 1.73 4.96
N LEU A 14 14.51 2.88 4.62
CA LEU A 14 13.57 3.55 5.52
C LEU A 14 12.14 3.41 5.01
N VAL A 15 11.99 3.31 3.69
CA VAL A 15 10.68 3.18 3.08
C VAL A 15 10.52 1.82 2.40
N PRO A 16 9.26 1.37 2.25
CA PRO A 16 8.95 0.09 1.62
C PRO A 16 9.23 0.08 0.13
N ARG A 17 9.42 -1.10 -0.44
CA ARG A 17 9.71 -1.23 -1.86
C ARG A 17 8.42 -1.21 -2.68
N GLY A 18 8.56 -1.23 -4.00
CA GLY A 18 7.40 -1.21 -4.87
C GLY A 18 7.75 -0.86 -6.30
N SER A 19 7.75 -1.87 -7.16
CA SER A 19 8.09 -1.67 -8.57
C SER A 19 6.90 -2.00 -9.46
N HIS A 20 5.69 -1.83 -8.91
CA HIS A 20 4.47 -2.10 -9.66
C HIS A 20 3.61 -0.84 -9.77
N MET A 21 2.98 -0.46 -8.65
CA MET A 21 2.13 0.72 -8.62
C MET A 21 2.73 1.79 -7.71
N SER A 22 2.30 3.04 -7.91
CA SER A 22 2.80 4.15 -7.11
C SER A 22 1.66 5.12 -6.77
N VAL A 23 1.88 5.94 -5.75
CA VAL A 23 0.87 6.91 -5.33
C VAL A 23 0.53 7.87 -6.46
N ASP A 24 1.54 8.25 -7.24
CA ASP A 24 1.34 9.17 -8.35
C ASP A 24 0.36 8.58 -9.36
N ASP A 25 0.20 7.27 -9.33
CA ASP A 25 -0.71 6.58 -10.24
C ASP A 25 -2.04 6.27 -9.56
N ILE A 26 -2.37 7.05 -8.53
CA ILE A 26 -3.62 6.85 -7.79
C ILE A 26 -4.50 8.09 -7.89
N ILE A 27 -5.79 7.86 -8.12
CA ILE A 27 -6.75 8.95 -8.23
C ILE A 27 -7.65 9.01 -7.00
N ILE A 28 -8.65 9.89 -7.06
CA ILE A 28 -9.58 10.05 -5.94
C ILE A 28 -10.82 9.19 -6.15
N LYS A 29 -11.43 8.76 -5.04
CA LYS A 29 -12.63 7.93 -5.09
C LYS A 29 -12.37 6.65 -5.89
N CYS A 30 -11.21 6.04 -5.66
CA CYS A 30 -10.84 4.82 -6.34
C CYS A 30 -10.99 3.61 -5.43
N GLN A 31 -11.02 2.42 -6.01
CA GLN A 31 -11.17 1.19 -5.25
C GLN A 31 -9.80 0.61 -4.87
N CYS A 32 -9.62 0.32 -3.60
CA CYS A 32 -8.36 -0.23 -3.11
C CYS A 32 -8.57 -1.60 -2.48
N TRP A 33 -7.88 -2.61 -3.00
CA TRP A 33 -8.00 -3.96 -2.48
C TRP A 33 -7.19 -4.14 -1.20
N VAL A 34 -7.86 -4.54 -0.13
CA VAL A 34 -7.20 -4.74 1.15
C VAL A 34 -6.92 -6.22 1.39
N GLN A 35 -5.64 -6.58 1.39
CA GLN A 35 -5.23 -7.97 1.61
C GLN A 35 -4.94 -8.22 3.09
N LYS A 36 -5.90 -8.81 3.78
CA LYS A 36 -5.74 -9.11 5.20
C LYS A 36 -4.88 -10.36 5.41
N ASN A 37 -4.41 -10.54 6.64
CA ASN A 37 -3.57 -11.69 6.97
C ASN A 37 -4.21 -12.99 6.49
N ASP A 38 -5.39 -13.29 7.02
CA ASP A 38 -6.11 -14.50 6.65
C ASP A 38 -7.51 -14.17 6.15
N GLU A 39 -7.70 -12.93 5.72
CA GLU A 39 -8.99 -12.49 5.22
C GLU A 39 -8.83 -11.58 4.01
N GLU A 40 -9.95 -11.12 3.46
CA GLU A 40 -9.93 -10.25 2.29
C GLU A 40 -10.99 -9.15 2.41
N ARG A 41 -10.53 -7.90 2.36
CA ARG A 41 -11.44 -6.76 2.47
C ARG A 41 -11.17 -5.75 1.36
N LEU A 42 -12.06 -4.78 1.22
CA LEU A 42 -11.92 -3.75 0.20
C LEU A 42 -12.31 -2.38 0.74
N ALA A 43 -11.59 -1.35 0.33
CA ALA A 43 -11.86 0.01 0.78
C ALA A 43 -11.75 1.00 -0.37
N GLU A 44 -12.08 2.26 -0.10
CA GLU A 44 -12.02 3.30 -1.11
C GLU A 44 -11.05 4.40 -0.70
N ILE A 45 -10.53 5.14 -1.69
CA ILE A 45 -9.60 6.22 -1.42
C ILE A 45 -10.30 7.57 -1.46
N LEU A 46 -10.21 8.30 -0.36
CA LEU A 46 -10.84 9.63 -0.26
C LEU A 46 -9.82 10.73 -0.48
N SER A 47 -8.59 10.49 -0.01
CA SER A 47 -7.52 11.47 -0.16
C SER A 47 -6.17 10.84 0.15
N ILE A 48 -5.10 11.60 -0.10
CA ILE A 48 -3.75 11.12 0.15
C ILE A 48 -2.88 12.21 0.76
N ASN A 49 -2.18 11.87 1.84
CA ASN A 49 -1.32 12.83 2.52
C ASN A 49 0.15 12.60 2.13
N THR A 50 0.79 13.66 1.65
CA THR A 50 2.19 13.57 1.23
C THR A 50 3.09 14.30 2.22
N ARG A 51 2.78 14.18 3.51
CA ARG A 51 3.56 14.83 4.55
C ARG A 51 4.57 13.86 5.16
N LYS A 52 4.24 12.57 5.09
CA LYS A 52 5.12 11.53 5.63
C LYS A 52 5.75 10.71 4.51
N ALA A 53 6.72 9.88 4.86
CA ALA A 53 7.40 9.04 3.89
C ALA A 53 7.59 7.62 4.42
N PRO A 54 6.89 6.66 3.79
CA PRO A 54 5.99 6.94 2.66
C PRO A 54 4.75 7.71 3.09
N PRO A 55 4.01 8.23 2.09
CA PRO A 55 2.78 9.00 2.35
C PRO A 55 1.64 8.13 2.87
N LYS A 56 0.59 8.77 3.36
CA LYS A 56 -0.56 8.06 3.90
C LYS A 56 -1.70 8.01 2.87
N PHE A 57 -2.77 7.31 3.21
CA PHE A 57 -3.92 7.20 2.33
C PHE A 57 -5.22 7.13 3.13
N TYR A 58 -6.22 7.88 2.68
CA TYR A 58 -7.51 7.91 3.37
C TYR A 58 -8.40 6.76 2.88
N VAL A 59 -8.69 5.82 3.78
CA VAL A 59 -9.53 4.69 3.45
C VAL A 59 -10.98 4.94 3.83
N HIS A 60 -11.91 4.47 3.00
CA HIS A 60 -13.33 4.65 3.25
C HIS A 60 -14.08 3.33 3.11
N TYR A 61 -15.05 3.10 3.98
CA TYR A 61 -15.84 1.88 3.95
C TYR A 61 -17.19 2.12 3.28
N VAL A 62 -17.32 1.63 2.05
CA VAL A 62 -18.56 1.78 1.29
C VAL A 62 -19.72 1.07 1.99
N ASN A 63 -19.40 0.01 2.72
CA ASN A 63 -20.41 -0.76 3.44
C ASN A 63 -20.73 -0.12 4.79
N TYR A 64 -19.71 0.05 5.62
CA TYR A 64 -19.88 0.64 6.94
C TYR A 64 -20.14 2.15 6.82
N ASN A 65 -20.28 2.81 7.97
CA ASN A 65 -20.52 4.24 8.01
C ASN A 65 -19.21 5.02 8.06
N LYS A 66 -19.31 6.33 8.18
CA LYS A 66 -18.14 7.19 8.24
C LYS A 66 -17.35 6.94 9.52
N ARG A 67 -18.02 6.38 10.53
CA ARG A 67 -17.39 6.10 11.80
C ARG A 67 -16.11 5.29 11.61
N LEU A 68 -16.08 4.48 10.55
CA LEU A 68 -14.90 3.66 10.25
C LEU A 68 -13.98 4.39 9.27
N ASP A 69 -14.53 5.28 8.49
CA ASP A 69 -13.75 6.05 7.51
C ASP A 69 -12.58 6.74 8.20
N GLU A 70 -11.38 6.21 7.98
CA GLU A 70 -10.17 6.78 8.58
C GLU A 70 -9.02 6.79 7.57
N TRP A 71 -7.85 7.23 8.03
CA TRP A 71 -6.68 7.30 7.18
C TRP A 71 -5.56 6.43 7.73
N ILE A 72 -4.98 5.59 6.87
CA ILE A 72 -3.89 4.71 7.28
C ILE A 72 -2.74 4.76 6.28
N THR A 73 -1.69 3.97 6.55
CA THR A 73 -0.53 3.92 5.68
C THR A 73 -0.56 2.68 4.78
N THR A 74 0.47 2.53 3.96
CA THR A 74 0.56 1.38 3.06
C THR A 74 0.71 0.08 3.84
N ASP A 75 1.13 0.20 5.10
CA ASP A 75 1.32 -0.97 5.94
C ASP A 75 0.08 -1.86 5.94
N ARG A 76 -1.08 -1.24 5.76
CA ARG A 76 -2.35 -1.96 5.75
C ARG A 76 -2.90 -2.05 4.32
N ILE A 77 -2.50 -1.12 3.48
CA ILE A 77 -2.95 -1.10 2.09
C ILE A 77 -1.89 -1.68 1.16
N ASN A 78 -2.24 -2.79 0.50
CA ASN A 78 -1.32 -3.45 -0.42
C ASN A 78 -1.41 -2.83 -1.81
N LEU A 79 -0.53 -1.88 -2.09
CA LEU A 79 -0.50 -1.21 -3.38
C LEU A 79 0.41 -1.95 -4.37
N ASP A 80 0.00 -3.16 -4.74
CA ASP A 80 0.77 -3.97 -5.68
C ASP A 80 -0.11 -4.44 -6.83
N LYS A 81 -0.96 -3.54 -7.32
CA LYS A 81 -1.85 -3.87 -8.43
C LYS A 81 -1.08 -3.99 -9.73
N GLU A 82 -1.81 -4.21 -10.83
CA GLU A 82 -1.18 -4.34 -12.14
C GLU A 82 -1.78 -3.35 -13.13
N VAL A 83 -0.99 -2.97 -14.12
CA VAL A 83 -1.44 -2.03 -15.14
C VAL A 83 -1.28 -2.60 -16.54
N LEU A 84 -2.06 -2.08 -17.48
CA LEU A 84 -2.01 -2.55 -18.87
C LEU A 84 -1.12 -1.64 -19.71
N TYR A 85 0.15 -1.99 -19.82
CA TYR A 85 1.10 -1.20 -20.59
C TYR A 85 1.57 -1.99 -21.82
N PRO A 86 0.81 -1.90 -22.91
CA PRO A 86 1.12 -2.60 -24.16
C PRO A 86 2.34 -2.00 -24.86
N LYS A 87 3.53 -2.36 -24.38
CA LYS A 87 4.77 -1.86 -24.95
C LYS A 87 5.90 -2.87 -24.77
N LEU A 88 6.83 -2.88 -25.72
CA LEU A 88 7.97 -3.80 -25.67
C LEU A 88 9.00 -3.33 -24.66
N LYS A 89 9.86 -4.25 -24.23
CA LYS A 89 10.91 -3.93 -23.26
C LYS A 89 11.84 -5.13 -23.05
N ALA A 90 13.14 -4.91 -23.23
CA ALA A 90 14.12 -5.96 -23.06
C ALA A 90 15.05 -5.66 -21.88
N THR A 91 15.85 -6.64 -21.49
CA THR A 91 16.77 -6.48 -20.38
C THR A 91 17.75 -7.66 -20.30
N ASP A 92 19.04 -7.35 -20.39
CA ASP A 92 20.07 -8.38 -20.33
C ASP A 92 20.86 -8.28 -19.03
N GLU A 93 20.45 -9.07 -18.04
CA GLU A 93 21.12 -9.07 -16.74
C GLU A 93 21.44 -10.49 -16.29
N ASP A 94 22.68 -10.71 -15.88
CA ASP A 94 23.12 -12.03 -15.42
C ASP A 94 23.81 -11.94 -14.07
N MET A 1 7.16 -31.94 -3.21
CA MET A 1 7.66 -32.60 -2.00
C MET A 1 8.65 -31.70 -1.26
N GLY A 2 8.35 -30.39 -1.24
CA GLY A 2 9.23 -29.46 -0.56
C GLY A 2 8.70 -29.05 0.79
N SER A 3 9.46 -28.22 1.50
CA SER A 3 9.07 -27.77 2.84
C SER A 3 8.14 -26.57 2.74
N SER A 4 7.35 -26.36 3.79
CA SER A 4 6.40 -25.25 3.83
C SER A 4 7.11 -23.94 4.14
N HIS A 5 7.02 -22.98 3.22
CA HIS A 5 7.67 -21.68 3.41
C HIS A 5 6.90 -20.85 4.43
N HIS A 6 7.52 -20.65 5.59
CA HIS A 6 6.90 -19.87 6.66
C HIS A 6 7.46 -18.45 6.69
N HIS A 7 6.59 -17.47 6.85
CA HIS A 7 6.99 -16.08 6.90
C HIS A 7 5.98 -15.23 7.66
N HIS A 8 6.46 -14.26 8.43
CA HIS A 8 5.59 -13.39 9.20
C HIS A 8 6.40 -12.28 9.88
N HIS A 9 5.86 -11.07 9.86
CA HIS A 9 6.53 -9.92 10.47
C HIS A 9 5.52 -9.01 11.17
N HIS A 10 6.03 -7.94 11.77
CA HIS A 10 5.17 -6.99 12.47
C HIS A 10 5.65 -5.56 12.25
N SER A 11 4.71 -4.62 12.22
CA SER A 11 5.04 -3.22 12.01
C SER A 11 4.08 -2.31 12.79
N SER A 12 4.60 -1.20 13.29
CA SER A 12 3.79 -0.25 14.04
C SER A 12 4.00 1.17 13.55
N GLY A 13 3.88 1.35 12.24
CA GLY A 13 4.07 2.67 11.65
C GLY A 13 5.53 3.01 11.43
N LEU A 14 6.12 2.45 10.39
CA LEU A 14 7.52 2.68 10.07
C LEU A 14 7.71 2.93 8.57
N VAL A 15 8.91 3.33 8.19
CA VAL A 15 9.22 3.59 6.79
C VAL A 15 10.08 2.47 6.20
N PRO A 16 9.44 1.53 5.51
CA PRO A 16 10.12 0.39 4.88
C PRO A 16 10.95 0.82 3.68
N ARG A 17 11.46 -0.17 2.94
CA ARG A 17 12.28 0.12 1.77
C ARG A 17 11.42 0.20 0.51
N GLY A 18 12.06 0.46 -0.62
CA GLY A 18 11.34 0.57 -1.88
C GLY A 18 10.76 -0.76 -2.33
N SER A 19 11.08 -1.16 -3.56
CA SER A 19 10.58 -2.41 -4.10
C SER A 19 9.05 -2.40 -4.18
N HIS A 20 8.48 -1.22 -4.37
CA HIS A 20 7.03 -1.07 -4.47
C HIS A 20 6.66 0.14 -5.31
N MET A 21 5.37 0.43 -5.39
CA MET A 21 4.89 1.56 -6.17
C MET A 21 4.59 2.76 -5.26
N SER A 22 4.15 3.85 -5.87
CA SER A 22 3.83 5.06 -5.12
C SER A 22 2.41 5.54 -5.43
N VAL A 23 2.07 6.73 -4.92
CA VAL A 23 0.75 7.29 -5.15
C VAL A 23 0.58 7.73 -6.60
N ASP A 24 1.68 7.72 -7.35
CA ASP A 24 1.65 8.13 -8.75
C ASP A 24 0.66 7.27 -9.54
N ASP A 25 0.37 6.08 -9.02
CA ASP A 25 -0.56 5.16 -9.67
C ASP A 25 -1.93 5.24 -9.01
N ILE A 26 -1.96 5.62 -7.75
CA ILE A 26 -3.22 5.73 -7.01
C ILE A 26 -3.83 7.12 -7.17
N ILE A 27 -5.16 7.17 -7.24
CA ILE A 27 -5.87 8.44 -7.38
C ILE A 27 -6.97 8.58 -6.34
N ILE A 28 -7.76 9.63 -6.46
CA ILE A 28 -8.86 9.87 -5.53
C ILE A 28 -10.13 9.17 -5.97
N LYS A 29 -10.96 8.80 -5.00
CA LYS A 29 -12.22 8.11 -5.28
C LYS A 29 -11.97 6.82 -6.04
N CYS A 30 -10.84 6.18 -5.75
CA CYS A 30 -10.48 4.92 -6.41
C CYS A 30 -10.74 3.74 -5.49
N GLN A 31 -10.81 2.54 -6.07
CA GLN A 31 -11.05 1.33 -5.30
C GLN A 31 -9.74 0.69 -4.86
N CYS A 32 -9.55 0.58 -3.55
CA CYS A 32 -8.33 0.00 -2.99
C CYS A 32 -8.63 -1.34 -2.33
N TRP A 33 -7.72 -2.29 -2.48
CA TRP A 33 -7.89 -3.62 -1.90
C TRP A 33 -7.11 -3.74 -0.60
N VAL A 34 -7.81 -4.14 0.47
CA VAL A 34 -7.17 -4.30 1.77
C VAL A 34 -6.85 -5.76 2.06
N GLN A 35 -5.56 -6.08 2.09
CA GLN A 35 -5.12 -7.45 2.35
C GLN A 35 -5.05 -7.72 3.85
N LYS A 36 -6.06 -8.41 4.38
CA LYS A 36 -6.11 -8.75 5.79
C LYS A 36 -5.19 -9.91 6.11
N ASN A 37 -4.92 -10.11 7.40
CA ASN A 37 -4.04 -11.19 7.84
C ASN A 37 -4.47 -12.52 7.23
N ASP A 38 -5.68 -12.96 7.57
CA ASP A 38 -6.22 -14.21 7.05
C ASP A 38 -7.55 -13.98 6.34
N GLU A 39 -7.80 -12.74 5.95
CA GLU A 39 -9.03 -12.38 5.25
C GLU A 39 -8.76 -11.39 4.13
N GLU A 40 -9.82 -10.97 3.46
CA GLU A 40 -9.70 -10.00 2.36
C GLU A 40 -10.85 -8.99 2.39
N ARG A 41 -10.49 -7.71 2.37
CA ARG A 41 -11.48 -6.65 2.40
C ARG A 41 -11.22 -5.64 1.29
N LEU A 42 -12.19 -4.75 1.06
CA LEU A 42 -12.07 -3.74 0.02
C LEU A 42 -12.63 -2.41 0.50
N ALA A 43 -11.92 -1.32 0.20
CA ALA A 43 -12.35 0.01 0.60
C ALA A 43 -12.10 1.03 -0.51
N GLU A 44 -12.55 2.26 -0.30
CA GLU A 44 -12.37 3.32 -1.29
C GLU A 44 -11.40 4.38 -0.77
N ILE A 45 -10.78 5.11 -1.69
CA ILE A 45 -9.83 6.16 -1.32
C ILE A 45 -10.48 7.54 -1.38
N LEU A 46 -10.38 8.27 -0.28
CA LEU A 46 -10.97 9.61 -0.21
C LEU A 46 -9.89 10.68 -0.34
N SER A 47 -9.04 10.79 0.67
CA SER A 47 -7.96 11.78 0.66
C SER A 47 -6.60 11.09 0.74
N ILE A 48 -5.55 11.83 0.40
CA ILE A 48 -4.19 11.30 0.44
C ILE A 48 -3.21 12.33 0.98
N ASN A 49 -2.30 11.88 1.85
CA ASN A 49 -1.31 12.77 2.43
C ASN A 49 0.03 12.63 1.71
N THR A 50 0.76 13.75 1.61
CA THR A 50 2.06 13.74 0.95
C THR A 50 3.07 14.58 1.73
N ARG A 51 2.84 14.70 3.03
CA ARG A 51 3.73 15.48 3.89
C ARG A 51 4.96 14.65 4.28
N LYS A 52 4.72 13.47 4.84
CA LYS A 52 5.80 12.59 5.25
C LYS A 52 5.66 11.21 4.60
N ALA A 53 6.78 10.51 4.45
CA ALA A 53 6.78 9.19 3.84
C ALA A 53 6.98 8.10 4.89
N PRO A 54 6.47 6.89 4.60
CA PRO A 54 5.76 6.61 3.35
C PRO A 54 4.40 7.31 3.29
N PRO A 55 3.85 7.41 2.07
CA PRO A 55 2.55 8.06 1.85
C PRO A 55 1.39 7.24 2.41
N LYS A 56 0.34 7.93 2.84
CA LYS A 56 -0.84 7.26 3.38
C LYS A 56 -2.07 7.51 2.52
N PHE A 57 -3.16 6.82 2.84
CA PHE A 57 -4.41 6.97 2.09
C PHE A 57 -5.61 6.80 3.01
N TYR A 58 -6.65 7.58 2.75
CA TYR A 58 -7.87 7.53 3.54
C TYR A 58 -8.82 6.45 3.01
N VAL A 59 -9.06 5.42 3.82
CA VAL A 59 -9.94 4.33 3.43
C VAL A 59 -11.36 4.57 3.94
N HIS A 60 -12.34 4.33 3.07
CA HIS A 60 -13.74 4.53 3.44
C HIS A 60 -14.57 3.30 3.06
N TYR A 61 -15.63 3.05 3.82
CA TYR A 61 -16.50 1.91 3.57
C TYR A 61 -17.76 2.35 2.83
N VAL A 62 -17.98 1.76 1.66
CA VAL A 62 -19.16 2.09 0.85
C VAL A 62 -20.44 1.64 1.54
N ASN A 63 -21.44 2.52 1.54
CA ASN A 63 -22.72 2.20 2.17
C ASN A 63 -22.52 1.76 3.61
N TYR A 64 -21.65 2.45 4.32
CA TYR A 64 -21.36 2.11 5.72
C TYR A 64 -21.24 3.38 6.56
N ASN A 65 -21.22 3.21 7.87
CA ASN A 65 -21.09 4.33 8.80
C ASN A 65 -19.84 5.15 8.49
N LYS A 66 -19.67 6.25 9.22
CA LYS A 66 -18.51 7.12 9.04
C LYS A 66 -17.48 6.88 10.14
N ARG A 67 -17.95 6.41 11.29
CA ARG A 67 -17.06 6.15 12.42
C ARG A 67 -15.91 5.24 12.00
N LEU A 68 -16.19 4.33 11.07
CA LEU A 68 -15.17 3.40 10.59
C LEU A 68 -14.23 4.09 9.61
N ASP A 69 -14.75 5.07 8.89
CA ASP A 69 -13.94 5.81 7.92
C ASP A 69 -12.65 6.33 8.55
N GLU A 70 -11.54 5.70 8.21
CA GLU A 70 -10.24 6.09 8.74
C GLU A 70 -9.18 6.10 7.65
N TRP A 71 -7.95 6.43 8.03
CA TRP A 71 -6.84 6.48 7.09
C TRP A 71 -5.70 5.57 7.53
N ILE A 72 -5.09 4.88 6.59
CA ILE A 72 -3.98 3.98 6.90
C ILE A 72 -2.79 4.23 5.98
N THR A 73 -1.70 3.51 6.21
CA THR A 73 -0.50 3.65 5.40
C THR A 73 -0.41 2.56 4.33
N THR A 74 0.71 2.54 3.62
CA THR A 74 0.92 1.54 2.57
C THR A 74 1.22 0.17 3.18
N ASP A 75 1.69 0.16 4.42
CA ASP A 75 2.01 -1.08 5.11
C ASP A 75 0.83 -2.04 5.07
N ARG A 76 -0.37 -1.49 5.01
CA ARG A 76 -1.59 -2.30 4.98
C ARG A 76 -2.24 -2.25 3.59
N ILE A 77 -1.90 -1.21 2.83
CA ILE A 77 -2.45 -1.04 1.49
C ILE A 77 -1.46 -1.52 0.43
N ASN A 78 -1.88 -2.50 -0.36
CA ASN A 78 -1.04 -3.05 -1.42
C ASN A 78 -1.29 -2.33 -2.73
N LEU A 79 -0.26 -1.66 -3.25
CA LEU A 79 -0.36 -0.93 -4.50
C LEU A 79 -0.92 -1.82 -5.61
N ASP A 80 -1.32 -1.21 -6.72
CA ASP A 80 -1.87 -1.95 -7.85
C ASP A 80 -0.81 -2.15 -8.93
N LYS A 81 -0.31 -1.03 -9.46
CA LYS A 81 0.71 -1.08 -10.51
C LYS A 81 1.90 -1.94 -10.07
N GLU A 82 2.72 -2.33 -11.04
CA GLU A 82 3.89 -3.16 -10.75
C GLU A 82 5.18 -2.42 -11.14
N VAL A 83 6.30 -2.90 -10.62
CA VAL A 83 7.59 -2.30 -10.92
C VAL A 83 7.89 -2.32 -12.41
N LEU A 84 8.07 -1.14 -12.99
CA LEU A 84 8.35 -1.02 -14.42
C LEU A 84 9.51 -0.07 -14.66
N TYR A 85 10.73 -0.61 -14.68
CA TYR A 85 11.93 0.20 -14.90
C TYR A 85 12.64 -0.24 -16.18
N PRO A 86 12.22 0.32 -17.32
CA PRO A 86 12.81 0.00 -18.62
C PRO A 86 14.22 0.56 -18.77
N LYS A 87 15.21 -0.33 -18.71
CA LYS A 87 16.60 0.08 -18.84
C LYS A 87 17.45 -1.08 -19.37
N LEU A 88 18.11 -0.86 -20.50
CA LEU A 88 18.97 -1.89 -21.09
C LEU A 88 19.98 -2.41 -20.08
N LYS A 89 20.17 -3.73 -20.06
CA LYS A 89 21.12 -4.35 -19.15
C LYS A 89 21.79 -5.56 -19.80
N ALA A 90 23.09 -5.70 -19.56
CA ALA A 90 23.85 -6.81 -20.12
C ALA A 90 23.19 -8.15 -19.80
N THR A 91 22.98 -8.96 -20.83
CA THR A 91 22.37 -10.27 -20.65
C THR A 91 23.23 -11.38 -21.25
N ASP A 92 23.31 -12.50 -20.54
CA ASP A 92 24.11 -13.63 -20.99
C ASP A 92 25.53 -13.20 -21.33
N GLU A 93 26.04 -12.24 -20.57
CA GLU A 93 27.39 -11.73 -20.79
C GLU A 93 28.43 -12.69 -20.21
N ASP A 94 29.52 -12.89 -20.95
CA ASP A 94 30.59 -13.78 -20.52
C ASP A 94 31.88 -12.99 -20.27
N MET A 1 31.17 4.87 -18.84
CA MET A 1 30.19 3.80 -18.69
C MET A 1 29.89 3.55 -17.22
N GLY A 2 28.63 3.23 -16.93
CA GLY A 2 28.23 2.98 -15.55
C GLY A 2 27.36 1.74 -15.43
N SER A 3 26.72 1.59 -14.27
CA SER A 3 25.85 0.44 -14.02
C SER A 3 26.66 -0.86 -13.99
N SER A 4 27.98 -0.72 -13.92
CA SER A 4 28.87 -1.87 -13.89
C SER A 4 29.19 -2.28 -12.45
N HIS A 5 29.41 -1.29 -11.60
CA HIS A 5 29.72 -1.54 -10.20
C HIS A 5 28.58 -1.06 -9.29
N HIS A 6 27.37 -1.04 -9.84
CA HIS A 6 26.21 -0.60 -9.09
C HIS A 6 25.24 -1.76 -8.86
N HIS A 7 25.65 -2.72 -8.04
CA HIS A 7 24.82 -3.88 -7.75
C HIS A 7 24.22 -3.77 -6.35
N HIS A 8 24.93 -3.11 -5.45
CA HIS A 8 24.45 -2.94 -4.08
C HIS A 8 23.16 -2.12 -4.05
N HIS A 9 22.21 -2.56 -3.24
CA HIS A 9 20.93 -1.88 -3.13
C HIS A 9 21.09 -0.53 -2.43
N HIS A 10 21.38 0.50 -3.21
CA HIS A 10 21.57 1.84 -2.68
C HIS A 10 20.50 2.80 -3.21
N SER A 11 19.36 2.84 -2.53
CA SER A 11 18.26 3.71 -2.94
C SER A 11 18.24 4.98 -2.09
N SER A 12 18.79 4.91 -0.89
CA SER A 12 18.83 6.05 0.01
C SER A 12 17.42 6.52 0.36
N GLY A 13 16.58 5.58 0.78
CA GLY A 13 15.21 5.90 1.13
C GLY A 13 14.94 5.71 2.61
N LEU A 14 13.76 6.15 3.06
CA LEU A 14 13.39 6.03 4.46
C LEU A 14 11.99 5.41 4.59
N VAL A 15 11.72 4.39 3.79
CA VAL A 15 10.43 3.71 3.82
C VAL A 15 10.58 2.27 4.28
N PRO A 16 9.48 1.70 4.82
CA PRO A 16 9.47 0.32 5.31
C PRO A 16 9.56 -0.69 4.19
N ARG A 17 8.94 -0.37 3.05
CA ARG A 17 8.95 -1.26 1.90
C ARG A 17 10.02 -0.84 0.89
N GLY A 18 10.69 -1.82 0.29
CA GLY A 18 11.73 -1.53 -0.68
C GLY A 18 11.19 -1.42 -2.09
N SER A 19 10.72 -2.54 -2.63
CA SER A 19 10.18 -2.56 -3.99
C SER A 19 8.67 -2.40 -3.98
N HIS A 20 8.20 -1.26 -4.49
CA HIS A 20 6.78 -0.98 -4.55
C HIS A 20 6.49 0.26 -5.39
N MET A 21 5.21 0.60 -5.54
CA MET A 21 4.81 1.76 -6.32
C MET A 21 4.50 2.94 -5.41
N SER A 22 4.05 4.03 -6.01
CA SER A 22 3.72 5.25 -5.25
C SER A 22 2.29 5.69 -5.55
N VAL A 23 1.92 6.84 -5.00
CA VAL A 23 0.57 7.38 -5.20
C VAL A 23 0.36 7.82 -6.65
N ASP A 24 1.45 7.88 -7.41
CA ASP A 24 1.39 8.28 -8.80
C ASP A 24 0.46 7.36 -9.58
N ASP A 25 0.30 6.14 -9.10
CA ASP A 25 -0.56 5.16 -9.76
C ASP A 25 -1.90 5.05 -9.03
N ILE A 26 -2.22 6.05 -8.23
CA ILE A 26 -3.47 6.07 -7.48
C ILE A 26 -4.19 7.40 -7.64
N ILE A 27 -5.52 7.34 -7.70
CA ILE A 27 -6.33 8.55 -7.85
C ILE A 27 -7.33 8.68 -6.70
N ILE A 28 -8.21 9.67 -6.81
CA ILE A 28 -9.21 9.91 -5.79
C ILE A 28 -10.50 9.15 -6.09
N LYS A 29 -11.22 8.77 -5.05
CA LYS A 29 -12.48 8.05 -5.20
C LYS A 29 -12.25 6.72 -5.93
N CYS A 30 -11.06 6.16 -5.76
CA CYS A 30 -10.71 4.90 -6.40
C CYS A 30 -10.96 3.73 -5.44
N GLN A 31 -11.35 2.59 -6.01
CA GLN A 31 -11.61 1.40 -5.21
C GLN A 31 -10.36 0.54 -5.07
N CYS A 32 -9.96 0.29 -3.83
CA CYS A 32 -8.77 -0.51 -3.56
C CYS A 32 -9.10 -1.67 -2.62
N TRP A 33 -8.52 -2.83 -2.89
CA TRP A 33 -8.75 -4.01 -2.07
C TRP A 33 -7.78 -4.06 -0.89
N VAL A 34 -8.31 -4.27 0.30
CA VAL A 34 -7.49 -4.34 1.51
C VAL A 34 -7.24 -5.79 1.92
N GLN A 35 -5.98 -6.21 1.80
CA GLN A 35 -5.60 -7.58 2.15
C GLN A 35 -5.58 -7.76 3.66
N LYS A 36 -5.90 -8.97 4.12
CA LYS A 36 -5.92 -9.27 5.55
C LYS A 36 -5.16 -10.56 5.83
N ASN A 37 -4.84 -10.79 7.11
CA ASN A 37 -4.11 -11.98 7.52
C ASN A 37 -4.77 -13.23 6.96
N ASP A 38 -6.00 -13.48 7.37
CA ASP A 38 -6.75 -14.65 6.91
C ASP A 38 -8.11 -14.24 6.35
N GLU A 39 -8.23 -12.98 5.97
CA GLU A 39 -9.48 -12.47 5.42
C GLU A 39 -9.22 -11.52 4.26
N GLU A 40 -10.29 -11.01 3.65
CA GLU A 40 -10.18 -10.09 2.53
C GLU A 40 -11.21 -8.98 2.62
N ARG A 41 -10.74 -7.74 2.74
CA ARG A 41 -11.62 -6.59 2.84
C ARG A 41 -11.46 -5.66 1.64
N LEU A 42 -12.37 -4.71 1.50
CA LEU A 42 -12.33 -3.76 0.39
C LEU A 42 -12.70 -2.36 0.86
N ALA A 43 -11.91 -1.37 0.44
CA ALA A 43 -12.17 0.01 0.81
C ALA A 43 -11.92 0.95 -0.37
N GLU A 44 -12.21 2.23 -0.16
CA GLU A 44 -12.03 3.23 -1.21
C GLU A 44 -11.09 4.34 -0.74
N ILE A 45 -10.53 5.07 -1.70
CA ILE A 45 -9.62 6.17 -1.38
C ILE A 45 -10.32 7.52 -1.45
N LEU A 46 -10.27 8.27 -0.37
CA LEU A 46 -10.90 9.58 -0.31
C LEU A 46 -9.88 10.69 -0.52
N SER A 47 -8.98 10.86 0.44
CA SER A 47 -7.95 11.88 0.36
C SER A 47 -6.56 11.26 0.49
N ILE A 48 -5.53 12.07 0.20
CA ILE A 48 -4.15 11.60 0.28
C ILE A 48 -3.25 12.67 0.87
N ASN A 49 -2.42 12.26 1.83
CA ASN A 49 -1.50 13.20 2.48
C ASN A 49 -0.06 12.88 2.11
N THR A 50 0.67 13.90 1.67
CA THR A 50 2.07 13.73 1.28
C THR A 50 3.00 14.50 2.21
N ARG A 51 2.70 14.48 3.50
CA ARG A 51 3.50 15.18 4.49
C ARG A 51 4.50 14.24 5.16
N LYS A 52 4.14 12.96 5.20
CA LYS A 52 5.00 11.95 5.81
C LYS A 52 5.65 11.07 4.75
N ALA A 53 6.57 10.21 5.18
CA ALA A 53 7.26 9.31 4.27
C ALA A 53 7.41 7.92 4.87
N PRO A 54 6.71 6.94 4.29
CA PRO A 54 5.84 7.17 3.12
C PRO A 54 4.60 7.98 3.49
N PRO A 55 3.89 8.45 2.45
CA PRO A 55 2.67 9.24 2.63
C PRO A 55 1.51 8.41 3.17
N LYS A 56 0.45 9.09 3.61
CA LYS A 56 -0.72 8.41 4.15
C LYS A 56 -1.88 8.47 3.17
N PHE A 57 -2.92 7.67 3.43
CA PHE A 57 -4.09 7.63 2.57
C PHE A 57 -5.35 7.38 3.38
N TYR A 58 -6.41 8.11 3.06
CA TYR A 58 -7.68 7.97 3.75
C TYR A 58 -8.55 6.89 3.12
N VAL A 59 -8.85 5.86 3.90
CA VAL A 59 -9.68 4.75 3.41
C VAL A 59 -11.14 4.96 3.77
N HIS A 60 -12.03 4.40 2.95
CA HIS A 60 -13.46 4.52 3.18
C HIS A 60 -14.17 3.18 2.98
N TYR A 61 -15.34 3.03 3.58
CA TYR A 61 -16.11 1.79 3.48
C TYR A 61 -17.21 1.93 2.43
N VAL A 62 -17.98 0.86 2.27
CA VAL A 62 -19.08 0.85 1.30
C VAL A 62 -20.38 0.40 1.95
N ASN A 63 -20.29 -0.59 2.83
CA ASN A 63 -21.46 -1.11 3.52
C ASN A 63 -21.20 -1.24 5.02
N TYR A 64 -20.34 -2.19 5.39
CA TYR A 64 -20.01 -2.42 6.79
C TYR A 64 -18.58 -1.95 7.09
N ASN A 65 -18.21 -2.02 8.36
CA ASN A 65 -16.88 -1.61 8.79
C ASN A 65 -16.66 -0.12 8.53
N LYS A 66 -17.49 0.71 9.15
CA LYS A 66 -17.39 2.15 9.00
C LYS A 66 -16.22 2.71 9.81
N ARG A 67 -15.89 2.03 10.90
CA ARG A 67 -14.80 2.46 11.76
C ARG A 67 -13.47 2.37 11.03
N LEU A 68 -13.42 1.53 10.00
CA LEU A 68 -12.20 1.37 9.20
C LEU A 68 -11.92 2.59 8.36
N ASP A 69 -12.89 3.50 8.31
CA ASP A 69 -12.74 4.74 7.54
C ASP A 69 -11.81 5.71 8.25
N GLU A 70 -10.51 5.42 8.21
CA GLU A 70 -9.51 6.27 8.84
C GLU A 70 -8.26 6.40 7.98
N TRP A 71 -7.21 6.98 8.54
CA TRP A 71 -5.96 7.17 7.82
C TRP A 71 -5.09 5.92 7.90
N ILE A 72 -4.39 5.62 6.81
CA ILE A 72 -3.51 4.46 6.77
C ILE A 72 -2.33 4.69 5.84
N THR A 73 -1.51 3.66 5.66
CA THR A 73 -0.34 3.75 4.80
C THR A 73 -0.37 2.68 3.72
N THR A 74 0.51 2.80 2.74
CA THR A 74 0.59 1.84 1.65
C THR A 74 0.78 0.42 2.17
N ASP A 75 1.41 0.30 3.33
CA ASP A 75 1.65 -1.00 3.95
C ASP A 75 0.34 -1.76 4.14
N ARG A 76 -0.75 -1.03 4.26
CA ARG A 76 -2.06 -1.62 4.45
C ARG A 76 -2.81 -1.74 3.13
N ILE A 77 -2.32 -1.03 2.12
CA ILE A 77 -2.94 -1.05 0.80
C ILE A 77 -2.19 -1.98 -0.15
N ASN A 78 -2.92 -2.66 -1.01
CA ASN A 78 -2.33 -3.59 -1.97
C ASN A 78 -1.66 -2.83 -3.11
N LEU A 79 -0.51 -2.23 -2.82
CA LEU A 79 0.24 -1.48 -3.82
C LEU A 79 1.50 -2.22 -4.24
N ASP A 80 1.31 -3.25 -5.06
CA ASP A 80 2.43 -4.05 -5.55
C ASP A 80 2.32 -4.31 -7.05
N LYS A 81 1.72 -3.36 -7.76
CA LYS A 81 1.53 -3.49 -9.20
C LYS A 81 2.87 -3.72 -9.90
N GLU A 82 2.81 -4.15 -11.16
CA GLU A 82 4.02 -4.40 -11.93
C GLU A 82 4.88 -3.15 -12.02
N VAL A 83 6.17 -3.34 -12.28
CA VAL A 83 7.11 -2.22 -12.39
C VAL A 83 8.15 -2.48 -13.47
N LEU A 84 8.65 -1.42 -14.07
CA LEU A 84 9.67 -1.53 -15.12
C LEU A 84 11.06 -1.30 -14.56
N TYR A 85 11.70 -2.38 -14.14
CA TYR A 85 13.05 -2.30 -13.58
C TYR A 85 14.07 -2.92 -14.52
N PRO A 86 14.56 -2.12 -15.48
CA PRO A 86 15.55 -2.57 -16.46
C PRO A 86 16.91 -2.82 -15.84
N LYS A 87 17.35 -4.08 -15.86
CA LYS A 87 18.65 -4.45 -15.31
C LYS A 87 19.54 -5.09 -16.36
N LEU A 88 20.83 -4.80 -16.29
CA LEU A 88 21.79 -5.34 -17.25
C LEU A 88 22.62 -6.45 -16.62
N LYS A 89 23.45 -7.11 -17.43
CA LYS A 89 24.30 -8.19 -16.94
C LYS A 89 25.31 -7.67 -15.92
N ALA A 90 24.95 -7.76 -14.65
CA ALA A 90 25.82 -7.31 -13.57
C ALA A 90 27.10 -8.15 -13.51
N THR A 91 28.23 -7.47 -13.40
CA THR A 91 29.52 -8.15 -13.33
C THR A 91 30.10 -8.09 -11.93
N ASP A 92 30.90 -9.10 -11.59
CA ASP A 92 31.52 -9.15 -10.27
C ASP A 92 33.05 -9.25 -10.39
N GLU A 93 33.74 -8.73 -9.38
CA GLU A 93 35.20 -8.76 -9.37
C GLU A 93 35.72 -10.20 -9.33
N ASP A 94 36.70 -10.49 -10.18
CA ASP A 94 37.29 -11.82 -10.24
C ASP A 94 38.81 -11.75 -10.33
N MET A 1 34.91 -28.96 -10.54
CA MET A 1 33.81 -28.78 -9.61
C MET A 1 33.73 -27.34 -9.13
N GLY A 2 32.70 -26.63 -9.58
CA GLY A 2 32.52 -25.24 -9.19
C GLY A 2 31.35 -25.05 -8.24
N SER A 3 31.27 -23.86 -7.66
CA SER A 3 30.20 -23.55 -6.71
C SER A 3 29.77 -22.09 -6.82
N SER A 4 28.69 -21.74 -6.14
CA SER A 4 28.18 -20.38 -6.17
C SER A 4 27.82 -19.89 -4.77
N HIS A 5 28.24 -18.68 -4.43
CA HIS A 5 27.96 -18.11 -3.12
C HIS A 5 26.59 -17.44 -3.10
N HIS A 6 25.96 -17.41 -1.93
CA HIS A 6 24.65 -16.79 -1.77
C HIS A 6 24.73 -15.54 -0.91
N HIS A 7 23.83 -14.59 -1.16
CA HIS A 7 23.81 -13.34 -0.40
C HIS A 7 22.39 -13.02 0.06
N HIS A 8 22.26 -11.97 0.86
CA HIS A 8 20.96 -11.55 1.38
C HIS A 8 20.92 -10.04 1.58
N HIS A 9 19.79 -9.44 1.23
CA HIS A 9 19.61 -7.99 1.38
C HIS A 9 18.73 -7.67 2.58
N HIS A 10 19.35 -7.21 3.66
CA HIS A 10 18.62 -6.86 4.87
C HIS A 10 18.94 -5.43 5.31
N SER A 11 18.33 -4.47 4.63
CA SER A 11 18.55 -3.06 4.94
C SER A 11 17.81 -2.67 6.21
N SER A 12 18.50 -1.95 7.10
CA SER A 12 17.91 -1.51 8.35
C SER A 12 17.48 -0.04 8.28
N GLY A 13 16.35 0.19 7.63
CA GLY A 13 15.85 1.55 7.48
C GLY A 13 14.56 1.77 8.25
N LEU A 14 13.70 2.63 7.73
CA LEU A 14 12.43 2.93 8.37
C LEU A 14 11.27 2.80 7.39
N VAL A 15 11.21 3.71 6.42
CA VAL A 15 10.15 3.68 5.42
C VAL A 15 10.24 2.42 4.56
N PRO A 16 9.09 2.03 3.99
CA PRO A 16 9.01 0.83 3.14
C PRO A 16 9.73 1.02 1.80
N ARG A 17 9.94 -0.09 1.10
CA ARG A 17 10.62 -0.05 -0.20
C ARG A 17 9.93 -0.97 -1.20
N GLY A 18 9.90 -0.53 -2.46
CA GLY A 18 9.26 -1.33 -3.49
C GLY A 18 10.01 -1.28 -4.81
N SER A 19 10.16 -0.08 -5.36
CA SER A 19 10.87 0.11 -6.62
C SER A 19 10.14 -0.61 -7.75
N HIS A 20 8.82 -0.72 -7.62
CA HIS A 20 8.00 -1.38 -8.64
C HIS A 20 6.78 -0.53 -8.98
N MET A 21 5.83 -0.45 -8.05
CA MET A 21 4.62 0.33 -8.26
C MET A 21 4.67 1.63 -7.47
N SER A 22 3.64 2.47 -7.66
CA SER A 22 3.58 3.74 -6.96
C SER A 22 2.15 4.04 -6.52
N VAL A 23 1.99 4.39 -5.25
CA VAL A 23 0.67 4.70 -4.69
C VAL A 23 0.31 6.16 -4.92
N ASP A 24 1.32 7.00 -5.04
CA ASP A 24 1.11 8.43 -5.27
C ASP A 24 0.52 8.68 -6.65
N ASP A 25 0.53 7.65 -7.48
CA ASP A 25 0.00 7.76 -8.84
C ASP A 25 -1.43 7.20 -8.91
N ILE A 26 -2.12 7.19 -7.77
CA ILE A 26 -3.48 6.68 -7.70
C ILE A 26 -4.49 7.82 -7.70
N ILE A 27 -5.62 7.62 -8.37
CA ILE A 27 -6.67 8.62 -8.44
C ILE A 27 -7.48 8.65 -7.16
N ILE A 28 -8.54 9.46 -7.15
CA ILE A 28 -9.41 9.57 -5.98
C ILE A 28 -10.69 8.78 -6.17
N LYS A 29 -11.26 8.31 -5.06
CA LYS A 29 -12.49 7.54 -5.10
C LYS A 29 -12.29 6.22 -5.84
N CYS A 30 -11.03 5.79 -5.93
CA CYS A 30 -10.69 4.55 -6.61
C CYS A 30 -10.86 3.35 -5.68
N GLN A 31 -11.03 2.18 -6.27
CA GLN A 31 -11.21 0.95 -5.49
C GLN A 31 -9.86 0.28 -5.22
N CYS A 32 -9.49 0.21 -3.94
CA CYS A 32 -8.23 -0.41 -3.55
C CYS A 32 -8.48 -1.61 -2.65
N TRP A 33 -7.88 -2.75 -3.01
CA TRP A 33 -8.04 -3.97 -2.24
C TRP A 33 -7.22 -3.91 -0.95
N VAL A 34 -7.88 -4.15 0.18
CA VAL A 34 -7.22 -4.12 1.47
C VAL A 34 -6.88 -5.53 1.95
N GLN A 35 -5.59 -5.84 2.03
CA GLN A 35 -5.14 -7.14 2.47
C GLN A 35 -4.93 -7.18 3.98
N LYS A 36 -5.87 -7.79 4.70
CA LYS A 36 -5.79 -7.88 6.15
C LYS A 36 -4.79 -8.96 6.56
N ASN A 37 -4.41 -8.94 7.85
CA ASN A 37 -3.47 -9.92 8.37
C ASN A 37 -3.89 -11.34 8.01
N ASP A 38 -5.16 -11.65 8.24
CA ASP A 38 -5.71 -12.97 7.95
C ASP A 38 -7.06 -12.86 7.24
N GLU A 39 -7.32 -11.70 6.65
CA GLU A 39 -8.58 -11.47 5.96
C GLU A 39 -8.35 -10.68 4.66
N GLU A 40 -9.40 -10.57 3.86
CA GLU A 40 -9.31 -9.84 2.60
C GLU A 40 -10.58 -9.03 2.35
N ARG A 41 -10.41 -7.72 2.20
CA ARG A 41 -11.55 -6.83 1.96
C ARG A 41 -11.21 -5.78 0.90
N LEU A 42 -12.16 -4.92 0.60
CA LEU A 42 -11.97 -3.87 -0.39
C LEU A 42 -12.50 -2.54 0.11
N ALA A 43 -11.77 -1.47 -0.17
CA ALA A 43 -12.17 -0.13 0.24
C ALA A 43 -11.89 0.90 -0.85
N GLU A 44 -12.48 2.08 -0.72
CA GLU A 44 -12.29 3.15 -1.69
C GLU A 44 -11.27 4.16 -1.20
N ILE A 45 -10.77 4.99 -2.10
CA ILE A 45 -9.79 6.00 -1.76
C ILE A 45 -10.44 7.38 -1.59
N LEU A 46 -10.02 8.09 -0.56
CA LEU A 46 -10.58 9.42 -0.28
C LEU A 46 -9.55 10.51 -0.60
N SER A 47 -8.51 10.61 0.23
CA SER A 47 -7.47 11.60 0.04
C SER A 47 -6.10 11.02 0.36
N ILE A 48 -5.06 11.79 0.06
CA ILE A 48 -3.69 11.35 0.32
C ILE A 48 -2.91 12.42 1.07
N ASN A 49 -2.01 11.98 1.94
CA ASN A 49 -1.19 12.89 2.74
C ASN A 49 0.25 12.90 2.24
N THR A 50 0.93 14.03 2.43
CA THR A 50 2.31 14.16 2.01
C THR A 50 3.15 14.89 3.05
N ARG A 51 2.76 14.74 4.32
CA ARG A 51 3.47 15.39 5.41
C ARG A 51 4.76 14.64 5.75
N LYS A 52 4.65 13.34 5.93
CA LYS A 52 5.80 12.51 6.25
C LYS A 52 5.77 11.20 5.46
N ALA A 53 6.93 10.59 5.29
CA ALA A 53 7.03 9.32 4.56
C ALA A 53 7.11 8.14 5.52
N PRO A 54 6.51 7.01 5.12
CA PRO A 54 5.82 6.91 3.84
C PRO A 54 4.52 7.71 3.81
N PRO A 55 3.96 7.88 2.59
CA PRO A 55 2.72 8.65 2.41
C PRO A 55 1.51 7.92 2.99
N LYS A 56 0.53 8.69 3.44
CA LYS A 56 -0.69 8.13 4.03
C LYS A 56 -1.84 8.18 3.03
N PHE A 57 -2.82 7.30 3.22
CA PHE A 57 -3.97 7.24 2.33
C PHE A 57 -5.24 6.91 3.11
N TYR A 58 -6.26 7.73 2.93
CA TYR A 58 -7.54 7.52 3.62
C TYR A 58 -8.42 6.54 2.86
N VAL A 59 -8.78 5.44 3.53
CA VAL A 59 -9.62 4.43 2.92
C VAL A 59 -11.00 4.39 3.57
N HIS A 60 -12.02 4.10 2.76
CA HIS A 60 -13.39 4.04 3.26
C HIS A 60 -14.01 2.68 2.96
N TYR A 61 -14.89 2.22 3.86
CA TYR A 61 -15.55 0.94 3.70
C TYR A 61 -16.95 1.12 3.12
N VAL A 62 -17.32 0.26 2.17
CA VAL A 62 -18.63 0.32 1.54
C VAL A 62 -19.74 0.09 2.56
N ASN A 63 -19.37 -0.47 3.71
CA ASN A 63 -20.33 -0.73 4.77
C ASN A 63 -21.15 0.51 5.10
N TYR A 64 -22.37 0.32 5.60
CA TYR A 64 -23.24 1.42 5.95
C TYR A 64 -22.52 2.42 6.86
N ASN A 65 -21.90 1.91 7.91
CA ASN A 65 -21.18 2.75 8.86
C ASN A 65 -20.19 3.66 8.13
N LYS A 66 -20.43 4.96 8.22
CA LYS A 66 -19.57 5.95 7.58
C LYS A 66 -18.34 6.25 8.44
N ARG A 67 -18.52 6.17 9.75
CA ARG A 67 -17.44 6.44 10.70
C ARG A 67 -16.27 5.49 10.46
N LEU A 68 -16.55 4.35 9.84
CA LEU A 68 -15.53 3.35 9.55
C LEU A 68 -14.39 3.97 8.73
N ASP A 69 -14.70 5.03 8.00
CA ASP A 69 -13.71 5.70 7.18
C ASP A 69 -12.47 6.06 8.00
N GLU A 70 -11.38 5.34 7.73
CA GLU A 70 -10.13 5.58 8.44
C GLU A 70 -8.98 5.78 7.47
N TRP A 71 -7.77 5.91 8.01
CA TRP A 71 -6.58 6.11 7.18
C TRP A 71 -5.49 5.09 7.53
N ILE A 72 -4.71 4.70 6.54
CA ILE A 72 -3.63 3.74 6.73
C ILE A 72 -2.43 4.07 5.86
N THR A 73 -1.39 3.25 5.96
CA THR A 73 -0.17 3.46 5.18
C THR A 73 -0.14 2.51 3.99
N THR A 74 1.01 2.49 3.30
CA THR A 74 1.18 1.64 2.12
C THR A 74 1.48 0.20 2.55
N ASP A 75 2.01 0.04 3.75
CA ASP A 75 2.34 -1.29 4.26
C ASP A 75 1.09 -2.17 4.35
N ARG A 76 -0.07 -1.52 4.47
CA ARG A 76 -1.34 -2.25 4.57
C ARG A 76 -2.12 -2.15 3.26
N ILE A 77 -1.71 -1.22 2.40
CA ILE A 77 -2.38 -1.03 1.12
C ILE A 77 -1.60 -1.70 -0.01
N ASN A 78 -2.33 -2.32 -0.93
CA ASN A 78 -1.71 -3.00 -2.06
C ASN A 78 -2.34 -2.55 -3.38
N LEU A 79 -1.50 -2.38 -4.40
CA LEU A 79 -1.99 -1.95 -5.71
C LEU A 79 -3.02 -2.93 -6.26
N ASP A 80 -3.54 -2.64 -7.44
CA ASP A 80 -4.53 -3.49 -8.08
C ASP A 80 -4.02 -4.03 -9.41
N LYS A 81 -3.20 -3.23 -10.08
CA LYS A 81 -2.63 -3.63 -11.37
C LYS A 81 -1.97 -5.00 -11.27
N GLU A 82 -1.75 -5.63 -12.42
CA GLU A 82 -1.13 -6.95 -12.47
C GLU A 82 0.33 -6.87 -12.02
N VAL A 83 0.74 -7.84 -11.21
CA VAL A 83 2.11 -7.89 -10.71
C VAL A 83 2.65 -9.31 -10.72
N LEU A 84 3.98 -9.44 -10.72
CA LEU A 84 4.62 -10.75 -10.74
C LEU A 84 5.04 -11.15 -9.34
N TYR A 85 4.17 -11.88 -8.65
CA TYR A 85 4.44 -12.34 -7.30
C TYR A 85 4.66 -13.85 -7.27
N PRO A 86 5.90 -14.28 -7.53
CA PRO A 86 6.27 -15.70 -7.53
C PRO A 86 6.25 -16.31 -6.14
N LYS A 87 5.06 -16.68 -5.68
CA LYS A 87 4.90 -17.27 -4.36
C LYS A 87 5.86 -18.45 -4.18
N LEU A 88 5.97 -18.92 -2.95
CA LEU A 88 6.86 -20.05 -2.64
C LEU A 88 6.07 -21.22 -2.05
N LYS A 89 6.69 -22.39 -2.03
CA LYS A 89 6.05 -23.58 -1.49
C LYS A 89 6.43 -23.78 -0.02
N ALA A 90 5.72 -23.10 0.87
CA ALA A 90 5.97 -23.21 2.30
C ALA A 90 4.68 -23.35 3.08
N THR A 91 4.69 -24.22 4.09
CA THR A 91 3.52 -24.46 4.92
C THR A 91 3.50 -23.53 6.13
N ASP A 92 2.33 -22.94 6.40
CA ASP A 92 2.19 -22.04 7.54
C ASP A 92 0.94 -22.39 8.35
N GLU A 93 0.99 -23.54 9.02
CA GLU A 93 -0.14 -23.98 9.83
C GLU A 93 0.35 -24.71 11.08
N ASP A 94 -0.51 -24.76 12.10
CA ASP A 94 -0.16 -25.41 13.35
C ASP A 94 -0.98 -26.69 13.53
N MET A 1 22.99 42.05 6.12
CA MET A 1 22.48 41.62 4.82
C MET A 1 23.00 40.23 4.46
N GLY A 2 22.23 39.21 4.80
CA GLY A 2 22.65 37.85 4.51
C GLY A 2 21.49 36.99 4.01
N SER A 3 21.61 35.68 4.21
CA SER A 3 20.57 34.75 3.78
C SER A 3 20.75 33.38 4.44
N SER A 4 19.71 32.57 4.37
CA SER A 4 19.75 31.23 4.97
C SER A 4 18.95 30.25 4.14
N HIS A 5 19.30 28.97 4.24
CA HIS A 5 18.62 27.91 3.50
C HIS A 5 18.63 26.60 4.27
N HIS A 6 18.11 25.56 3.65
CA HIS A 6 18.05 24.24 4.30
C HIS A 6 18.99 23.25 3.59
N HIS A 7 19.96 22.73 4.32
CA HIS A 7 20.91 21.78 3.77
C HIS A 7 21.10 20.59 4.72
N HIS A 8 21.23 19.40 4.14
CA HIS A 8 21.42 18.19 4.94
C HIS A 8 20.33 18.05 5.98
N HIS A 9 19.08 18.29 5.56
CA HIS A 9 17.95 18.19 6.47
C HIS A 9 17.63 16.73 6.78
N HIS A 10 16.75 16.52 7.75
CA HIS A 10 16.35 15.17 8.15
C HIS A 10 14.93 15.14 8.68
N SER A 11 14.24 14.02 8.48
CA SER A 11 12.86 13.87 8.93
C SER A 11 12.71 12.62 9.78
N SER A 12 12.31 12.81 11.04
CA SER A 12 12.12 11.69 11.96
C SER A 12 11.16 10.66 11.37
N GLY A 13 11.40 9.39 11.70
CA GLY A 13 10.55 8.33 11.19
C GLY A 13 11.26 7.46 10.17
N LEU A 14 10.84 6.21 10.05
CA LEU A 14 11.43 5.28 9.11
C LEU A 14 10.40 4.79 8.09
N VAL A 15 10.87 4.16 7.03
CA VAL A 15 9.99 3.64 5.99
C VAL A 15 10.07 2.13 5.90
N PRO A 16 9.00 1.51 5.37
CA PRO A 16 8.93 0.05 5.22
C PRO A 16 9.88 -0.47 4.15
N ARG A 17 10.81 -1.32 4.56
CA ARG A 17 11.79 -1.90 3.64
C ARG A 17 11.36 -3.29 3.19
N GLY A 18 10.89 -3.40 1.95
CA GLY A 18 10.46 -4.68 1.42
C GLY A 18 9.90 -4.57 0.02
N SER A 19 8.58 -4.64 -0.10
CA SER A 19 7.92 -4.56 -1.39
C SER A 19 8.18 -3.20 -2.05
N HIS A 20 7.97 -3.13 -3.36
CA HIS A 20 8.18 -1.89 -4.10
C HIS A 20 6.85 -1.38 -4.66
N MET A 21 6.10 -0.67 -3.83
CA MET A 21 4.82 -0.11 -4.25
C MET A 21 4.94 1.38 -4.54
N SER A 22 3.99 1.91 -5.31
CA SER A 22 3.99 3.32 -5.66
C SER A 22 2.58 3.90 -5.63
N VAL A 23 2.45 5.12 -5.14
CA VAL A 23 1.15 5.78 -5.06
C VAL A 23 0.77 6.41 -6.39
N ASP A 24 1.69 6.36 -7.35
CA ASP A 24 1.45 6.92 -8.68
C ASP A 24 0.23 6.26 -9.32
N ASP A 25 -0.12 5.07 -8.87
CA ASP A 25 -1.26 4.34 -9.40
C ASP A 25 -2.48 4.49 -8.49
N ILE A 26 -2.49 5.56 -7.71
CA ILE A 26 -3.60 5.82 -6.79
C ILE A 26 -4.13 7.24 -6.96
N ILE A 27 -5.44 7.36 -7.13
CA ILE A 27 -6.07 8.65 -7.30
C ILE A 27 -7.21 8.84 -6.31
N ILE A 28 -7.94 9.95 -6.47
CA ILE A 28 -9.07 10.25 -5.58
C ILE A 28 -10.32 9.49 -6.02
N LYS A 29 -11.11 9.05 -5.04
CA LYS A 29 -12.34 8.32 -5.33
C LYS A 29 -12.03 6.99 -6.02
N CYS A 30 -10.83 6.48 -5.81
CA CYS A 30 -10.42 5.21 -6.41
C CYS A 30 -10.69 4.05 -5.48
N GLN A 31 -10.85 2.86 -6.06
CA GLN A 31 -11.12 1.66 -5.27
C GLN A 31 -9.83 0.96 -4.90
N CYS A 32 -9.62 0.78 -3.59
CA CYS A 32 -8.42 0.12 -3.09
C CYS A 32 -8.76 -1.17 -2.36
N TRP A 33 -8.10 -2.25 -2.74
CA TRP A 33 -8.33 -3.55 -2.13
C TRP A 33 -7.35 -3.81 -0.98
N VAL A 34 -7.89 -4.13 0.19
CA VAL A 34 -7.06 -4.39 1.36
C VAL A 34 -6.90 -5.89 1.60
N GLN A 35 -5.69 -6.39 1.40
CA GLN A 35 -5.42 -7.81 1.59
C GLN A 35 -4.88 -8.08 2.99
N LYS A 36 -5.74 -8.62 3.86
CA LYS A 36 -5.35 -8.92 5.23
C LYS A 36 -4.53 -10.22 5.29
N ASN A 37 -3.87 -10.43 6.42
CA ASN A 37 -3.04 -11.62 6.60
C ASN A 37 -3.84 -12.89 6.27
N ASP A 38 -5.04 -12.98 6.83
CA ASP A 38 -5.89 -14.14 6.59
C ASP A 38 -7.33 -13.70 6.29
N GLU A 39 -7.49 -12.45 5.86
CA GLU A 39 -8.79 -11.91 5.54
C GLU A 39 -8.73 -11.02 4.29
N GLU A 40 -9.90 -10.61 3.81
CA GLU A 40 -9.98 -9.77 2.62
C GLU A 40 -11.02 -8.68 2.79
N ARG A 41 -10.64 -7.44 2.54
CA ARG A 41 -11.54 -6.31 2.68
C ARG A 41 -11.38 -5.34 1.50
N LEU A 42 -12.42 -4.55 1.25
CA LEU A 42 -12.39 -3.58 0.16
C LEU A 42 -12.79 -2.19 0.64
N ALA A 43 -12.00 -1.20 0.26
CA ALA A 43 -12.28 0.19 0.66
C ALA A 43 -11.99 1.15 -0.49
N GLU A 44 -12.32 2.43 -0.27
CA GLU A 44 -12.10 3.45 -1.29
C GLU A 44 -11.19 4.55 -0.77
N ILE A 45 -10.56 5.27 -1.68
CA ILE A 45 -9.66 6.37 -1.32
C ILE A 45 -10.34 7.71 -1.44
N LEU A 46 -10.32 8.48 -0.36
CA LEU A 46 -10.94 9.81 -0.34
C LEU A 46 -9.89 10.90 -0.53
N SER A 47 -9.03 11.07 0.46
CA SER A 47 -7.98 12.09 0.40
C SER A 47 -6.60 11.45 0.54
N ILE A 48 -5.59 12.11 -0.02
CA ILE A 48 -4.22 11.61 0.06
C ILE A 48 -3.28 12.68 0.60
N ASN A 49 -2.57 12.34 1.67
CA ASN A 49 -1.63 13.26 2.29
C ASN A 49 -0.19 12.91 1.93
N THR A 50 0.58 13.91 1.53
CA THR A 50 1.98 13.71 1.15
C THR A 50 2.92 14.49 2.06
N ARG A 51 2.60 14.53 3.35
CA ARG A 51 3.41 15.24 4.32
C ARG A 51 4.34 14.29 5.06
N LYS A 52 3.88 13.06 5.26
CA LYS A 52 4.68 12.05 5.96
C LYS A 52 5.36 11.12 4.96
N ALA A 53 6.26 10.27 5.47
CA ALA A 53 6.99 9.34 4.62
C ALA A 53 7.10 7.97 5.30
N PRO A 54 6.41 6.97 4.73
CA PRO A 54 5.58 7.15 3.54
C PRO A 54 4.34 7.99 3.82
N PRO A 55 3.65 8.43 2.75
CA PRO A 55 2.44 9.24 2.86
C PRO A 55 1.26 8.44 3.40
N LYS A 56 0.22 9.15 3.84
CA LYS A 56 -0.97 8.51 4.40
C LYS A 56 -2.14 8.63 3.42
N PHE A 57 -3.07 7.69 3.51
CA PHE A 57 -4.25 7.68 2.65
C PHE A 57 -5.52 7.43 3.45
N TYR A 58 -6.52 8.27 3.24
CA TYR A 58 -7.79 8.14 3.94
C TYR A 58 -8.70 7.13 3.25
N VAL A 59 -8.93 6.01 3.93
CA VAL A 59 -9.79 4.96 3.38
C VAL A 59 -11.24 5.16 3.79
N HIS A 60 -12.16 4.69 2.96
CA HIS A 60 -13.58 4.82 3.24
C HIS A 60 -14.32 3.50 2.98
N TYR A 61 -15.50 3.36 3.55
CA TYR A 61 -16.30 2.15 3.38
C TYR A 61 -17.38 2.36 2.34
N VAL A 62 -18.23 1.34 2.17
CA VAL A 62 -19.32 1.42 1.21
C VAL A 62 -20.64 0.98 1.83
N ASN A 63 -20.59 -0.06 2.65
CA ASN A 63 -21.77 -0.58 3.31
C ASN A 63 -22.03 0.15 4.62
N TYR A 64 -21.22 -0.16 5.63
CA TYR A 64 -21.36 0.47 6.94
C TYR A 64 -20.22 0.05 7.87
N ASN A 65 -19.34 1.00 8.19
CA ASN A 65 -18.21 0.73 9.07
C ASN A 65 -17.59 2.03 9.56
N LYS A 66 -17.38 2.13 10.87
CA LYS A 66 -16.79 3.32 11.48
C LYS A 66 -15.29 3.15 11.64
N ARG A 67 -14.83 1.91 11.73
CA ARG A 67 -13.42 1.61 11.89
C ARG A 67 -12.71 1.60 10.53
N LEU A 68 -13.47 1.31 9.49
CA LEU A 68 -12.92 1.27 8.13
C LEU A 68 -12.60 2.67 7.63
N ASP A 69 -13.44 3.64 7.99
CA ASP A 69 -13.23 5.02 7.58
C ASP A 69 -12.16 5.69 8.44
N GLU A 70 -10.90 5.32 8.19
CA GLU A 70 -9.79 5.88 8.94
C GLU A 70 -8.60 6.16 8.02
N TRP A 71 -7.48 6.56 8.61
CA TRP A 71 -6.28 6.85 7.84
C TRP A 71 -5.27 5.72 7.97
N ILE A 72 -4.71 5.30 6.84
CA ILE A 72 -3.74 4.22 6.82
C ILE A 72 -2.64 4.48 5.78
N THR A 73 -1.53 3.76 5.91
CA THR A 73 -0.42 3.92 4.98
C THR A 73 -0.41 2.82 3.92
N THR A 74 0.47 2.96 2.93
CA THR A 74 0.56 1.98 1.86
C THR A 74 0.84 0.59 2.41
N ASP A 75 1.46 0.53 3.59
CA ASP A 75 1.79 -0.74 4.22
C ASP A 75 0.54 -1.61 4.37
N ARG A 76 -0.62 -0.96 4.45
CA ARG A 76 -1.88 -1.68 4.60
C ARG A 76 -2.63 -1.75 3.26
N ILE A 77 -2.27 -0.86 2.35
CA ILE A 77 -2.90 -0.81 1.03
C ILE A 77 -2.04 -1.50 -0.01
N ASN A 78 -2.56 -2.57 -0.59
CA ASN A 78 -1.83 -3.32 -1.62
C ASN A 78 -1.94 -2.63 -2.97
N LEU A 79 -0.79 -2.26 -3.53
CA LEU A 79 -0.76 -1.59 -4.83
C LEU A 79 -0.89 -2.60 -5.96
N ASP A 80 0.17 -3.35 -6.22
CA ASP A 80 0.17 -4.35 -7.28
C ASP A 80 0.82 -5.65 -6.79
N LYS A 81 2.12 -5.59 -6.53
CA LYS A 81 2.86 -6.76 -6.07
C LYS A 81 2.30 -7.26 -4.75
N GLU A 82 2.93 -8.30 -4.21
CA GLU A 82 2.50 -8.88 -2.94
C GLU A 82 3.25 -8.26 -1.77
N VAL A 83 2.50 -7.74 -0.79
CA VAL A 83 3.08 -7.12 0.38
C VAL A 83 3.29 -8.14 1.50
N LEU A 84 4.54 -8.31 1.92
CA LEU A 84 4.88 -9.25 2.97
C LEU A 84 5.82 -8.62 3.99
N TYR A 85 5.24 -7.99 5.01
CA TYR A 85 6.03 -7.33 6.05
C TYR A 85 5.83 -8.03 7.39
N PRO A 86 6.62 -9.09 7.64
CA PRO A 86 6.55 -9.85 8.89
C PRO A 86 7.07 -9.06 10.08
N LYS A 87 6.20 -8.25 10.67
CA LYS A 87 6.57 -7.45 11.83
C LYS A 87 5.55 -7.60 12.96
N LEU A 88 6.02 -7.51 14.19
CA LEU A 88 5.15 -7.63 15.35
C LEU A 88 5.32 -6.45 16.29
N LYS A 89 4.40 -6.31 17.24
CA LYS A 89 4.43 -5.22 18.21
C LYS A 89 3.74 -5.62 19.50
N ALA A 90 4.48 -5.53 20.61
CA ALA A 90 3.93 -5.88 21.92
C ALA A 90 2.87 -4.88 22.35
N THR A 91 1.64 -5.34 22.51
CA THR A 91 0.53 -4.49 22.92
C THR A 91 0.56 -4.25 24.42
N ASP A 92 0.34 -3.00 24.83
CA ASP A 92 0.34 -2.65 26.25
C ASP A 92 -1.03 -2.11 26.65
N GLU A 93 -2.09 -2.70 26.12
CA GLU A 93 -3.44 -2.28 26.43
C GLU A 93 -4.25 -3.43 27.03
N ASP A 94 -5.50 -3.15 27.40
CA ASP A 94 -6.37 -4.15 27.98
C ASP A 94 -7.54 -4.46 27.07
N MET A 1 2.11 -34.14 -9.45
CA MET A 1 1.97 -33.10 -10.46
C MET A 1 3.07 -32.05 -10.33
N GLY A 2 3.00 -31.02 -11.16
CA GLY A 2 4.01 -29.98 -11.12
C GLY A 2 3.41 -28.58 -11.07
N SER A 3 4.17 -27.63 -10.57
CA SER A 3 3.71 -26.25 -10.46
C SER A 3 4.78 -25.27 -10.91
N SER A 4 4.36 -24.14 -11.47
CA SER A 4 5.28 -23.13 -11.95
C SER A 4 5.95 -22.42 -10.78
N HIS A 5 6.82 -21.46 -11.09
CA HIS A 5 7.52 -20.70 -10.06
C HIS A 5 6.78 -19.42 -9.72
N HIS A 6 7.00 -18.91 -8.51
CA HIS A 6 6.35 -17.70 -8.06
C HIS A 6 7.32 -16.80 -7.30
N HIS A 7 6.83 -15.67 -6.81
CA HIS A 7 7.66 -14.73 -6.06
C HIS A 7 6.82 -13.94 -5.06
N HIS A 8 7.49 -13.36 -4.06
CA HIS A 8 6.80 -12.59 -3.04
C HIS A 8 7.80 -11.82 -2.18
N HIS A 9 7.33 -10.77 -1.52
CA HIS A 9 8.18 -9.95 -0.67
C HIS A 9 7.42 -9.47 0.56
N HIS A 10 8.12 -8.78 1.45
CA HIS A 10 7.51 -8.26 2.67
C HIS A 10 8.44 -7.27 3.37
N SER A 11 7.85 -6.29 4.06
CA SER A 11 8.62 -5.28 4.75
C SER A 11 8.09 -5.07 6.17
N SER A 12 8.94 -4.54 7.04
CA SER A 12 8.56 -4.30 8.43
C SER A 12 9.47 -3.25 9.06
N GLY A 13 8.86 -2.29 9.76
CA GLY A 13 9.63 -1.24 10.40
C GLY A 13 8.94 0.10 10.34
N LEU A 14 9.65 1.11 9.84
CA LEU A 14 9.10 2.45 9.72
C LEU A 14 8.83 2.81 8.26
N VAL A 15 9.90 2.94 7.49
CA VAL A 15 9.78 3.27 6.07
C VAL A 15 10.04 2.06 5.20
N PRO A 16 9.17 1.84 4.20
CA PRO A 16 9.29 0.70 3.28
C PRO A 16 10.47 0.86 2.33
N ARG A 17 10.93 -0.26 1.78
CA ARG A 17 12.06 -0.25 0.86
C ARG A 17 11.98 -1.43 -0.11
N GLY A 18 12.30 -1.17 -1.37
CA GLY A 18 12.26 -2.22 -2.38
C GLY A 18 10.88 -2.82 -2.54
N SER A 19 9.92 -1.99 -2.91
CA SER A 19 8.54 -2.45 -3.09
C SER A 19 8.19 -2.58 -4.57
N HIS A 20 6.92 -2.83 -4.86
CA HIS A 20 6.46 -2.98 -6.23
C HIS A 20 5.16 -2.23 -6.45
N MET A 21 5.02 -1.09 -5.78
CA MET A 21 3.81 -0.28 -5.90
C MET A 21 4.16 1.18 -6.22
N SER A 22 3.19 1.91 -6.75
CA SER A 22 3.40 3.31 -7.09
C SER A 22 2.17 4.15 -6.74
N VAL A 23 2.40 5.26 -6.05
CA VAL A 23 1.32 6.14 -5.65
C VAL A 23 0.91 7.06 -6.80
N ASP A 24 1.73 7.09 -7.84
CA ASP A 24 1.45 7.93 -9.01
C ASP A 24 0.28 7.38 -9.81
N ASP A 25 -0.14 6.17 -9.47
CA ASP A 25 -1.26 5.53 -10.15
C ASP A 25 -2.55 5.67 -9.35
N ILE A 26 -2.41 5.84 -8.04
CA ILE A 26 -3.56 5.99 -7.16
C ILE A 26 -4.08 7.43 -7.17
N ILE A 27 -5.40 7.58 -7.26
CA ILE A 27 -6.02 8.90 -7.28
C ILE A 27 -7.11 9.00 -6.23
N ILE A 28 -7.84 10.11 -6.25
CA ILE A 28 -8.93 10.34 -5.30
C ILE A 28 -10.22 9.68 -5.77
N LYS A 29 -11.03 9.23 -4.82
CA LYS A 29 -12.29 8.57 -5.14
C LYS A 29 -12.06 7.32 -5.98
N CYS A 30 -10.97 6.62 -5.70
CA CYS A 30 -10.62 5.40 -6.42
C CYS A 30 -10.82 4.17 -5.53
N GLN A 31 -10.86 3.00 -6.15
CA GLN A 31 -11.03 1.75 -5.41
C GLN A 31 -9.69 1.09 -5.13
N CYS A 32 -9.42 0.83 -3.86
CA CYS A 32 -8.17 0.20 -3.46
C CYS A 32 -8.43 -1.05 -2.63
N TRP A 33 -7.86 -2.17 -3.05
CA TRP A 33 -8.04 -3.44 -2.35
C TRP A 33 -7.24 -3.46 -1.05
N VAL A 34 -7.92 -3.78 0.05
CA VAL A 34 -7.28 -3.83 1.35
C VAL A 34 -6.94 -5.27 1.74
N GLN A 35 -5.64 -5.57 1.80
CA GLN A 35 -5.19 -6.90 2.15
C GLN A 35 -4.95 -7.02 3.65
N LYS A 36 -5.88 -7.66 4.35
CA LYS A 36 -5.78 -7.84 5.79
C LYS A 36 -4.80 -8.96 6.13
N ASN A 37 -4.39 -9.01 7.40
CA ASN A 37 -3.46 -10.04 7.85
C ASN A 37 -3.93 -11.43 7.44
N ASP A 38 -5.12 -11.80 7.89
CA ASP A 38 -5.69 -13.10 7.56
C ASP A 38 -7.05 -12.95 6.88
N GLU A 39 -7.30 -11.76 6.34
CA GLU A 39 -8.57 -11.48 5.66
C GLU A 39 -8.33 -10.64 4.41
N GLU A 40 -9.37 -10.49 3.60
CA GLU A 40 -9.29 -9.71 2.38
C GLU A 40 -10.56 -8.89 2.17
N ARG A 41 -10.40 -7.57 2.05
CA ARG A 41 -11.52 -6.68 1.84
C ARG A 41 -11.18 -5.58 0.84
N LEU A 42 -12.16 -4.74 0.51
CA LEU A 42 -11.95 -3.66 -0.43
C LEU A 42 -12.43 -2.33 0.16
N ALA A 43 -11.65 -1.27 -0.09
CA ALA A 43 -11.99 0.05 0.41
C ALA A 43 -11.70 1.12 -0.63
N GLU A 44 -12.37 2.26 -0.50
CA GLU A 44 -12.18 3.37 -1.44
C GLU A 44 -11.24 4.43 -0.85
N ILE A 45 -10.61 5.19 -1.73
CA ILE A 45 -9.69 6.24 -1.29
C ILE A 45 -10.36 7.61 -1.32
N LEU A 46 -10.32 8.30 -0.20
CA LEU A 46 -10.93 9.63 -0.09
C LEU A 46 -9.85 10.72 -0.13
N SER A 47 -9.06 10.80 0.93
CA SER A 47 -8.00 11.80 1.00
C SER A 47 -6.63 11.14 1.02
N ILE A 48 -5.59 11.92 0.76
CA ILE A 48 -4.23 11.41 0.74
C ILE A 48 -3.25 12.41 1.36
N ASN A 49 -2.36 11.91 2.20
CA ASN A 49 -1.38 12.76 2.87
C ASN A 49 -0.03 12.67 2.17
N THR A 50 0.63 13.82 2.02
CA THR A 50 1.93 13.87 1.37
C THR A 50 2.91 14.71 2.17
N ARG A 51 2.65 14.84 3.47
CA ARG A 51 3.52 15.61 4.35
C ARG A 51 4.71 14.78 4.82
N LYS A 52 4.42 13.66 5.46
CA LYS A 52 5.47 12.77 5.95
C LYS A 52 5.40 11.40 5.27
N ALA A 53 6.52 10.72 5.22
CA ALA A 53 6.59 9.40 4.60
C ALA A 53 6.77 8.31 5.66
N PRO A 54 6.36 7.08 5.31
CA PRO A 54 5.76 6.78 4.01
C PRO A 54 4.38 7.40 3.85
N PRO A 55 3.93 7.52 2.58
CA PRO A 55 2.62 8.10 2.27
C PRO A 55 1.46 7.19 2.69
N LYS A 56 0.33 7.80 3.04
CA LYS A 56 -0.84 7.05 3.46
C LYS A 56 -2.07 7.44 2.64
N PHE A 57 -3.17 6.75 2.88
CA PHE A 57 -4.42 7.03 2.15
C PHE A 57 -5.63 6.79 3.05
N TYR A 58 -6.66 7.60 2.88
CA TYR A 58 -7.87 7.49 3.67
C TYR A 58 -8.80 6.43 3.07
N VAL A 59 -9.07 5.38 3.85
CA VAL A 59 -9.95 4.30 3.40
C VAL A 59 -11.39 4.54 3.84
N HIS A 60 -12.32 4.30 2.94
CA HIS A 60 -13.74 4.50 3.24
C HIS A 60 -14.58 3.39 2.62
N TYR A 61 -15.69 3.06 3.26
CA TYR A 61 -16.59 2.02 2.76
C TYR A 61 -17.78 2.62 2.03
N VAL A 62 -18.00 2.17 0.80
CA VAL A 62 -19.10 2.66 -0.02
C VAL A 62 -20.42 2.58 0.75
N ASN A 63 -20.93 3.74 1.16
CA ASN A 63 -22.18 3.79 1.91
C ASN A 63 -22.12 2.92 3.15
N TYR A 64 -21.00 3.00 3.87
CA TYR A 64 -20.82 2.20 5.09
C TYR A 64 -19.63 2.71 5.89
N ASN A 65 -19.37 2.06 7.02
CA ASN A 65 -18.26 2.44 7.88
C ASN A 65 -18.38 3.89 8.32
N LYS A 66 -19.51 4.22 8.93
CA LYS A 66 -19.76 5.58 9.42
C LYS A 66 -18.64 6.04 10.35
N ARG A 67 -18.25 5.17 11.27
CA ARG A 67 -17.19 5.49 12.22
C ARG A 67 -15.90 4.74 11.87
N LEU A 68 -16.06 3.59 11.22
CA LEU A 68 -14.91 2.78 10.83
C LEU A 68 -14.04 3.53 9.81
N ASP A 69 -14.65 4.44 9.07
CA ASP A 69 -13.95 5.21 8.07
C ASP A 69 -12.70 5.86 8.67
N GLU A 70 -11.53 5.33 8.31
CA GLU A 70 -10.27 5.85 8.81
C GLU A 70 -9.21 5.88 7.71
N TRP A 71 -7.96 6.14 8.10
CA TRP A 71 -6.86 6.19 7.15
C TRP A 71 -5.77 5.20 7.54
N ILE A 72 -5.11 4.64 6.53
CA ILE A 72 -4.04 3.68 6.76
C ILE A 72 -2.84 3.97 5.87
N THR A 73 -1.72 3.29 6.15
CA THR A 73 -0.50 3.49 5.39
C THR A 73 -0.32 2.36 4.36
N THR A 74 0.84 2.36 3.71
CA THR A 74 1.14 1.34 2.71
C THR A 74 1.27 -0.04 3.34
N ASP A 75 1.60 -0.07 4.62
CA ASP A 75 1.76 -1.33 5.34
C ASP A 75 0.53 -2.20 5.17
N ARG A 76 -0.63 -1.57 5.02
CA ARG A 76 -1.89 -2.30 4.86
C ARG A 76 -2.37 -2.21 3.41
N ILE A 77 -1.90 -1.19 2.70
CA ILE A 77 -2.29 -1.00 1.30
C ILE A 77 -1.21 -1.51 0.36
N ASN A 78 -1.56 -2.51 -0.44
CA ASN A 78 -0.62 -3.09 -1.40
C ASN A 78 -1.22 -3.14 -2.80
N LEU A 79 -0.59 -2.44 -3.73
CA LEU A 79 -1.07 -2.40 -5.10
C LEU A 79 -0.89 -3.76 -5.78
N ASP A 80 -1.52 -3.93 -6.94
CA ASP A 80 -1.43 -5.18 -7.68
C ASP A 80 -0.99 -4.92 -9.13
N LYS A 81 -0.20 -3.87 -9.32
CA LYS A 81 0.29 -3.52 -10.64
C LYS A 81 1.80 -3.70 -10.73
N GLU A 82 2.36 -3.37 -11.89
CA GLU A 82 3.81 -3.49 -12.10
C GLU A 82 4.47 -2.12 -12.11
N VAL A 83 5.65 -2.04 -11.50
CA VAL A 83 6.39 -0.78 -11.44
C VAL A 83 7.71 -0.89 -12.20
N LEU A 84 8.19 0.25 -12.68
CA LEU A 84 9.45 0.29 -13.43
C LEU A 84 10.38 1.36 -12.87
N TYR A 85 11.32 0.94 -12.02
CA TYR A 85 12.26 1.86 -11.41
C TYR A 85 13.69 1.53 -11.83
N PRO A 86 14.10 2.06 -12.99
CA PRO A 86 15.45 1.84 -13.54
C PRO A 86 16.53 2.53 -12.71
N LYS A 87 17.70 1.92 -12.64
CA LYS A 87 18.82 2.49 -11.89
C LYS A 87 19.21 3.85 -12.44
N LEU A 88 18.86 4.89 -11.71
CA LEU A 88 19.18 6.27 -12.12
C LEU A 88 20.60 6.64 -11.71
N LYS A 89 21.04 7.82 -12.14
CA LYS A 89 22.38 8.30 -11.82
C LYS A 89 22.53 8.51 -10.33
N ALA A 90 23.74 8.25 -9.82
CA ALA A 90 24.01 8.41 -8.39
C ALA A 90 24.76 9.72 -8.13
N THR A 91 24.75 10.15 -6.87
CA THR A 91 25.41 11.39 -6.48
C THR A 91 26.78 11.11 -5.86
N ASP A 92 27.70 12.05 -6.01
CA ASP A 92 29.04 11.91 -5.45
C ASP A 92 29.01 12.00 -3.93
N GLU A 93 30.05 11.47 -3.29
CA GLU A 93 30.15 11.49 -1.83
C GLU A 93 31.05 12.63 -1.37
N ASP A 94 31.16 12.78 -0.06
CA ASP A 94 31.99 13.84 0.53
C ASP A 94 33.33 13.28 1.01
N MET A 1 30.54 -26.12 16.92
CA MET A 1 29.66 -25.50 15.93
C MET A 1 28.20 -25.85 16.21
N GLY A 2 27.31 -24.89 15.98
CA GLY A 2 25.90 -25.12 16.22
C GLY A 2 25.04 -24.65 15.07
N SER A 3 24.59 -23.40 15.14
CA SER A 3 23.74 -22.83 14.09
C SER A 3 23.82 -21.30 14.09
N SER A 4 23.04 -20.68 13.22
CA SER A 4 23.02 -19.22 13.13
C SER A 4 21.79 -18.74 12.35
N HIS A 5 21.13 -17.72 12.88
CA HIS A 5 19.94 -17.16 12.25
C HIS A 5 20.16 -15.71 11.87
N HIS A 6 19.43 -15.25 10.85
CA HIS A 6 19.55 -13.87 10.39
C HIS A 6 18.23 -13.13 10.57
N HIS A 7 17.84 -12.93 11.82
CA HIS A 7 16.59 -12.22 12.13
C HIS A 7 16.88 -10.80 12.60
N HIS A 8 16.39 -9.82 11.86
CA HIS A 8 16.59 -8.42 12.21
C HIS A 8 15.27 -7.77 12.61
N HIS A 9 15.36 -6.58 13.22
CA HIS A 9 14.18 -5.85 13.66
C HIS A 9 14.55 -4.47 14.17
N HIS A 10 13.73 -3.47 13.85
CA HIS A 10 13.97 -2.11 14.28
C HIS A 10 12.66 -1.34 14.43
N SER A 11 12.59 -0.49 15.45
CA SER A 11 11.39 0.29 15.71
C SER A 11 11.68 1.79 15.57
N SER A 12 11.50 2.31 14.36
CA SER A 12 11.75 3.72 14.11
C SER A 12 10.99 4.18 12.86
N GLY A 13 11.10 5.47 12.56
CA GLY A 13 10.42 6.01 11.40
C GLY A 13 11.17 5.76 10.11
N LEU A 14 11.16 4.52 9.65
CA LEU A 14 11.86 4.15 8.42
C LEU A 14 10.87 3.65 7.37
N VAL A 15 11.07 4.08 6.13
CA VAL A 15 10.21 3.67 5.02
C VAL A 15 10.50 2.24 4.59
N PRO A 16 9.44 1.44 4.41
CA PRO A 16 9.55 0.04 4.00
C PRO A 16 10.01 -0.10 2.55
N ARG A 17 10.06 -1.34 2.07
CA ARG A 17 10.48 -1.60 0.70
C ARG A 17 9.41 -2.37 -0.06
N GLY A 18 9.45 -2.27 -1.39
CA GLY A 18 8.47 -2.97 -2.21
C GLY A 18 8.97 -3.24 -3.61
N SER A 19 8.06 -3.21 -4.57
CA SER A 19 8.42 -3.45 -5.97
C SER A 19 8.64 -2.14 -6.72
N HIS A 20 9.11 -1.13 -6.00
CA HIS A 20 9.37 0.18 -6.59
C HIS A 20 8.07 0.81 -7.10
N MET A 21 7.09 0.93 -6.20
CA MET A 21 5.81 1.51 -6.55
C MET A 21 5.49 2.71 -5.66
N SER A 22 4.61 3.59 -6.14
CA SER A 22 4.23 4.77 -5.39
C SER A 22 2.74 5.06 -5.55
N VAL A 23 2.30 6.21 -5.05
CA VAL A 23 0.90 6.60 -5.14
C VAL A 23 0.59 7.22 -6.50
N ASP A 24 1.62 7.38 -7.32
CA ASP A 24 1.45 7.95 -8.65
C ASP A 24 0.45 7.15 -9.47
N ASP A 25 0.24 5.89 -9.08
CA ASP A 25 -0.70 5.02 -9.77
C ASP A 25 -2.03 4.96 -9.04
N ILE A 26 -2.30 5.98 -8.22
CA ILE A 26 -3.54 6.03 -7.46
C ILE A 26 -4.21 7.39 -7.61
N ILE A 27 -5.55 7.38 -7.66
CA ILE A 27 -6.31 8.61 -7.79
C ILE A 27 -7.30 8.77 -6.64
N ILE A 28 -8.14 9.79 -6.73
CA ILE A 28 -9.14 10.06 -5.71
C ILE A 28 -10.47 9.39 -6.05
N LYS A 29 -11.18 8.94 -5.02
CA LYS A 29 -12.47 8.29 -5.21
C LYS A 29 -12.31 7.00 -6.00
N CYS A 30 -11.19 6.32 -5.79
CA CYS A 30 -10.92 5.06 -6.49
C CYS A 30 -11.10 3.87 -5.54
N GLN A 31 -11.21 2.68 -6.13
CA GLN A 31 -11.38 1.46 -5.35
C GLN A 31 -10.04 0.83 -5.02
N CYS A 32 -9.77 0.67 -3.73
CA CYS A 32 -8.52 0.06 -3.28
C CYS A 32 -8.78 -1.16 -2.41
N TRP A 33 -8.11 -2.26 -2.73
CA TRP A 33 -8.27 -3.51 -1.99
C TRP A 33 -7.38 -3.51 -0.75
N VAL A 34 -7.94 -3.91 0.38
CA VAL A 34 -7.20 -3.97 1.63
C VAL A 34 -6.75 -5.39 1.94
N GLN A 35 -5.45 -5.62 1.90
CA GLN A 35 -4.88 -6.94 2.17
C GLN A 35 -4.62 -7.11 3.66
N LYS A 36 -5.52 -7.80 4.34
CA LYS A 36 -5.39 -8.05 5.77
C LYS A 36 -4.38 -9.17 6.03
N ASN A 37 -3.94 -9.27 7.29
CA ASN A 37 -2.98 -10.29 7.68
C ASN A 37 -3.44 -11.68 7.22
N ASP A 38 -4.69 -12.00 7.54
CA ASP A 38 -5.26 -13.30 7.17
C ASP A 38 -6.68 -13.13 6.63
N GLU A 39 -6.98 -11.93 6.14
CA GLU A 39 -8.31 -11.65 5.60
C GLU A 39 -8.21 -10.78 4.34
N GLU A 40 -9.35 -10.49 3.74
CA GLU A 40 -9.39 -9.68 2.54
C GLU A 40 -10.58 -8.72 2.56
N ARG A 41 -10.29 -7.42 2.53
CA ARG A 41 -11.33 -6.40 2.55
C ARG A 41 -11.18 -5.45 1.37
N LEU A 42 -12.19 -4.60 1.18
CA LEU A 42 -12.17 -3.63 0.09
C LEU A 42 -12.71 -2.28 0.54
N ALA A 43 -11.97 -1.22 0.25
CA ALA A 43 -12.38 0.12 0.63
C ALA A 43 -12.06 1.12 -0.48
N GLU A 44 -12.66 2.31 -0.38
CA GLU A 44 -12.43 3.35 -1.38
C GLU A 44 -11.43 4.38 -0.88
N ILE A 45 -10.82 5.11 -1.81
CA ILE A 45 -9.84 6.12 -1.47
C ILE A 45 -10.45 7.52 -1.49
N LEU A 46 -10.27 8.26 -0.41
CA LEU A 46 -10.80 9.61 -0.30
C LEU A 46 -9.70 10.65 -0.46
N SER A 47 -8.83 10.75 0.54
CA SER A 47 -7.72 11.69 0.51
C SER A 47 -6.39 10.99 0.70
N ILE A 48 -5.32 11.63 0.25
CA ILE A 48 -3.97 11.07 0.36
C ILE A 48 -3.01 12.06 0.98
N ASN A 49 -2.11 11.57 1.83
CA ASN A 49 -1.13 12.43 2.48
C ASN A 49 0.23 12.33 1.78
N THR A 50 0.93 13.46 1.71
CA THR A 50 2.23 13.50 1.07
C THR A 50 3.23 14.32 1.88
N ARG A 51 2.99 14.40 3.19
CA ARG A 51 3.86 15.15 4.07
C ARG A 51 5.04 14.31 4.54
N LYS A 52 4.74 13.20 5.21
CA LYS A 52 5.78 12.30 5.70
C LYS A 52 5.70 10.95 5.00
N ALA A 53 6.82 10.22 5.01
CA ALA A 53 6.88 8.90 4.37
C ALA A 53 7.02 7.80 5.42
N PRO A 54 6.49 6.61 5.08
CA PRO A 54 5.82 6.37 3.81
C PRO A 54 4.49 7.09 3.70
N PRO A 55 3.96 7.17 2.47
CA PRO A 55 2.68 7.84 2.21
C PRO A 55 1.49 7.06 2.78
N LYS A 56 0.44 7.79 3.16
CA LYS A 56 -0.75 7.17 3.72
C LYS A 56 -1.94 7.32 2.78
N PHE A 57 -3.03 6.65 3.10
CA PHE A 57 -4.24 6.71 2.27
C PHE A 57 -5.50 6.64 3.14
N TYR A 58 -6.49 7.43 2.77
CA TYR A 58 -7.74 7.47 3.52
C TYR A 58 -8.75 6.47 2.95
N VAL A 59 -9.02 5.43 3.72
CA VAL A 59 -9.97 4.39 3.30
C VAL A 59 -11.39 4.75 3.70
N HIS A 60 -12.35 4.40 2.85
CA HIS A 60 -13.75 4.68 3.12
C HIS A 60 -14.62 3.48 2.78
N TYR A 61 -15.74 3.34 3.50
CA TYR A 61 -16.66 2.22 3.27
C TYR A 61 -17.85 2.67 2.42
N VAL A 62 -18.03 2.01 1.28
CA VAL A 62 -19.12 2.34 0.38
C VAL A 62 -20.47 2.21 1.09
N ASN A 63 -20.52 1.34 2.10
CA ASN A 63 -21.75 1.13 2.86
C ASN A 63 -21.91 2.21 3.93
N TYR A 64 -23.00 2.12 4.69
CA TYR A 64 -23.28 3.08 5.75
C TYR A 64 -22.50 2.74 7.01
N ASN A 65 -21.25 3.17 7.07
CA ASN A 65 -20.41 2.91 8.24
C ASN A 65 -19.18 3.83 8.23
N LYS A 66 -19.17 4.79 9.15
CA LYS A 66 -18.07 5.73 9.25
C LYS A 66 -16.96 5.16 10.14
N ARG A 67 -17.32 4.28 11.05
CA ARG A 67 -16.36 3.65 11.95
C ARG A 67 -15.20 3.05 11.17
N LEU A 68 -15.48 2.60 9.95
CA LEU A 68 -14.45 2.00 9.10
C LEU A 68 -13.75 3.06 8.26
N ASP A 69 -14.48 4.12 7.94
CA ASP A 69 -13.93 5.21 7.13
C ASP A 69 -12.85 5.96 7.91
N GLU A 70 -11.61 5.50 7.80
CA GLU A 70 -10.49 6.13 8.48
C GLU A 70 -9.26 6.17 7.59
N TRP A 71 -8.14 6.62 8.15
CA TRP A 71 -6.90 6.73 7.40
C TRP A 71 -5.88 5.70 7.89
N ILE A 72 -5.23 5.02 6.96
CA ILE A 72 -4.23 4.02 7.29
C ILE A 72 -2.97 4.19 6.46
N THR A 73 -2.00 3.30 6.66
CA THR A 73 -0.74 3.37 5.94
C THR A 73 -0.72 2.37 4.79
N THR A 74 0.44 2.21 4.15
CA THR A 74 0.59 1.29 3.04
C THR A 74 0.79 -0.14 3.53
N ASP A 75 1.05 -0.28 4.82
CA ASP A 75 1.26 -1.60 5.41
C ASP A 75 0.08 -2.52 5.14
N ARG A 76 -1.09 -1.91 4.93
CA ARG A 76 -2.31 -2.68 4.66
C ARG A 76 -2.75 -2.49 3.22
N ILE A 77 -2.36 -1.38 2.62
CA ILE A 77 -2.72 -1.08 1.24
C ILE A 77 -1.54 -1.31 0.30
N ASN A 78 -1.75 -2.17 -0.69
CA ASN A 78 -0.70 -2.48 -1.67
C ASN A 78 -1.15 -2.13 -3.07
N LEU A 79 -0.33 -1.34 -3.78
CA LEU A 79 -0.64 -0.93 -5.14
C LEU A 79 -0.98 -2.14 -6.00
N ASP A 80 -1.89 -1.94 -6.95
CA ASP A 80 -2.31 -3.01 -7.85
C ASP A 80 -1.61 -2.90 -9.20
N LYS A 81 -2.03 -1.93 -10.00
CA LYS A 81 -1.44 -1.70 -11.32
C LYS A 81 0.06 -1.48 -11.21
N GLU A 82 0.77 -1.68 -12.32
CA GLU A 82 2.21 -1.50 -12.34
C GLU A 82 2.58 -0.02 -12.33
N VAL A 83 3.79 0.28 -11.88
CA VAL A 83 4.26 1.66 -11.82
C VAL A 83 4.84 2.10 -13.15
N LEU A 84 4.45 3.28 -13.60
CA LEU A 84 4.92 3.83 -14.86
C LEU A 84 6.03 4.85 -14.64
N TYR A 85 7.22 4.53 -15.12
CA TYR A 85 8.38 5.42 -14.97
C TYR A 85 8.89 5.88 -16.33
N PRO A 86 8.30 6.96 -16.86
CA PRO A 86 8.68 7.52 -18.15
C PRO A 86 10.06 8.19 -18.12
N LYS A 87 10.96 7.71 -18.97
CA LYS A 87 12.31 8.26 -19.04
C LYS A 87 12.27 9.77 -19.20
N LEU A 88 13.13 10.46 -18.45
CA LEU A 88 13.21 11.92 -18.52
C LEU A 88 14.65 12.39 -18.50
N LYS A 89 14.96 13.36 -19.36
CA LYS A 89 16.31 13.91 -19.44
C LYS A 89 16.64 14.73 -18.19
N ALA A 90 17.67 14.29 -17.47
CA ALA A 90 18.09 14.98 -16.25
C ALA A 90 18.76 16.32 -16.59
N THR A 91 18.47 17.33 -15.77
CA THR A 91 19.04 18.66 -15.98
C THR A 91 19.41 19.31 -14.66
N ASP A 92 20.32 20.28 -14.71
CA ASP A 92 20.76 20.99 -13.51
C ASP A 92 20.79 22.49 -13.75
N GLU A 93 20.30 23.25 -12.78
CA GLU A 93 20.26 24.70 -12.88
C GLU A 93 21.62 25.30 -12.54
N ASP A 94 22.55 25.21 -13.47
CA ASP A 94 23.90 25.74 -13.27
C ASP A 94 24.09 27.03 -14.06
N MET A 1 10.29 -33.88 -14.26
CA MET A 1 10.01 -34.44 -12.95
C MET A 1 11.05 -33.98 -11.93
N GLY A 2 10.90 -32.74 -11.46
CA GLY A 2 11.84 -32.21 -10.48
C GLY A 2 11.15 -31.43 -9.38
N SER A 3 11.94 -30.84 -8.49
CA SER A 3 11.39 -30.07 -7.37
C SER A 3 12.45 -29.14 -6.79
N SER A 4 11.99 -28.09 -6.12
CA SER A 4 12.90 -27.12 -5.52
C SER A 4 12.14 -26.17 -4.59
N HIS A 5 12.80 -25.73 -3.53
CA HIS A 5 12.20 -24.81 -2.57
C HIS A 5 13.02 -23.54 -2.44
N HIS A 6 12.34 -22.41 -2.25
CA HIS A 6 13.00 -21.12 -2.11
C HIS A 6 12.37 -20.30 -0.99
N HIS A 7 13.22 -19.66 -0.19
CA HIS A 7 12.74 -18.84 0.92
C HIS A 7 12.80 -17.36 0.57
N HIS A 8 11.73 -16.64 0.88
CA HIS A 8 11.66 -15.21 0.60
C HIS A 8 11.61 -14.40 1.89
N HIS A 9 12.65 -13.62 2.14
CA HIS A 9 12.72 -12.79 3.33
C HIS A 9 12.78 -11.31 2.98
N HIS A 10 12.24 -10.47 3.85
CA HIS A 10 12.23 -9.03 3.63
C HIS A 10 12.54 -8.28 4.92
N SER A 11 13.01 -7.05 4.78
CA SER A 11 13.35 -6.22 5.93
C SER A 11 12.59 -4.89 5.90
N SER A 12 12.27 -4.37 7.08
CA SER A 12 11.54 -3.12 7.18
C SER A 12 12.49 -1.95 7.48
N GLY A 13 12.99 -1.32 6.42
CA GLY A 13 13.90 -0.20 6.58
C GLY A 13 13.19 1.10 6.82
N LEU A 14 13.08 1.92 5.78
CA LEU A 14 12.42 3.21 5.87
C LEU A 14 11.14 3.23 5.04
N VAL A 15 11.29 3.11 3.72
CA VAL A 15 10.14 3.11 2.82
C VAL A 15 10.10 1.83 1.99
N PRO A 16 8.90 1.48 1.52
CA PRO A 16 8.69 0.27 0.70
C PRO A 16 9.31 0.40 -0.68
N ARG A 17 9.87 -0.71 -1.17
CA ARG A 17 10.50 -0.72 -2.49
C ARG A 17 10.44 -2.11 -3.10
N GLY A 18 10.97 -2.25 -4.32
CA GLY A 18 10.97 -3.53 -4.99
C GLY A 18 9.98 -3.58 -6.15
N SER A 19 9.80 -4.76 -6.71
CA SER A 19 8.88 -4.94 -7.83
C SER A 19 7.48 -4.48 -7.46
N HIS A 20 7.13 -3.28 -7.88
CA HIS A 20 5.81 -2.72 -7.60
C HIS A 20 5.53 -1.50 -8.46
N MET A 21 4.35 -0.91 -8.28
CA MET A 21 3.96 0.27 -9.05
C MET A 21 4.18 1.54 -8.24
N SER A 22 3.71 2.67 -8.79
CA SER A 22 3.86 3.96 -8.11
C SER A 22 2.56 4.34 -7.42
N VAL A 23 2.67 4.80 -6.18
CA VAL A 23 1.51 5.21 -5.40
C VAL A 23 1.16 6.67 -5.67
N ASP A 24 2.14 7.44 -6.11
CA ASP A 24 1.94 8.85 -6.41
C ASP A 24 1.07 9.02 -7.65
N ASP A 25 0.83 7.91 -8.35
CA ASP A 25 0.01 7.94 -9.56
C ASP A 25 -1.42 7.49 -9.26
N ILE A 26 -1.83 7.63 -8.00
CA ILE A 26 -3.17 7.24 -7.59
C ILE A 26 -4.11 8.44 -7.58
N ILE A 27 -5.36 8.21 -7.99
CA ILE A 27 -6.36 9.27 -8.02
C ILE A 27 -7.30 9.17 -6.83
N ILE A 28 -8.33 10.01 -6.83
CA ILE A 28 -9.30 10.02 -5.74
C ILE A 28 -10.51 9.15 -6.09
N LYS A 29 -11.19 8.68 -5.06
CA LYS A 29 -12.37 7.83 -5.25
C LYS A 29 -12.02 6.55 -5.99
N CYS A 30 -10.81 6.05 -5.73
CA CYS A 30 -10.34 4.83 -6.38
C CYS A 30 -10.59 3.61 -5.49
N GLN A 31 -10.70 2.44 -6.11
CA GLN A 31 -10.94 1.21 -5.38
C GLN A 31 -9.62 0.53 -4.99
N CYS A 32 -9.45 0.27 -3.70
CA CYS A 32 -8.24 -0.36 -3.21
C CYS A 32 -8.57 -1.59 -2.38
N TRP A 33 -8.05 -2.75 -2.80
CA TRP A 33 -8.30 -4.00 -2.09
C TRP A 33 -7.41 -4.12 -0.86
N VAL A 34 -8.02 -4.44 0.28
CA VAL A 34 -7.28 -4.58 1.53
C VAL A 34 -7.01 -6.05 1.85
N GLN A 35 -5.74 -6.43 1.79
CA GLN A 35 -5.34 -7.81 2.06
C GLN A 35 -5.13 -8.02 3.55
N LYS A 36 -6.12 -8.63 4.21
CA LYS A 36 -6.05 -8.89 5.64
C LYS A 36 -5.17 -10.11 5.92
N ASN A 37 -4.78 -10.27 7.17
CA ASN A 37 -3.94 -11.39 7.58
C ASN A 37 -4.52 -12.72 7.09
N ASP A 38 -5.72 -13.04 7.57
CA ASP A 38 -6.39 -14.27 7.18
C ASP A 38 -7.77 -13.98 6.58
N GLU A 39 -7.97 -12.74 6.13
CA GLU A 39 -9.23 -12.33 5.55
C GLU A 39 -9.01 -11.43 4.34
N GLU A 40 -10.10 -11.00 3.71
CA GLU A 40 -10.03 -10.13 2.54
C GLU A 40 -11.11 -9.07 2.59
N ARG A 41 -10.70 -7.81 2.43
CA ARG A 41 -11.65 -6.70 2.45
C ARG A 41 -11.36 -5.72 1.32
N LEU A 42 -12.25 -4.75 1.13
CA LEU A 42 -12.09 -3.75 0.09
C LEU A 42 -12.48 -2.37 0.59
N ALA A 43 -11.71 -1.36 0.19
CA ALA A 43 -11.98 0.01 0.60
C ALA A 43 -11.73 0.98 -0.54
N GLU A 44 -12.14 2.23 -0.36
CA GLU A 44 -11.95 3.25 -1.38
C GLU A 44 -11.06 4.38 -0.88
N ILE A 45 -10.56 5.19 -1.80
CA ILE A 45 -9.68 6.30 -1.45
C ILE A 45 -10.45 7.62 -1.42
N LEU A 46 -10.37 8.32 -0.29
CA LEU A 46 -11.05 9.59 -0.13
C LEU A 46 -10.07 10.76 -0.27
N SER A 47 -9.17 10.88 0.69
CA SER A 47 -8.18 11.95 0.68
C SER A 47 -6.76 11.38 0.65
N ILE A 48 -5.79 12.25 0.39
CA ILE A 48 -4.40 11.83 0.34
C ILE A 48 -3.48 12.87 0.98
N ASN A 49 -2.55 12.41 1.79
CA ASN A 49 -1.61 13.30 2.48
C ASN A 49 -0.17 12.90 2.18
N THR A 50 0.65 13.88 1.79
CA THR A 50 2.04 13.64 1.49
C THR A 50 2.96 14.32 2.49
N ARG A 51 2.59 14.23 3.77
CA ARG A 51 3.38 14.85 4.83
C ARG A 51 4.49 13.90 5.30
N LYS A 52 4.27 12.60 5.09
CA LYS A 52 5.25 11.60 5.49
C LYS A 52 5.70 10.77 4.29
N ALA A 53 6.63 9.85 4.53
CA ALA A 53 7.14 8.99 3.47
C ALA A 53 7.28 7.55 3.95
N PRO A 54 6.52 6.65 3.31
CA PRO A 54 5.60 7.01 2.22
C PRO A 54 4.41 7.81 2.71
N PRO A 55 3.66 8.40 1.76
CA PRO A 55 2.48 9.21 2.06
C PRO A 55 1.33 8.37 2.60
N LYS A 56 0.38 9.02 3.26
CA LYS A 56 -0.78 8.33 3.82
C LYS A 56 -2.00 8.52 2.92
N PHE A 57 -3.02 7.70 3.15
CA PHE A 57 -4.24 7.77 2.36
C PHE A 57 -5.46 7.41 3.21
N TYR A 58 -6.58 8.04 2.90
CA TYR A 58 -7.82 7.80 3.64
C TYR A 58 -8.63 6.68 3.01
N VAL A 59 -8.93 5.65 3.80
CA VAL A 59 -9.69 4.51 3.32
C VAL A 59 -11.17 4.67 3.63
N HIS A 60 -12.02 4.14 2.75
CA HIS A 60 -13.46 4.22 2.94
C HIS A 60 -14.11 2.85 2.77
N TYR A 61 -15.34 2.71 3.28
CA TYR A 61 -16.06 1.46 3.18
C TYR A 61 -17.08 1.49 2.04
N VAL A 62 -17.24 0.37 1.35
CA VAL A 62 -18.18 0.29 0.24
C VAL A 62 -19.35 -0.62 0.59
N ASN A 63 -19.10 -1.60 1.44
CA ASN A 63 -20.14 -2.54 1.85
C ASN A 63 -20.33 -2.50 3.37
N TYR A 64 -19.39 -3.10 4.10
CA TYR A 64 -19.46 -3.12 5.55
C TYR A 64 -18.06 -3.02 6.16
N ASN A 65 -17.53 -1.80 6.17
CA ASN A 65 -16.20 -1.56 6.73
C ASN A 65 -16.11 -0.16 7.33
N LYS A 66 -17.25 0.39 7.71
CA LYS A 66 -17.30 1.72 8.30
C LYS A 66 -16.40 1.81 9.53
N ARG A 67 -16.33 0.71 10.29
CA ARG A 67 -15.52 0.66 11.49
C ARG A 67 -14.05 0.96 11.16
N LEU A 68 -13.67 0.70 9.91
CA LEU A 68 -12.30 0.95 9.47
C LEU A 68 -12.23 2.15 8.54
N ASP A 69 -13.22 3.04 8.65
CA ASP A 69 -13.27 4.23 7.82
C ASP A 69 -12.39 5.33 8.41
N GLU A 70 -11.08 5.16 8.30
CA GLU A 70 -10.13 6.13 8.82
C GLU A 70 -8.96 6.31 7.88
N TRP A 71 -7.93 7.00 8.34
CA TRP A 71 -6.74 7.24 7.53
C TRP A 71 -5.62 6.29 7.91
N ILE A 72 -4.96 5.72 6.90
CA ILE A 72 -3.86 4.79 7.13
C ILE A 72 -2.75 4.99 6.12
N THR A 73 -1.72 4.15 6.20
CA THR A 73 -0.58 4.24 5.28
C THR A 73 -0.70 3.21 4.18
N THR A 74 0.36 3.09 3.37
CA THR A 74 0.38 2.14 2.27
C THR A 74 0.76 0.74 2.75
N ASP A 75 1.46 0.68 3.88
CA ASP A 75 1.88 -0.59 4.45
C ASP A 75 0.69 -1.52 4.67
N ARG A 76 -0.49 -0.93 4.84
CA ARG A 76 -1.70 -1.69 5.06
C ARG A 76 -2.40 -2.00 3.74
N ILE A 77 -2.13 -1.19 2.72
CA ILE A 77 -2.72 -1.38 1.41
C ILE A 77 -1.74 -2.06 0.45
N ASN A 78 -2.12 -3.25 -0.01
CA ASN A 78 -1.28 -4.01 -0.92
C ASN A 78 -1.19 -3.32 -2.28
N LEU A 79 0.01 -2.93 -2.67
CA LEU A 79 0.22 -2.27 -3.95
C LEU A 79 0.23 -3.28 -5.09
N ASP A 80 -0.86 -4.01 -5.24
CA ASP A 80 -0.97 -5.01 -6.30
C ASP A 80 -1.95 -4.55 -7.38
N LYS A 81 -2.06 -3.24 -7.55
CA LYS A 81 -2.96 -2.67 -8.54
C LYS A 81 -2.30 -2.61 -9.91
N GLU A 82 -2.95 -1.94 -10.86
CA GLU A 82 -2.41 -1.82 -12.21
C GLU A 82 -2.38 -0.36 -12.65
N VAL A 83 -1.35 0.01 -13.41
CA VAL A 83 -1.20 1.38 -13.89
C VAL A 83 -2.15 1.66 -15.04
N LEU A 84 -2.81 2.82 -14.99
CA LEU A 84 -3.75 3.21 -16.03
C LEU A 84 -3.10 4.17 -17.03
N TYR A 85 -3.04 3.75 -18.28
CA TYR A 85 -2.44 4.57 -19.34
C TYR A 85 -3.49 4.96 -20.38
N PRO A 86 -4.20 6.07 -20.10
CA PRO A 86 -5.24 6.58 -21.00
C PRO A 86 -4.66 7.16 -22.29
N LYS A 87 -4.96 6.51 -23.41
CA LYS A 87 -4.47 6.96 -24.71
C LYS A 87 -5.48 7.88 -25.38
N LEU A 88 -4.99 8.71 -26.30
CA LEU A 88 -5.86 9.64 -27.03
C LEU A 88 -6.09 9.17 -28.46
N LYS A 89 -7.21 9.59 -29.05
CA LYS A 89 -7.54 9.22 -30.42
C LYS A 89 -7.55 10.44 -31.33
N ALA A 90 -7.17 10.24 -32.58
CA ALA A 90 -7.14 11.34 -33.55
C ALA A 90 -8.55 11.67 -34.04
N THR A 91 -8.87 12.96 -34.05
CA THR A 91 -10.19 13.41 -34.49
C THR A 91 -10.06 14.59 -35.46
N ASP A 92 -10.81 14.52 -36.56
CA ASP A 92 -10.78 15.57 -37.57
C ASP A 92 -11.70 16.72 -37.17
N GLU A 93 -11.35 17.93 -37.61
CA GLU A 93 -12.14 19.11 -37.29
C GLU A 93 -12.60 19.81 -38.57
N ASP A 94 -13.85 20.24 -38.58
CA ASP A 94 -14.41 20.93 -39.74
C ASP A 94 -14.83 22.35 -39.38
N MET A 1 18.96 -27.03 9.27
CA MET A 1 17.74 -27.14 8.49
C MET A 1 16.80 -25.98 8.76
N GLY A 2 16.76 -25.02 7.85
CA GLY A 2 15.90 -23.85 8.02
C GLY A 2 15.06 -23.58 6.80
N SER A 3 14.91 -22.30 6.46
CA SER A 3 14.11 -21.91 5.30
C SER A 3 14.76 -22.37 4.01
N SER A 4 14.08 -22.13 2.89
CA SER A 4 14.58 -22.54 1.58
C SER A 4 14.96 -21.32 0.74
N HIS A 5 14.15 -20.26 0.87
CA HIS A 5 14.40 -19.03 0.12
C HIS A 5 15.69 -18.35 0.59
N HIS A 6 15.70 -17.94 1.85
CA HIS A 6 16.86 -17.27 2.43
C HIS A 6 16.74 -17.18 3.95
N HIS A 7 17.86 -17.41 4.64
CA HIS A 7 17.87 -17.35 6.10
C HIS A 7 17.38 -15.99 6.60
N HIS A 8 16.69 -16.00 7.73
CA HIS A 8 16.17 -14.77 8.30
C HIS A 8 17.30 -13.80 8.65
N HIS A 9 17.05 -12.51 8.46
CA HIS A 9 18.05 -11.49 8.75
C HIS A 9 17.83 -10.89 10.13
N HIS A 10 16.58 -10.90 10.59
CA HIS A 10 16.23 -10.36 11.89
C HIS A 10 16.52 -8.86 11.95
N SER A 11 16.22 -8.17 10.85
CA SER A 11 16.44 -6.73 10.78
C SER A 11 15.26 -6.03 10.12
N SER A 12 15.06 -4.75 10.47
CA SER A 12 13.96 -3.98 9.93
C SER A 12 14.19 -2.48 10.15
N GLY A 13 13.67 -1.67 9.24
CA GLY A 13 13.82 -0.23 9.35
C GLY A 13 12.53 0.48 9.70
N LEU A 14 12.33 1.67 9.14
CA LEU A 14 11.13 2.44 9.39
C LEU A 14 10.34 2.65 8.10
N VAL A 15 10.86 3.52 7.23
CA VAL A 15 10.20 3.80 5.96
C VAL A 15 10.58 2.77 4.90
N PRO A 16 9.57 2.26 4.17
CA PRO A 16 9.78 1.26 3.12
C PRO A 16 10.48 1.85 1.90
N ARG A 17 11.12 0.98 1.12
CA ARG A 17 11.84 1.40 -0.07
C ARG A 17 11.63 0.41 -1.22
N GLY A 18 11.87 0.88 -2.44
CA GLY A 18 11.69 0.02 -3.59
C GLY A 18 11.04 0.74 -4.76
N SER A 19 11.02 0.08 -5.92
CA SER A 19 10.44 0.67 -7.12
C SER A 19 9.45 -0.29 -7.77
N HIS A 20 8.88 -1.18 -6.96
CA HIS A 20 7.92 -2.16 -7.45
C HIS A 20 6.52 -1.57 -7.51
N MET A 21 6.20 -0.73 -6.53
CA MET A 21 4.88 -0.09 -6.47
C MET A 21 5.00 1.41 -6.77
N SER A 22 3.87 2.01 -7.17
CA SER A 22 3.85 3.42 -7.49
C SER A 22 2.56 4.07 -6.98
N VAL A 23 2.71 5.19 -6.27
CA VAL A 23 1.57 5.91 -5.72
C VAL A 23 0.92 6.79 -6.77
N ASP A 24 1.57 6.91 -7.92
CA ASP A 24 1.05 7.72 -9.01
C ASP A 24 -0.15 7.05 -9.67
N ASP A 25 -0.41 5.81 -9.29
CA ASP A 25 -1.53 5.06 -9.83
C ASP A 25 -2.73 5.08 -8.89
N ILE A 26 -2.78 6.10 -8.03
CA ILE A 26 -3.87 6.23 -7.07
C ILE A 26 -4.48 7.63 -7.12
N ILE A 27 -5.79 7.68 -7.27
CA ILE A 27 -6.51 8.95 -7.34
C ILE A 27 -7.58 9.04 -6.26
N ILE A 28 -8.39 10.10 -6.32
CA ILE A 28 -9.45 10.29 -5.35
C ILE A 28 -10.71 9.54 -5.76
N LYS A 29 -11.44 9.03 -4.76
CA LYS A 29 -12.66 8.28 -5.01
C LYS A 29 -12.37 7.00 -5.79
N CYS A 30 -11.16 6.47 -5.63
CA CYS A 30 -10.76 5.25 -6.31
C CYS A 30 -10.91 4.04 -5.40
N GLN A 31 -10.92 2.85 -5.99
CA GLN A 31 -11.05 1.62 -5.24
C GLN A 31 -9.70 0.97 -5.00
N CYS A 32 -9.35 0.76 -3.74
CA CYS A 32 -8.07 0.15 -3.38
C CYS A 32 -8.29 -1.15 -2.62
N TRP A 33 -7.64 -2.22 -3.08
CA TRP A 33 -7.76 -3.52 -2.45
C TRP A 33 -7.06 -3.55 -1.10
N VAL A 34 -7.80 -3.94 -0.06
CA VAL A 34 -7.25 -4.01 1.29
C VAL A 34 -6.87 -5.44 1.65
N GLN A 35 -5.56 -5.66 1.85
CA GLN A 35 -5.07 -6.98 2.21
C GLN A 35 -5.13 -7.19 3.72
N LYS A 36 -6.10 -7.99 4.16
CA LYS A 36 -6.28 -8.29 5.57
C LYS A 36 -5.26 -9.31 6.04
N ASN A 37 -5.11 -9.44 7.35
CA ASN A 37 -4.17 -10.40 7.94
C ASN A 37 -4.38 -11.79 7.35
N ASP A 38 -5.55 -12.36 7.61
CA ASP A 38 -5.89 -13.69 7.10
C ASP A 38 -7.12 -13.64 6.21
N GLU A 39 -7.48 -12.45 5.77
CA GLU A 39 -8.65 -12.26 4.91
C GLU A 39 -8.36 -11.23 3.82
N GLU A 40 -9.37 -10.93 3.01
CA GLU A 40 -9.24 -9.97 1.93
C GLU A 40 -10.49 -9.10 1.81
N ARG A 41 -10.29 -7.79 1.79
CA ARG A 41 -11.40 -6.86 1.68
C ARG A 41 -11.06 -5.71 0.72
N LEU A 42 -12.02 -4.84 0.49
CA LEU A 42 -11.83 -3.69 -0.40
C LEU A 42 -12.23 -2.39 0.28
N ALA A 43 -11.51 -1.31 -0.04
CA ALA A 43 -11.78 -0.01 0.54
C ALA A 43 -11.66 1.09 -0.51
N GLU A 44 -12.36 2.20 -0.27
CA GLU A 44 -12.32 3.33 -1.20
C GLU A 44 -11.37 4.41 -0.69
N ILE A 45 -10.82 5.18 -1.63
CA ILE A 45 -9.89 6.26 -1.28
C ILE A 45 -10.60 7.61 -1.27
N LEU A 46 -10.42 8.36 -0.19
CA LEU A 46 -11.03 9.67 -0.05
C LEU A 46 -10.00 10.78 -0.24
N SER A 47 -9.11 10.92 0.73
CA SER A 47 -8.07 11.95 0.67
C SER A 47 -6.67 11.32 0.77
N ILE A 48 -5.66 12.07 0.37
CA ILE A 48 -4.28 11.59 0.42
C ILE A 48 -3.39 12.58 1.16
N ASN A 49 -2.31 12.06 1.74
CA ASN A 49 -1.36 12.88 2.47
C ASN A 49 0.05 12.71 1.94
N THR A 50 0.81 13.80 1.89
CA THR A 50 2.17 13.77 1.40
C THR A 50 3.09 14.63 2.27
N ARG A 51 2.71 14.80 3.53
CA ARG A 51 3.50 15.59 4.47
C ARG A 51 4.72 14.81 4.94
N LYS A 52 4.48 13.59 5.43
CA LYS A 52 5.56 12.74 5.92
C LYS A 52 5.54 11.39 5.23
N ALA A 53 6.70 10.74 5.17
CA ALA A 53 6.81 9.42 4.54
C ALA A 53 6.96 8.33 5.59
N PRO A 54 6.53 7.10 5.23
CA PRO A 54 5.94 6.83 3.92
C PRO A 54 4.57 7.48 3.75
N PRO A 55 4.10 7.56 2.49
CA PRO A 55 2.80 8.16 2.17
C PRO A 55 1.64 7.29 2.65
N LYS A 56 0.52 7.94 2.99
CA LYS A 56 -0.66 7.24 3.47
C LYS A 56 -1.87 7.60 2.62
N PHE A 57 -2.98 6.92 2.87
CA PHE A 57 -4.22 7.17 2.14
C PHE A 57 -5.44 6.98 3.04
N TYR A 58 -6.49 7.73 2.77
CA TYR A 58 -7.72 7.65 3.55
C TYR A 58 -8.65 6.57 3.01
N VAL A 59 -8.86 5.52 3.80
CA VAL A 59 -9.73 4.43 3.40
C VAL A 59 -11.16 4.65 3.88
N HIS A 60 -12.13 4.27 3.05
CA HIS A 60 -13.54 4.43 3.40
C HIS A 60 -14.35 3.23 2.93
N TYR A 61 -15.35 2.87 3.71
CA TYR A 61 -16.21 1.73 3.39
C TYR A 61 -17.52 2.19 2.76
N VAL A 62 -17.74 1.78 1.50
CA VAL A 62 -18.95 2.16 0.79
C VAL A 62 -20.19 1.69 1.52
N ASN A 63 -20.04 0.64 2.34
CA ASN A 63 -21.15 0.09 3.10
C ASN A 63 -20.81 0.04 4.59
N TYR A 64 -20.61 1.20 5.20
CA TYR A 64 -20.29 1.30 6.61
C TYR A 64 -20.33 2.74 7.10
N ASN A 65 -20.15 2.93 8.40
CA ASN A 65 -20.17 4.26 8.99
C ASN A 65 -18.78 4.88 8.97
N LYS A 66 -18.65 6.01 9.65
CA LYS A 66 -17.37 6.72 9.71
C LYS A 66 -16.34 5.91 10.51
N ARG A 67 -16.82 4.91 11.24
CA ARG A 67 -15.95 4.06 12.04
C ARG A 67 -14.78 3.53 11.21
N LEU A 68 -15.10 2.63 10.27
CA LEU A 68 -14.09 2.04 9.41
C LEU A 68 -13.41 3.11 8.55
N ASP A 69 -14.13 4.20 8.30
CA ASP A 69 -13.60 5.30 7.50
C ASP A 69 -12.48 6.02 8.24
N GLU A 70 -11.25 5.56 8.03
CA GLU A 70 -10.09 6.16 8.68
C GLU A 70 -8.90 6.24 7.72
N TRP A 71 -7.80 6.78 8.21
CA TRP A 71 -6.59 6.92 7.39
C TRP A 71 -5.56 5.88 7.78
N ILE A 72 -4.95 5.24 6.78
CA ILE A 72 -3.93 4.22 7.02
C ILE A 72 -2.75 4.39 6.08
N THR A 73 -1.65 3.72 6.38
CA THR A 73 -0.45 3.79 5.55
C THR A 73 -0.34 2.58 4.63
N THR A 74 0.79 2.46 3.95
CA THR A 74 1.02 1.35 3.03
C THR A 74 1.14 0.04 3.78
N ASP A 75 1.36 0.12 5.09
CA ASP A 75 1.50 -1.07 5.93
C ASP A 75 0.31 -2.01 5.73
N ARG A 76 -0.84 -1.43 5.38
CA ARG A 76 -2.05 -2.21 5.18
C ARG A 76 -2.46 -2.19 3.70
N ILE A 77 -2.03 -1.15 2.99
CA ILE A 77 -2.36 -1.01 1.58
C ILE A 77 -1.19 -1.45 0.70
N ASN A 78 -1.46 -2.37 -0.21
CA ASN A 78 -0.43 -2.87 -1.12
C ASN A 78 -0.88 -2.75 -2.57
N LEU A 79 0.03 -2.25 -3.41
CA LEU A 79 -0.26 -2.07 -4.83
C LEU A 79 -0.81 -3.37 -5.43
N ASP A 80 -1.32 -3.27 -6.66
CA ASP A 80 -1.86 -4.44 -7.35
C ASP A 80 -0.86 -4.99 -8.36
N LYS A 81 0.42 -4.73 -8.11
CA LYS A 81 1.48 -5.20 -8.99
C LYS A 81 2.44 -6.12 -8.25
N GLU A 82 3.19 -6.93 -9.00
CA GLU A 82 4.14 -7.85 -8.41
C GLU A 82 5.28 -7.10 -7.72
N VAL A 83 5.78 -7.67 -6.63
CA VAL A 83 6.87 -7.06 -5.87
C VAL A 83 7.85 -8.11 -5.35
N LEU A 84 9.03 -7.67 -4.95
CA LEU A 84 10.05 -8.58 -4.43
C LEU A 84 10.45 -8.18 -3.02
N TYR A 85 9.76 -8.72 -2.02
CA TYR A 85 10.05 -8.42 -0.62
C TYR A 85 10.66 -9.63 0.07
N PRO A 86 12.00 -9.76 -0.04
CA PRO A 86 12.73 -10.87 0.58
C PRO A 86 12.78 -10.76 2.10
N LYS A 87 11.69 -11.14 2.74
CA LYS A 87 11.59 -11.10 4.19
C LYS A 87 10.49 -12.03 4.71
N LEU A 88 10.81 -12.77 5.76
CA LEU A 88 9.85 -13.70 6.35
C LEU A 88 8.89 -12.99 7.29
N LYS A 89 7.82 -13.67 7.66
CA LYS A 89 6.83 -13.09 8.58
C LYS A 89 6.54 -14.04 9.73
N ALA A 90 6.52 -13.50 10.94
CA ALA A 90 6.24 -14.30 12.13
C ALA A 90 4.75 -14.46 12.36
N THR A 91 4.39 -15.24 13.37
CA THR A 91 2.99 -15.48 13.68
C THR A 91 2.78 -15.62 15.18
N ASP A 92 1.62 -15.16 15.66
CA ASP A 92 1.30 -15.23 17.09
C ASP A 92 -0.17 -15.57 17.29
N GLU A 93 -0.45 -16.53 18.17
CA GLU A 93 -1.81 -16.95 18.45
C GLU A 93 -1.90 -17.61 19.82
N ASP A 94 -3.03 -17.41 20.50
CA ASP A 94 -3.24 -18.00 21.82
C ASP A 94 -4.33 -19.06 21.77
N MET A 1 3.28 -22.02 -8.00
CA MET A 1 2.09 -21.21 -8.23
C MET A 1 1.53 -20.69 -6.91
N GLY A 2 2.41 -20.19 -6.06
CA GLY A 2 1.99 -19.66 -4.77
C GLY A 2 2.13 -18.15 -4.69
N SER A 3 2.06 -17.61 -3.48
CA SER A 3 2.17 -16.17 -3.28
C SER A 3 2.98 -15.86 -2.02
N SER A 4 3.52 -14.64 -1.96
CA SER A 4 4.32 -14.22 -0.82
C SER A 4 3.46 -13.52 0.23
N HIS A 5 4.10 -13.04 1.29
CA HIS A 5 3.39 -12.35 2.35
C HIS A 5 4.38 -11.70 3.32
N HIS A 6 3.87 -10.82 4.18
CA HIS A 6 4.70 -10.13 5.16
C HIS A 6 4.25 -10.45 6.58
N HIS A 7 5.20 -10.73 7.45
CA HIS A 7 4.90 -11.04 8.85
C HIS A 7 6.07 -10.68 9.76
N HIS A 8 5.79 -10.55 11.04
CA HIS A 8 6.82 -10.21 12.03
C HIS A 8 7.55 -8.94 11.61
N HIS A 9 6.79 -7.97 11.10
CA HIS A 9 7.36 -6.70 10.68
C HIS A 9 7.36 -5.68 11.81
N HIS A 10 8.54 -5.27 12.24
CA HIS A 10 8.67 -4.29 13.32
C HIS A 10 9.95 -3.47 13.16
N SER A 11 9.78 -2.17 13.01
CA SER A 11 10.93 -1.27 12.84
C SER A 11 10.49 0.18 13.01
N SER A 12 11.46 1.10 12.87
CA SER A 12 11.19 2.52 13.01
C SER A 12 10.34 3.03 11.85
N GLY A 13 10.11 4.34 11.82
CA GLY A 13 9.32 4.93 10.76
C GLY A 13 10.10 5.12 9.48
N LEU A 14 10.38 4.02 8.79
CA LEU A 14 11.14 4.07 7.54
C LEU A 14 10.32 3.53 6.38
N VAL A 15 10.68 3.93 5.17
CA VAL A 15 9.98 3.47 3.97
C VAL A 15 10.12 1.96 3.79
N PRO A 16 9.15 1.35 3.09
CA PRO A 16 9.14 -0.09 2.83
C PRO A 16 10.24 -0.50 1.86
N ARG A 17 10.21 -1.77 1.44
CA ARG A 17 11.21 -2.29 0.51
C ARG A 17 11.21 -1.49 -0.79
N GLY A 18 12.10 -1.87 -1.70
CA GLY A 18 12.19 -1.18 -2.97
C GLY A 18 11.32 -1.82 -4.05
N SER A 19 11.55 -3.10 -4.30
CA SER A 19 10.78 -3.82 -5.31
C SER A 19 9.28 -3.72 -5.04
N HIS A 20 8.61 -2.83 -5.77
CA HIS A 20 7.17 -2.65 -5.60
C HIS A 20 6.66 -1.59 -6.57
N MET A 21 5.41 -1.17 -6.37
CA MET A 21 4.80 -0.16 -7.23
C MET A 21 4.85 1.22 -6.57
N SER A 22 4.25 2.21 -7.23
CA SER A 22 4.24 3.56 -6.71
C SER A 22 2.85 3.93 -6.20
N VAL A 23 2.78 4.45 -4.98
CA VAL A 23 1.52 4.84 -4.37
C VAL A 23 1.14 6.27 -4.76
N ASP A 24 2.15 7.07 -5.09
CA ASP A 24 1.93 8.46 -5.48
C ASP A 24 1.25 8.54 -6.85
N ASP A 25 1.16 7.39 -7.52
CA ASP A 25 0.54 7.33 -8.84
C ASP A 25 -0.91 6.83 -8.73
N ILE A 26 -1.50 7.01 -7.55
CA ILE A 26 -2.88 6.57 -7.33
C ILE A 26 -3.85 7.74 -7.45
N ILE A 27 -5.02 7.46 -8.02
CA ILE A 27 -6.04 8.48 -8.19
C ILE A 27 -6.96 8.55 -6.98
N ILE A 28 -8.01 9.36 -7.09
CA ILE A 28 -8.98 9.52 -6.00
C ILE A 28 -10.26 8.74 -6.29
N LYS A 29 -10.97 8.38 -5.23
CA LYS A 29 -12.21 7.63 -5.37
C LYS A 29 -11.97 6.29 -6.06
N CYS A 30 -10.77 5.76 -5.90
CA CYS A 30 -10.41 4.49 -6.52
C CYS A 30 -10.66 3.33 -5.56
N GLN A 31 -11.02 2.17 -6.11
CA GLN A 31 -11.29 0.99 -5.30
C GLN A 31 -10.02 0.16 -5.12
N CYS A 32 -9.64 -0.06 -3.86
CA CYS A 32 -8.44 -0.83 -3.55
C CYS A 32 -8.78 -1.98 -2.59
N TRP A 33 -8.17 -3.13 -2.84
CA TRP A 33 -8.40 -4.30 -2.00
C TRP A 33 -7.42 -4.34 -0.84
N VAL A 34 -7.94 -4.61 0.36
CA VAL A 34 -7.10 -4.67 1.56
C VAL A 34 -6.80 -6.12 1.93
N GLN A 35 -5.52 -6.50 1.79
CA GLN A 35 -5.10 -7.85 2.12
C GLN A 35 -4.91 -8.02 3.62
N LYS A 36 -5.90 -8.61 4.29
CA LYS A 36 -5.83 -8.82 5.72
C LYS A 36 -4.95 -10.03 6.05
N ASN A 37 -4.57 -10.14 7.32
CA ASN A 37 -3.72 -11.25 7.77
C ASN A 37 -4.30 -12.59 7.32
N ASP A 38 -5.48 -12.92 7.82
CA ASP A 38 -6.14 -14.17 7.47
C ASP A 38 -7.51 -13.91 6.85
N GLU A 39 -7.72 -12.68 6.40
CA GLU A 39 -8.99 -12.29 5.78
C GLU A 39 -8.76 -11.39 4.58
N GLU A 40 -9.85 -10.97 3.95
CA GLU A 40 -9.77 -10.10 2.78
C GLU A 40 -10.86 -9.02 2.82
N ARG A 41 -10.44 -7.76 2.87
CA ARG A 41 -11.38 -6.64 2.92
C ARG A 41 -11.21 -5.75 1.70
N LEU A 42 -12.09 -4.76 1.56
CA LEU A 42 -12.04 -3.83 0.44
C LEU A 42 -12.37 -2.41 0.91
N ALA A 43 -11.54 -1.46 0.49
CA ALA A 43 -11.74 -0.06 0.85
C ALA A 43 -11.44 0.86 -0.32
N GLU A 44 -12.02 2.05 -0.29
CA GLU A 44 -11.82 3.03 -1.36
C GLU A 44 -10.92 4.17 -0.89
N ILE A 45 -10.40 4.93 -1.84
CA ILE A 45 -9.52 6.07 -1.52
C ILE A 45 -10.29 7.38 -1.57
N LEU A 46 -10.19 8.16 -0.50
CA LEU A 46 -10.87 9.44 -0.43
C LEU A 46 -9.88 10.59 -0.54
N SER A 47 -9.07 10.78 0.50
CA SER A 47 -8.08 11.85 0.52
C SER A 47 -6.67 11.28 0.63
N ILE A 48 -5.67 12.14 0.51
CA ILE A 48 -4.28 11.73 0.61
C ILE A 48 -3.45 12.75 1.37
N ASN A 49 -2.54 12.25 2.20
CA ASN A 49 -1.68 13.12 2.99
C ASN A 49 -0.21 12.95 2.60
N THR A 50 0.45 14.06 2.31
CA THR A 50 1.85 14.03 1.93
C THR A 50 2.73 14.71 2.96
N ARG A 51 2.46 14.44 4.23
CA ARG A 51 3.23 15.03 5.32
C ARG A 51 4.27 14.05 5.86
N LYS A 52 4.39 12.91 5.19
CA LYS A 52 5.35 11.88 5.60
C LYS A 52 5.81 11.07 4.39
N ALA A 53 6.73 10.14 4.63
CA ALA A 53 7.26 9.29 3.57
C ALA A 53 7.44 7.86 4.04
N PRO A 54 6.68 6.93 3.43
CA PRO A 54 5.73 7.25 2.37
C PRO A 54 4.53 8.04 2.87
N PRO A 55 3.75 8.60 1.94
CA PRO A 55 2.55 9.38 2.28
C PRO A 55 1.43 8.51 2.84
N LYS A 56 0.33 9.15 3.21
CA LYS A 56 -0.82 8.43 3.76
C LYS A 56 -2.05 8.58 2.86
N PHE A 57 -2.98 7.65 2.98
CA PHE A 57 -4.20 7.69 2.18
C PHE A 57 -5.43 7.38 3.04
N TYR A 58 -6.51 8.09 2.79
CA TYR A 58 -7.75 7.90 3.54
C TYR A 58 -8.56 6.75 2.94
N VAL A 59 -8.93 5.79 3.79
CA VAL A 59 -9.71 4.64 3.36
C VAL A 59 -11.19 4.84 3.65
N HIS A 60 -12.04 4.33 2.76
CA HIS A 60 -13.48 4.46 2.91
C HIS A 60 -14.16 3.09 2.88
N TYR A 61 -15.00 2.83 3.87
CA TYR A 61 -15.70 1.56 3.95
C TYR A 61 -17.13 1.69 3.43
N VAL A 62 -17.54 0.72 2.62
CA VAL A 62 -18.89 0.72 2.04
C VAL A 62 -19.95 0.79 3.14
N ASN A 63 -19.60 0.33 4.33
CA ASN A 63 -20.52 0.35 5.46
C ASN A 63 -20.94 1.77 5.81
N TYR A 64 -21.60 1.92 6.95
CA TYR A 64 -22.06 3.24 7.39
C TYR A 64 -20.92 4.25 7.37
N ASN A 65 -19.70 3.75 7.58
CA ASN A 65 -18.52 4.62 7.58
C ASN A 65 -18.59 5.62 8.73
N LYS A 66 -19.27 5.24 9.80
CA LYS A 66 -19.41 6.11 10.97
C LYS A 66 -18.05 6.38 11.61
N ARG A 67 -17.49 5.36 12.24
CA ARG A 67 -16.19 5.49 12.89
C ARG A 67 -15.11 4.79 12.09
N LEU A 68 -15.51 3.83 11.27
CA LEU A 68 -14.57 3.08 10.44
C LEU A 68 -13.79 4.01 9.52
N ASP A 69 -14.41 5.12 9.15
CA ASP A 69 -13.78 6.10 8.28
C ASP A 69 -12.47 6.61 8.88
N GLU A 70 -11.36 6.04 8.42
CA GLU A 70 -10.04 6.42 8.92
C GLU A 70 -9.03 6.47 7.79
N TRP A 71 -7.79 6.82 8.13
CA TRP A 71 -6.72 6.90 7.13
C TRP A 71 -5.56 5.98 7.50
N ILE A 72 -5.01 5.30 6.50
CA ILE A 72 -3.90 4.39 6.72
C ILE A 72 -2.80 4.61 5.69
N THR A 73 -1.73 3.82 5.80
CA THR A 73 -0.61 3.94 4.87
C THR A 73 -0.66 2.85 3.80
N THR A 74 0.38 2.79 2.97
CA THR A 74 0.45 1.80 1.91
C THR A 74 0.83 0.43 2.45
N ASP A 75 1.38 0.42 3.67
CA ASP A 75 1.78 -0.83 4.31
C ASP A 75 0.63 -1.84 4.31
N ARG A 76 -0.59 -1.33 4.35
CA ARG A 76 -1.78 -2.18 4.35
C ARG A 76 -2.47 -2.16 3.00
N ILE A 77 -2.27 -1.08 2.25
CA ILE A 77 -2.87 -0.93 0.93
C ILE A 77 -1.88 -1.27 -0.17
N ASN A 78 -2.19 -2.32 -0.93
CA ASN A 78 -1.34 -2.75 -2.03
C ASN A 78 -1.88 -2.28 -3.37
N LEU A 79 -0.98 -1.87 -4.26
CA LEU A 79 -1.38 -1.40 -5.59
C LEU A 79 -2.10 -2.50 -6.37
N ASP A 80 -2.53 -2.17 -7.58
CA ASP A 80 -3.24 -3.13 -8.42
C ASP A 80 -2.36 -3.55 -9.60
N LYS A 81 -1.06 -3.57 -9.39
CA LYS A 81 -0.12 -3.95 -10.44
C LYS A 81 0.74 -5.14 -9.99
N GLU A 82 1.47 -5.72 -10.94
CA GLU A 82 2.34 -6.85 -10.64
C GLU A 82 3.54 -6.42 -9.80
N VAL A 83 3.90 -7.24 -8.82
CA VAL A 83 5.02 -6.94 -7.94
C VAL A 83 6.15 -7.95 -8.13
N LEU A 84 7.35 -7.60 -7.67
CA LEU A 84 8.51 -8.47 -7.79
C LEU A 84 8.94 -8.98 -6.42
N TYR A 85 8.43 -10.14 -6.03
CA TYR A 85 8.78 -10.73 -4.74
C TYR A 85 9.60 -11.99 -4.92
N PRO A 86 10.93 -11.82 -5.05
CA PRO A 86 11.86 -12.93 -5.23
C PRO A 86 11.99 -13.79 -3.98
N LYS A 87 11.24 -14.89 -3.94
CA LYS A 87 11.28 -15.79 -2.79
C LYS A 87 11.36 -17.24 -3.25
N LEU A 88 12.32 -17.98 -2.70
CA LEU A 88 12.51 -19.38 -3.05
C LEU A 88 11.87 -20.29 -2.01
N LYS A 89 11.88 -21.59 -2.29
CA LYS A 89 11.30 -22.58 -1.38
C LYS A 89 11.95 -22.48 0.00
N ALA A 90 11.13 -22.59 1.04
CA ALA A 90 11.63 -22.52 2.41
C ALA A 90 11.47 -23.86 3.12
N THR A 91 12.27 -24.09 4.15
CA THR A 91 12.23 -25.32 4.91
C THR A 91 11.57 -25.12 6.27
N ASP A 92 10.75 -26.08 6.67
CA ASP A 92 10.06 -26.00 7.96
C ASP A 92 10.54 -27.10 8.90
N GLU A 93 9.97 -27.13 10.11
CA GLU A 93 10.34 -28.13 11.10
C GLU A 93 10.22 -29.54 10.53
N ASP A 94 10.96 -30.47 11.11
CA ASP A 94 10.92 -31.86 10.66
C ASP A 94 10.04 -32.71 11.57
N MET A 1 -8.57 15.85 23.98
CA MET A 1 -9.06 15.87 22.62
C MET A 1 -8.07 15.22 21.66
N GLY A 2 -8.43 15.20 20.38
CA GLY A 2 -7.55 14.61 19.38
C GLY A 2 -6.76 15.64 18.61
N SER A 3 -6.73 15.49 17.29
CA SER A 3 -5.99 16.42 16.44
C SER A 3 -4.49 16.33 16.70
N SER A 4 -4.08 15.29 17.42
CA SER A 4 -2.68 15.08 17.74
C SER A 4 -1.94 14.43 16.59
N HIS A 5 -0.61 14.52 16.62
CA HIS A 5 0.21 13.93 15.57
C HIS A 5 1.56 13.49 16.12
N HIS A 6 2.32 12.74 15.32
CA HIS A 6 3.63 12.25 15.74
C HIS A 6 4.73 13.16 15.20
N HIS A 7 4.77 14.39 15.69
CA HIS A 7 5.78 15.35 15.27
C HIS A 7 7.11 15.10 15.99
N HIS A 8 7.74 13.99 15.67
CA HIS A 8 9.02 13.62 16.28
C HIS A 8 10.15 13.70 15.26
N HIS A 9 11.36 13.37 15.71
CA HIS A 9 12.53 13.41 14.83
C HIS A 9 13.26 12.06 14.85
N HIS A 10 13.49 11.51 13.67
CA HIS A 10 14.17 10.22 13.55
C HIS A 10 15.01 10.17 12.27
N SER A 11 16.26 9.75 12.41
CA SER A 11 17.16 9.66 11.26
C SER A 11 17.21 8.23 10.73
N SER A 12 16.17 7.85 9.99
CA SER A 12 16.09 6.50 9.42
C SER A 12 15.34 6.52 8.09
N GLY A 13 16.05 6.16 7.02
CA GLY A 13 15.44 6.14 5.71
C GLY A 13 15.15 4.73 5.22
N LEU A 14 13.91 4.28 5.41
CA LEU A 14 13.51 2.94 4.98
C LEU A 14 12.21 3.00 4.19
N VAL A 15 11.96 4.13 3.55
CA VAL A 15 10.75 4.30 2.74
C VAL A 15 10.74 3.34 1.56
N PRO A 16 9.53 3.03 1.07
CA PRO A 16 9.35 2.12 -0.07
C PRO A 16 9.83 2.72 -1.37
N ARG A 17 11.14 2.71 -1.58
CA ARG A 17 11.73 3.26 -2.80
C ARG A 17 12.62 2.23 -3.49
N GLY A 18 12.71 2.33 -4.81
CA GLY A 18 13.53 1.41 -5.57
C GLY A 18 12.70 0.48 -6.43
N SER A 19 11.89 1.07 -7.32
CA SER A 19 11.04 0.29 -8.21
C SER A 19 10.17 -0.68 -7.42
N HIS A 20 9.82 -0.29 -6.20
CA HIS A 20 8.99 -1.12 -5.34
C HIS A 20 7.51 -0.76 -5.48
N MET A 21 7.16 0.44 -5.01
CA MET A 21 5.78 0.91 -5.09
C MET A 21 5.72 2.31 -5.70
N SER A 22 4.54 2.68 -6.19
CA SER A 22 4.35 3.99 -6.81
C SER A 22 3.01 4.58 -6.40
N VAL A 23 3.03 5.83 -5.95
CA VAL A 23 1.82 6.52 -5.53
C VAL A 23 1.12 7.19 -6.72
N ASP A 24 1.80 7.18 -7.86
CA ASP A 24 1.24 7.78 -9.07
C ASP A 24 0.11 6.94 -9.64
N ASP A 25 -0.06 5.75 -9.08
CA ASP A 25 -1.13 4.85 -9.52
C ASP A 25 -2.33 4.91 -8.58
N ILE A 26 -2.45 6.03 -7.86
CA ILE A 26 -3.55 6.21 -6.93
C ILE A 26 -4.23 7.56 -7.15
N ILE A 27 -5.55 7.57 -7.13
CA ILE A 27 -6.32 8.80 -7.32
C ILE A 27 -7.43 8.92 -6.28
N ILE A 28 -8.27 9.94 -6.44
CA ILE A 28 -9.38 10.17 -5.52
C ILE A 28 -10.60 9.34 -5.92
N LYS A 29 -11.32 8.84 -4.93
CA LYS A 29 -12.51 8.04 -5.16
C LYS A 29 -12.16 6.75 -5.90
N CYS A 30 -10.97 6.22 -5.62
CA CYS A 30 -10.52 4.99 -6.25
C CYS A 30 -10.82 3.77 -5.38
N GLN A 31 -10.83 2.59 -5.99
CA GLN A 31 -11.11 1.36 -5.26
C GLN A 31 -9.81 0.68 -4.82
N CYS A 32 -9.71 0.40 -3.53
CA CYS A 32 -8.52 -0.24 -2.97
C CYS A 32 -8.90 -1.50 -2.20
N TRP A 33 -8.31 -2.63 -2.59
CA TRP A 33 -8.58 -3.90 -1.93
C TRP A 33 -7.53 -4.20 -0.88
N VAL A 34 -7.98 -4.51 0.34
CA VAL A 34 -7.07 -4.82 1.43
C VAL A 34 -6.96 -6.33 1.64
N GLN A 35 -5.77 -6.87 1.36
CA GLN A 35 -5.53 -8.29 1.52
C GLN A 35 -5.15 -8.63 2.96
N LYS A 36 -6.10 -9.16 3.71
CA LYS A 36 -5.87 -9.53 5.10
C LYS A 36 -5.12 -10.85 5.19
N ASN A 37 -4.58 -11.14 6.38
CA ASN A 37 -3.84 -12.37 6.60
C ASN A 37 -4.65 -13.58 6.15
N ASP A 38 -5.79 -13.81 6.78
CA ASP A 38 -6.66 -14.93 6.44
C ASP A 38 -8.06 -14.43 6.07
N GLU A 39 -8.16 -13.16 5.71
CA GLU A 39 -9.43 -12.56 5.34
C GLU A 39 -9.26 -11.61 4.16
N GLU A 40 -10.37 -11.00 3.74
CA GLU A 40 -10.34 -10.07 2.62
C GLU A 40 -11.25 -8.88 2.89
N ARG A 41 -10.69 -7.67 2.81
CA ARG A 41 -11.45 -6.46 3.05
C ARG A 41 -11.37 -5.52 1.84
N LEU A 42 -12.35 -4.64 1.71
CA LEU A 42 -12.39 -3.69 0.61
C LEU A 42 -12.68 -2.28 1.11
N ALA A 43 -11.89 -1.32 0.65
CA ALA A 43 -12.06 0.07 1.05
C ALA A 43 -11.84 1.02 -0.13
N GLU A 44 -12.27 2.26 0.03
CA GLU A 44 -12.12 3.26 -1.02
C GLU A 44 -11.16 4.37 -0.59
N ILE A 45 -10.61 5.08 -1.56
CA ILE A 45 -9.68 6.16 -1.28
C ILE A 45 -10.38 7.52 -1.37
N LEU A 46 -10.25 8.31 -0.31
CA LEU A 46 -10.87 9.64 -0.27
C LEU A 46 -9.83 10.72 -0.57
N SER A 47 -8.76 10.75 0.21
CA SER A 47 -7.71 11.74 0.02
C SER A 47 -6.34 11.13 0.28
N ILE A 48 -5.29 11.93 0.08
CA ILE A 48 -3.92 11.46 0.30
C ILE A 48 -3.09 12.52 1.02
N ASN A 49 -2.42 12.11 2.08
CA ASN A 49 -1.59 13.02 2.86
C ASN A 49 -0.12 12.86 2.50
N THR A 50 0.49 13.93 1.97
CA THR A 50 1.88 13.91 1.58
C THR A 50 2.75 14.65 2.58
N ARG A 51 2.41 14.53 3.86
CA ARG A 51 3.16 15.20 4.91
C ARG A 51 4.32 14.33 5.40
N LYS A 52 4.16 13.02 5.27
CA LYS A 52 5.19 12.07 5.70
C LYS A 52 5.72 11.29 4.51
N ALA A 53 6.68 10.41 4.77
CA ALA A 53 7.28 9.59 3.73
C ALA A 53 7.53 8.16 4.22
N PRO A 54 6.83 7.20 3.60
CA PRO A 54 5.89 7.47 2.52
C PRO A 54 4.64 8.19 3.01
N PRO A 55 3.83 8.70 2.06
CA PRO A 55 2.60 9.42 2.37
C PRO A 55 1.51 8.50 2.92
N LYS A 56 0.35 9.07 3.19
CA LYS A 56 -0.77 8.30 3.72
C LYS A 56 -1.96 8.33 2.76
N PHE A 57 -2.98 7.55 3.06
CA PHE A 57 -4.18 7.48 2.23
C PHE A 57 -5.43 7.30 3.08
N TYR A 58 -6.46 8.10 2.80
CA TYR A 58 -7.71 8.02 3.54
C TYR A 58 -8.57 6.87 3.04
N VAL A 59 -8.89 5.94 3.94
CA VAL A 59 -9.71 4.78 3.58
C VAL A 59 -11.15 4.99 4.00
N HIS A 60 -12.09 4.53 3.17
CA HIS A 60 -13.50 4.67 3.45
C HIS A 60 -14.22 3.33 3.33
N TYR A 61 -15.25 3.13 4.15
CA TYR A 61 -16.02 1.89 4.12
C TYR A 61 -17.35 2.09 3.42
N VAL A 62 -17.85 1.01 2.80
CA VAL A 62 -19.12 1.05 2.10
C VAL A 62 -20.25 0.52 2.96
N ASN A 63 -20.11 0.67 4.27
CA ASN A 63 -21.12 0.19 5.21
C ASN A 63 -21.85 1.36 5.87
N TYR A 64 -21.88 2.49 5.17
CA TYR A 64 -22.55 3.69 5.69
C TYR A 64 -22.05 4.02 7.09
N ASN A 65 -20.77 3.80 7.32
CA ASN A 65 -20.16 4.08 8.63
C ASN A 65 -19.17 5.23 8.53
N LYS A 66 -19.47 6.32 9.24
CA LYS A 66 -18.61 7.50 9.24
C LYS A 66 -17.56 7.40 10.33
N ARG A 67 -17.91 6.73 11.43
CA ARG A 67 -16.98 6.57 12.55
C ARG A 67 -15.82 5.65 12.17
N LEU A 68 -16.06 4.76 11.21
CA LEU A 68 -15.03 3.84 10.76
C LEU A 68 -14.10 4.51 9.75
N ASP A 69 -14.65 5.43 8.97
CA ASP A 69 -13.87 6.14 7.96
C ASP A 69 -12.63 6.77 8.59
N GLU A 70 -11.47 6.17 8.34
CA GLU A 70 -10.22 6.68 8.88
C GLU A 70 -9.14 6.72 7.79
N TRP A 71 -7.93 7.10 8.19
CA TRP A 71 -6.82 7.19 7.25
C TRP A 71 -5.67 6.27 7.69
N ILE A 72 -5.08 5.57 6.74
CA ILE A 72 -3.98 4.67 7.02
C ILE A 72 -2.85 4.84 6.03
N THR A 73 -1.81 4.03 6.16
CA THR A 73 -0.66 4.09 5.27
C THR A 73 -0.71 2.99 4.22
N THR A 74 0.34 2.90 3.40
CA THR A 74 0.41 1.89 2.37
C THR A 74 0.86 0.55 2.93
N ASP A 75 1.39 0.58 4.14
CA ASP A 75 1.87 -0.64 4.80
C ASP A 75 0.75 -1.69 4.86
N ARG A 76 -0.49 -1.22 4.85
CA ARG A 76 -1.64 -2.12 4.91
C ARG A 76 -2.30 -2.24 3.54
N ILE A 77 -2.15 -1.21 2.72
CA ILE A 77 -2.73 -1.20 1.38
C ILE A 77 -1.69 -1.55 0.33
N ASN A 78 -1.91 -2.66 -0.37
CA ASN A 78 -1.00 -3.11 -1.41
C ASN A 78 -1.01 -2.16 -2.60
N LEU A 79 0.13 -1.99 -3.24
CA LEU A 79 0.25 -1.11 -4.40
C LEU A 79 0.26 -1.92 -5.70
N ASP A 80 1.27 -2.76 -5.85
CA ASP A 80 1.40 -3.59 -7.04
C ASP A 80 1.34 -5.07 -6.68
N LYS A 81 2.43 -5.58 -6.10
CA LYS A 81 2.50 -6.98 -5.70
C LYS A 81 2.92 -7.10 -4.24
N GLU A 82 3.11 -8.35 -3.80
CA GLU A 82 3.51 -8.60 -2.42
C GLU A 82 4.90 -8.03 -2.13
N VAL A 83 5.10 -7.59 -0.89
CA VAL A 83 6.38 -7.01 -0.49
C VAL A 83 7.07 -7.88 0.55
N LEU A 84 8.37 -7.67 0.74
CA LEU A 84 9.14 -8.43 1.71
C LEU A 84 9.55 -7.56 2.88
N TYR A 85 8.71 -7.51 3.90
CA TYR A 85 8.99 -6.71 5.09
C TYR A 85 8.91 -7.56 6.36
N PRO A 86 10.04 -8.22 6.69
CA PRO A 86 10.13 -9.08 7.88
C PRO A 86 10.09 -8.28 9.17
N LYS A 87 8.93 -8.29 9.83
CA LYS A 87 8.76 -7.57 11.08
C LYS A 87 7.78 -8.30 12.00
N LEU A 88 7.76 -7.90 13.26
CA LEU A 88 6.86 -8.51 14.24
C LEU A 88 5.69 -7.59 14.57
N LYS A 89 4.61 -8.16 15.08
CA LYS A 89 3.43 -7.39 15.44
C LYS A 89 2.49 -8.22 16.31
N ALA A 90 2.24 -7.72 17.53
CA ALA A 90 1.36 -8.41 18.46
C ALA A 90 -0.10 -8.13 18.14
N THR A 91 -0.96 -9.10 18.42
CA THR A 91 -2.39 -8.95 18.15
C THR A 91 -3.04 -8.04 19.19
N ASP A 92 -2.84 -6.74 19.03
CA ASP A 92 -3.42 -5.76 19.94
C ASP A 92 -4.77 -5.26 19.43
N GLU A 93 -5.53 -4.63 20.32
CA GLU A 93 -6.85 -4.11 19.96
C GLU A 93 -7.31 -3.06 20.95
N ASP A 94 -8.18 -2.15 20.50
CA ASP A 94 -8.69 -1.10 21.36
C ASP A 94 -10.20 -0.97 21.20
N MET A 1 31.58 -8.55 -24.74
CA MET A 1 31.18 -9.68 -23.90
C MET A 1 31.86 -9.61 -22.53
N GLY A 2 32.11 -8.38 -22.06
CA GLY A 2 32.76 -8.21 -20.78
C GLY A 2 32.11 -7.10 -19.95
N SER A 3 30.78 -7.04 -19.99
CA SER A 3 30.05 -6.02 -19.25
C SER A 3 28.71 -6.57 -18.76
N SER A 4 28.49 -6.49 -17.46
CA SER A 4 27.25 -6.97 -16.86
C SER A 4 26.31 -5.82 -16.54
N HIS A 5 25.01 -6.11 -16.51
CA HIS A 5 24.01 -5.09 -16.21
C HIS A 5 23.43 -5.28 -14.81
N HIS A 6 24.00 -4.57 -13.84
CA HIS A 6 23.55 -4.67 -12.45
C HIS A 6 23.94 -3.41 -11.67
N HIS A 7 23.09 -3.03 -10.72
CA HIS A 7 23.35 -1.85 -9.90
C HIS A 7 22.31 -1.74 -8.78
N HIS A 8 22.79 -1.59 -7.55
CA HIS A 8 21.90 -1.47 -6.40
C HIS A 8 22.44 -0.45 -5.41
N HIS A 9 21.54 0.15 -4.63
CA HIS A 9 21.92 1.16 -3.65
C HIS A 9 20.73 1.56 -2.78
N HIS A 10 20.93 1.59 -1.48
CA HIS A 10 19.88 1.96 -0.54
C HIS A 10 20.35 3.04 0.42
N SER A 11 19.45 3.49 1.29
CA SER A 11 19.78 4.53 2.27
C SER A 11 19.07 4.27 3.59
N SER A 12 19.35 5.12 4.57
CA SER A 12 18.75 4.98 5.90
C SER A 12 17.24 5.20 5.84
N GLY A 13 16.59 5.16 6.99
CA GLY A 13 15.15 5.36 7.04
C GLY A 13 14.40 4.05 7.21
N LEU A 14 13.09 4.15 7.40
CA LEU A 14 12.25 2.97 7.58
C LEU A 14 11.05 3.00 6.64
N VAL A 15 11.19 2.36 5.48
CA VAL A 15 10.12 2.31 4.50
C VAL A 15 10.07 0.94 3.82
N PRO A 16 8.88 0.60 3.29
CA PRO A 16 8.66 -0.68 2.60
C PRO A 16 9.40 -0.76 1.27
N ARG A 17 9.53 -1.97 0.73
CA ARG A 17 10.21 -2.18 -0.54
C ARG A 17 9.31 -2.93 -1.51
N GLY A 18 9.83 -3.16 -2.71
CA GLY A 18 9.06 -3.87 -3.72
C GLY A 18 9.48 -3.51 -5.14
N SER A 19 9.46 -2.21 -5.45
CA SER A 19 9.84 -1.75 -6.78
C SER A 19 8.90 -2.29 -7.85
N HIS A 20 7.63 -2.50 -7.46
CA HIS A 20 6.63 -3.02 -8.37
C HIS A 20 5.31 -2.27 -8.21
N MET A 21 5.35 -1.18 -7.47
CA MET A 21 4.14 -0.37 -7.23
C MET A 21 4.47 1.12 -7.27
N SER A 22 3.46 1.94 -7.52
CA SER A 22 3.64 3.38 -7.59
C SER A 22 2.48 4.11 -6.93
N VAL A 23 2.80 5.04 -6.04
CA VAL A 23 1.78 5.82 -5.33
C VAL A 23 1.36 7.03 -6.14
N ASP A 24 2.29 7.55 -6.94
CA ASP A 24 2.00 8.72 -7.77
C ASP A 24 0.97 8.40 -8.84
N ASP A 25 0.70 7.11 -9.02
CA ASP A 25 -0.27 6.66 -10.01
C ASP A 25 -1.62 6.36 -9.36
N ILE A 26 -1.87 7.00 -8.22
CA ILE A 26 -3.12 6.81 -7.50
C ILE A 26 -4.00 8.06 -7.57
N ILE A 27 -5.24 7.88 -7.99
CA ILE A 27 -6.17 8.99 -8.10
C ILE A 27 -7.15 9.00 -6.92
N ILE A 28 -8.13 9.89 -6.99
CA ILE A 28 -9.13 10.01 -5.94
C ILE A 28 -10.41 9.26 -6.29
N LYS A 29 -11.11 8.78 -5.28
CA LYS A 29 -12.35 8.04 -5.49
C LYS A 29 -12.09 6.74 -6.25
N CYS A 30 -10.91 6.17 -6.04
CA CYS A 30 -10.53 4.93 -6.71
C CYS A 30 -10.72 3.74 -5.77
N GLN A 31 -10.85 2.55 -6.36
CA GLN A 31 -11.03 1.34 -5.57
C GLN A 31 -9.69 0.68 -5.24
N CYS A 32 -9.54 0.27 -3.99
CA CYS A 32 -8.30 -0.36 -3.54
C CYS A 32 -8.59 -1.53 -2.61
N TRP A 33 -8.04 -2.69 -2.94
CA TRP A 33 -8.24 -3.89 -2.14
C TRP A 33 -7.43 -3.83 -0.84
N VAL A 34 -8.06 -4.18 0.27
CA VAL A 34 -7.40 -4.16 1.56
C VAL A 34 -6.94 -5.57 1.97
N GLN A 35 -5.64 -5.77 2.02
CA GLN A 35 -5.08 -7.06 2.39
C GLN A 35 -4.83 -7.13 3.89
N LYS A 36 -5.67 -7.91 4.59
CA LYS A 36 -5.54 -8.07 6.03
C LYS A 36 -4.54 -9.17 6.38
N ASN A 37 -4.12 -9.20 7.63
CA ASN A 37 -3.16 -10.20 8.08
C ASN A 37 -3.63 -11.61 7.71
N ASP A 38 -4.87 -11.93 8.08
CA ASP A 38 -5.44 -13.24 7.79
C ASP A 38 -6.85 -13.10 7.22
N GLU A 39 -7.13 -11.95 6.62
CA GLU A 39 -8.44 -11.69 6.04
C GLU A 39 -8.31 -10.95 4.71
N GLU A 40 -9.44 -10.73 4.05
CA GLU A 40 -9.45 -10.03 2.77
C GLU A 40 -10.65 -9.09 2.68
N ARG A 41 -10.37 -7.79 2.57
CA ARG A 41 -11.42 -6.79 2.48
C ARG A 41 -11.16 -5.84 1.31
N LEU A 42 -12.10 -4.91 1.09
CA LEU A 42 -11.97 -3.95 0.00
C LEU A 42 -12.45 -2.57 0.44
N ALA A 43 -11.65 -1.55 0.13
CA ALA A 43 -12.00 -0.18 0.49
C ALA A 43 -11.75 0.77 -0.68
N GLU A 44 -12.14 2.03 -0.50
CA GLU A 44 -11.95 3.04 -1.53
C GLU A 44 -11.02 4.15 -1.07
N ILE A 45 -10.48 4.91 -2.01
CA ILE A 45 -9.57 6.00 -1.68
C ILE A 45 -10.30 7.35 -1.72
N LEU A 46 -10.30 8.04 -0.58
CA LEU A 46 -10.95 9.34 -0.47
C LEU A 46 -9.94 10.47 -0.57
N SER A 47 -9.11 10.60 0.47
CA SER A 47 -8.10 11.64 0.51
C SER A 47 -6.70 11.04 0.69
N ILE A 48 -5.68 11.81 0.35
CA ILE A 48 -4.30 11.35 0.48
C ILE A 48 -3.46 12.34 1.28
N ASN A 49 -2.42 11.84 1.92
CA ASN A 49 -1.54 12.68 2.72
C ASN A 49 -0.07 12.37 2.41
N THR A 50 0.70 13.41 2.10
CA THR A 50 2.11 13.25 1.79
C THR A 50 2.98 13.98 2.80
N ARG A 51 2.64 13.85 4.08
CA ARG A 51 3.39 14.48 5.15
C ARG A 51 4.31 13.50 5.86
N LYS A 52 4.48 12.33 5.25
CA LYS A 52 5.34 11.28 5.81
C LYS A 52 5.86 10.36 4.72
N ALA A 53 6.69 9.40 5.11
CA ALA A 53 7.26 8.45 4.17
C ALA A 53 7.31 7.04 4.77
N PRO A 54 6.54 6.12 4.17
CA PRO A 54 5.70 6.43 3.01
C PRO A 54 4.51 7.31 3.38
N PRO A 55 3.83 7.85 2.35
CA PRO A 55 2.68 8.72 2.53
C PRO A 55 1.46 7.98 3.08
N LYS A 56 0.51 8.72 3.62
CA LYS A 56 -0.70 8.13 4.17
C LYS A 56 -1.87 8.25 3.19
N PHE A 57 -2.92 7.48 3.43
CA PHE A 57 -4.10 7.50 2.57
C PHE A 57 -5.37 7.28 3.38
N TYR A 58 -6.49 7.75 2.84
CA TYR A 58 -7.78 7.61 3.52
C TYR A 58 -8.61 6.51 2.88
N VAL A 59 -8.85 5.45 3.64
CA VAL A 59 -9.64 4.32 3.16
C VAL A 59 -11.09 4.44 3.58
N HIS A 60 -12.00 4.17 2.65
CA HIS A 60 -13.43 4.24 2.92
C HIS A 60 -14.09 2.88 2.75
N TYR A 61 -15.26 2.72 3.36
CA TYR A 61 -15.99 1.46 3.27
C TYR A 61 -17.12 1.55 2.24
N VAL A 62 -17.97 0.54 2.21
CA VAL A 62 -19.08 0.50 1.28
C VAL A 62 -20.25 -0.30 1.84
N ASN A 63 -21.29 0.41 2.29
CA ASN A 63 -22.46 -0.24 2.85
C ASN A 63 -22.10 -1.10 4.06
N TYR A 64 -21.42 -0.49 5.02
CA TYR A 64 -21.00 -1.19 6.23
C TYR A 64 -20.79 -0.22 7.38
N ASN A 65 -20.20 -0.71 8.47
CA ASN A 65 -19.95 0.12 9.64
C ASN A 65 -19.18 1.38 9.27
N LYS A 66 -19.00 2.27 10.24
CA LYS A 66 -18.29 3.53 10.00
C LYS A 66 -16.85 3.42 10.51
N ARG A 67 -16.60 2.45 11.38
CA ARG A 67 -15.27 2.24 11.94
C ARG A 67 -14.25 2.03 10.83
N LEU A 68 -14.71 1.55 9.68
CA LEU A 68 -13.84 1.29 8.55
C LEU A 68 -13.43 2.60 7.86
N ASP A 69 -14.25 3.63 8.06
CA ASP A 69 -13.98 4.95 7.47
C ASP A 69 -12.83 5.64 8.20
N GLU A 70 -11.60 5.19 7.90
CA GLU A 70 -10.42 5.77 8.51
C GLU A 70 -9.29 5.91 7.50
N TRP A 71 -8.12 6.34 7.98
CA TRP A 71 -6.97 6.52 7.11
C TRP A 71 -5.79 5.68 7.59
N ILE A 72 -5.08 5.06 6.66
CA ILE A 72 -3.93 4.22 6.99
C ILE A 72 -2.79 4.46 6.03
N THR A 73 -1.69 3.73 6.22
CA THR A 73 -0.52 3.85 5.36
C THR A 73 -0.48 2.74 4.33
N THR A 74 0.58 2.72 3.52
CA THR A 74 0.74 1.71 2.49
C THR A 74 1.13 0.36 3.09
N ASP A 75 1.65 0.40 4.32
CA ASP A 75 2.06 -0.81 5.01
C ASP A 75 0.90 -1.79 5.13
N ARG A 76 -0.31 -1.26 5.08
CA ARG A 76 -1.51 -2.08 5.20
C ARG A 76 -2.32 -2.04 3.89
N ILE A 77 -2.00 -1.08 3.03
CA ILE A 77 -2.70 -0.95 1.76
C ILE A 77 -1.89 -1.57 0.62
N ASN A 78 -2.60 -2.16 -0.33
CA ASN A 78 -1.94 -2.79 -1.49
C ASN A 78 -2.40 -2.14 -2.79
N LEU A 79 -1.44 -1.68 -3.58
CA LEU A 79 -1.74 -1.04 -4.85
C LEU A 79 -2.55 -1.97 -5.75
N ASP A 80 -2.90 -1.47 -6.93
CA ASP A 80 -3.68 -2.27 -7.89
C ASP A 80 -2.78 -2.86 -8.96
N LYS A 81 -1.59 -2.27 -9.13
CA LYS A 81 -0.64 -2.75 -10.12
C LYS A 81 -0.31 -4.22 -9.90
N GLU A 82 0.52 -4.77 -10.78
CA GLU A 82 0.91 -6.18 -10.67
C GLU A 82 1.43 -6.50 -9.28
N VAL A 83 0.98 -7.62 -8.73
CA VAL A 83 1.39 -8.05 -7.40
C VAL A 83 1.85 -9.50 -7.41
N LEU A 84 3.10 -9.72 -7.01
CA LEU A 84 3.67 -11.06 -6.97
C LEU A 84 4.40 -11.31 -5.64
N TYR A 85 3.67 -11.81 -4.66
CA TYR A 85 4.24 -12.09 -3.35
C TYR A 85 4.28 -13.58 -3.07
N PRO A 86 5.35 -14.24 -3.54
CA PRO A 86 5.53 -15.68 -3.35
C PRO A 86 5.81 -16.05 -1.90
N LYS A 87 5.20 -17.14 -1.44
CA LYS A 87 5.38 -17.60 -0.08
C LYS A 87 6.68 -18.38 0.07
N LEU A 88 7.26 -18.35 1.27
CA LEU A 88 8.50 -19.07 1.53
C LEU A 88 8.33 -20.57 1.30
N LYS A 89 9.44 -21.30 1.32
CA LYS A 89 9.42 -22.74 1.13
C LYS A 89 8.69 -23.43 2.26
N ALA A 90 7.59 -24.09 1.94
CA ALA A 90 6.79 -24.81 2.94
C ALA A 90 6.44 -26.21 2.47
N THR A 91 6.87 -27.21 3.23
CA THR A 91 6.60 -28.60 2.88
C THR A 91 5.13 -28.95 3.13
N ASP A 92 4.26 -28.53 2.21
CA ASP A 92 2.83 -28.80 2.34
C ASP A 92 2.39 -29.82 1.29
N GLU A 93 1.18 -30.37 1.48
CA GLU A 93 0.65 -31.35 0.55
C GLU A 93 -0.82 -31.05 0.22
N ASP A 94 -1.18 -31.17 -1.04
CA ASP A 94 -2.54 -30.91 -1.49
C ASP A 94 -3.08 -32.08 -2.32
N MET A 1 -0.23 -10.78 24.11
CA MET A 1 -0.39 -12.22 24.25
C MET A 1 -1.26 -12.79 23.13
N GLY A 2 -0.60 -13.43 22.16
CA GLY A 2 -1.33 -14.01 21.05
C GLY A 2 -0.86 -15.42 20.71
N SER A 3 -0.32 -15.59 19.51
CA SER A 3 0.16 -16.89 19.07
C SER A 3 0.94 -16.77 17.76
N SER A 4 1.67 -17.83 17.42
CA SER A 4 2.46 -17.84 16.19
C SER A 4 1.79 -18.70 15.12
N HIS A 5 0.92 -18.06 14.33
CA HIS A 5 0.22 -18.76 13.26
C HIS A 5 0.74 -18.34 11.89
N HIS A 6 1.93 -18.82 11.55
CA HIS A 6 2.55 -18.49 10.27
C HIS A 6 2.72 -16.98 10.12
N HIS A 7 3.48 -16.38 11.02
CA HIS A 7 3.72 -14.94 10.99
C HIS A 7 5.22 -14.64 11.05
N HIS A 8 5.69 -13.80 10.14
CA HIS A 8 7.09 -13.43 10.08
C HIS A 8 7.28 -11.95 10.42
N HIS A 9 6.59 -11.09 9.66
CA HIS A 9 6.68 -9.65 9.89
C HIS A 9 8.14 -9.18 9.81
N HIS A 10 8.95 -9.88 9.03
CA HIS A 10 10.35 -9.54 8.87
C HIS A 10 10.51 -8.09 8.42
N SER A 11 9.52 -7.59 7.68
CA SER A 11 9.56 -6.23 7.18
C SER A 11 9.12 -5.24 8.26
N SER A 12 10.09 -4.64 8.94
CA SER A 12 9.81 -3.69 10.00
C SER A 12 10.74 -2.47 9.90
N GLY A 13 10.28 -1.35 10.42
CA GLY A 13 11.09 -0.14 10.38
C GLY A 13 10.24 1.12 10.30
N LEU A 14 10.75 2.14 9.63
CA LEU A 14 10.05 3.41 9.48
C LEU A 14 9.37 3.49 8.11
N VAL A 15 10.18 3.39 7.06
CA VAL A 15 9.67 3.46 5.69
C VAL A 15 9.85 2.13 4.97
N PRO A 16 8.79 1.66 4.30
CA PRO A 16 8.82 0.40 3.56
C PRO A 16 9.70 0.48 2.31
N ARG A 17 10.43 -0.60 2.04
CA ARG A 17 11.32 -0.64 0.88
C ARG A 17 10.88 -1.75 -0.08
N GLY A 18 11.53 -1.80 -1.24
CA GLY A 18 11.20 -2.82 -2.23
C GLY A 18 9.74 -2.75 -2.65
N SER A 19 9.36 -1.64 -3.29
CA SER A 19 7.99 -1.46 -3.74
C SER A 19 7.89 -1.58 -5.26
N HIS A 20 6.79 -2.16 -5.73
CA HIS A 20 6.58 -2.34 -7.17
C HIS A 20 5.93 -1.10 -7.78
N MET A 21 4.78 -0.71 -7.24
CA MET A 21 4.05 0.45 -7.72
C MET A 21 4.12 1.60 -6.73
N SER A 22 3.53 2.73 -7.08
CA SER A 22 3.53 3.91 -6.22
C SER A 22 2.18 4.61 -6.25
N VAL A 23 2.12 5.79 -5.63
CA VAL A 23 0.88 6.56 -5.58
C VAL A 23 0.50 7.06 -6.96
N ASP A 24 1.44 6.98 -7.90
CA ASP A 24 1.20 7.43 -9.27
C ASP A 24 0.01 6.71 -9.88
N ASP A 25 -0.28 5.51 -9.38
CA ASP A 25 -1.39 4.71 -9.88
C ASP A 25 -2.60 4.85 -8.97
N ILE A 26 -2.58 5.86 -8.11
CA ILE A 26 -3.69 6.09 -7.18
C ILE A 26 -4.33 7.45 -7.43
N ILE A 27 -5.65 7.51 -7.29
CA ILE A 27 -6.39 8.75 -7.50
C ILE A 27 -7.44 8.96 -6.41
N ILE A 28 -8.26 9.99 -6.57
CA ILE A 28 -9.29 10.30 -5.60
C ILE A 28 -10.56 9.48 -5.87
N LYS A 29 -11.16 8.97 -4.80
CA LYS A 29 -12.37 8.17 -4.93
C LYS A 29 -12.11 6.89 -5.72
N CYS A 30 -10.91 6.34 -5.57
CA CYS A 30 -10.53 5.12 -6.27
C CYS A 30 -10.81 3.90 -5.42
N GLN A 31 -10.94 2.74 -6.07
CA GLN A 31 -11.21 1.49 -5.36
C GLN A 31 -9.92 0.78 -5.00
N CYS A 32 -9.70 0.56 -3.71
CA CYS A 32 -8.50 -0.11 -3.23
C CYS A 32 -8.86 -1.30 -2.36
N TRP A 33 -8.39 -2.48 -2.75
CA TRP A 33 -8.65 -3.71 -2.00
C TRP A 33 -7.58 -3.95 -0.95
N VAL A 34 -8.02 -4.26 0.27
CA VAL A 34 -7.09 -4.51 1.37
C VAL A 34 -6.90 -6.01 1.60
N GLN A 35 -5.70 -6.50 1.30
CA GLN A 35 -5.40 -7.92 1.48
C GLN A 35 -5.01 -8.22 2.92
N LYS A 36 -5.95 -8.77 3.68
CA LYS A 36 -5.72 -9.11 5.07
C LYS A 36 -4.94 -10.41 5.19
N ASN A 37 -4.40 -10.67 6.38
CA ASN A 37 -3.63 -11.89 6.62
C ASN A 37 -4.41 -13.12 6.17
N ASP A 38 -5.56 -13.35 6.79
CA ASP A 38 -6.41 -14.49 6.45
C ASP A 38 -7.81 -14.03 6.06
N GLU A 39 -7.93 -12.76 5.68
CA GLU A 39 -9.22 -12.20 5.29
C GLU A 39 -9.06 -11.27 4.09
N GLU A 40 -10.18 -10.73 3.61
CA GLU A 40 -10.16 -9.82 2.48
C GLU A 40 -11.15 -8.68 2.68
N ARG A 41 -10.66 -7.45 2.52
CA ARG A 41 -11.50 -6.26 2.69
C ARG A 41 -11.38 -5.34 1.48
N LEU A 42 -12.33 -4.43 1.35
CA LEU A 42 -12.34 -3.47 0.24
C LEU A 42 -12.75 -2.09 0.71
N ALA A 43 -11.94 -1.09 0.39
CA ALA A 43 -12.23 0.29 0.78
C ALA A 43 -11.88 1.26 -0.34
N GLU A 44 -12.48 2.44 -0.31
CA GLU A 44 -12.23 3.45 -1.33
C GLU A 44 -11.25 4.50 -0.82
N ILE A 45 -10.70 5.29 -1.73
CA ILE A 45 -9.74 6.33 -1.38
C ILE A 45 -10.42 7.70 -1.31
N LEU A 46 -10.14 8.44 -0.25
CA LEU A 46 -10.72 9.77 -0.07
C LEU A 46 -9.69 10.86 -0.35
N SER A 47 -8.70 10.96 0.53
CA SER A 47 -7.64 11.96 0.38
C SER A 47 -6.27 11.34 0.61
N ILE A 48 -5.23 12.11 0.33
CA ILE A 48 -3.86 11.64 0.51
C ILE A 48 -2.98 12.70 1.16
N ASN A 49 -2.17 12.29 2.13
CA ASN A 49 -1.29 13.20 2.84
C ASN A 49 0.13 13.12 2.28
N THR A 50 0.75 14.28 2.08
CA THR A 50 2.12 14.33 1.55
C THR A 50 3.02 15.15 2.46
N ARG A 51 2.65 15.25 3.74
CA ARG A 51 3.43 16.01 4.71
C ARG A 51 4.70 15.25 5.09
N LYS A 52 4.55 13.97 5.40
CA LYS A 52 5.70 13.13 5.78
C LYS A 52 5.63 11.78 5.09
N ALA A 53 6.79 11.15 4.91
CA ALA A 53 6.86 9.85 4.26
C ALA A 53 7.04 8.74 5.29
N PRO A 54 6.50 7.55 4.98
CA PRO A 54 5.80 7.31 3.71
C PRO A 54 4.45 8.04 3.66
N PRO A 55 3.88 8.12 2.44
CA PRO A 55 2.59 8.78 2.23
C PRO A 55 1.42 8.01 2.84
N LYS A 56 0.39 8.74 3.25
CA LYS A 56 -0.78 8.12 3.85
C LYS A 56 -1.98 8.20 2.91
N PHE A 57 -3.02 7.42 3.21
CA PHE A 57 -4.22 7.40 2.39
C PHE A 57 -5.46 7.16 3.24
N TYR A 58 -6.44 8.04 3.11
CA TYR A 58 -7.68 7.94 3.87
C TYR A 58 -8.63 6.93 3.23
N VAL A 59 -8.78 5.77 3.87
CA VAL A 59 -9.67 4.73 3.36
C VAL A 59 -11.05 4.82 3.99
N HIS A 60 -12.08 4.67 3.16
CA HIS A 60 -13.46 4.73 3.63
C HIS A 60 -14.22 3.47 3.25
N TYR A 61 -15.05 2.99 4.18
CA TYR A 61 -15.83 1.78 3.95
C TYR A 61 -17.27 2.13 3.58
N VAL A 62 -17.76 1.51 2.50
CA VAL A 62 -19.12 1.75 2.04
C VAL A 62 -20.12 0.88 2.79
N ASN A 63 -20.09 0.97 4.12
CA ASN A 63 -20.99 0.18 4.95
C ASN A 63 -21.98 1.09 5.67
N TYR A 64 -22.90 0.49 6.43
CA TYR A 64 -23.91 1.24 7.16
C TYR A 64 -23.26 2.20 8.14
N ASN A 65 -22.04 1.87 8.58
CA ASN A 65 -21.31 2.71 9.52
C ASN A 65 -20.31 3.60 8.78
N LYS A 66 -20.39 4.90 9.03
CA LYS A 66 -19.49 5.86 8.41
C LYS A 66 -18.20 6.00 9.21
N ARG A 67 -18.27 5.70 10.50
CA ARG A 67 -17.11 5.79 11.38
C ARG A 67 -15.98 4.91 10.87
N LEU A 68 -16.32 3.90 10.08
CA LEU A 68 -15.33 2.98 9.53
C LEU A 68 -14.23 3.74 8.79
N ASP A 69 -14.59 4.91 8.27
CA ASP A 69 -13.64 5.74 7.54
C ASP A 69 -12.43 6.06 8.39
N GLU A 70 -11.28 5.50 8.02
CA GLU A 70 -10.04 5.73 8.76
C GLU A 70 -8.87 5.94 7.81
N TRP A 71 -7.74 6.40 8.35
CA TRP A 71 -6.55 6.65 7.55
C TRP A 71 -5.50 5.58 7.80
N ILE A 72 -4.89 5.09 6.72
CA ILE A 72 -3.87 4.07 6.82
C ILE A 72 -2.66 4.40 5.95
N THR A 73 -1.61 3.59 6.06
CA THR A 73 -0.39 3.81 5.29
C THR A 73 -0.35 2.89 4.07
N THR A 74 0.78 2.89 3.38
CA THR A 74 0.96 2.07 2.19
C THR A 74 1.05 0.59 2.55
N ASP A 75 1.52 0.32 3.76
CA ASP A 75 1.66 -1.07 4.23
C ASP A 75 0.30 -1.77 4.22
N ARG A 76 -0.70 -1.12 4.78
CA ARG A 76 -2.05 -1.69 4.83
C ARG A 76 -2.63 -1.86 3.43
N ILE A 77 -2.03 -1.16 2.47
CA ILE A 77 -2.49 -1.23 1.08
C ILE A 77 -1.61 -2.18 0.27
N ASN A 78 -2.21 -3.25 -0.24
CA ASN A 78 -1.48 -4.23 -1.04
C ASN A 78 -1.21 -3.69 -2.44
N LEU A 79 -0.23 -2.80 -2.55
CA LEU A 79 0.12 -2.20 -3.82
C LEU A 79 1.11 -3.08 -4.58
N ASP A 80 0.66 -4.26 -4.97
CA ASP A 80 1.50 -5.21 -5.71
C ASP A 80 0.99 -5.41 -7.13
N LYS A 81 0.29 -4.40 -7.65
CA LYS A 81 -0.25 -4.46 -8.99
C LYS A 81 0.84 -4.25 -10.04
N GLU A 82 0.53 -4.56 -11.29
CA GLU A 82 1.50 -4.41 -12.38
C GLU A 82 1.10 -3.26 -13.30
N VAL A 83 2.10 -2.55 -13.81
CA VAL A 83 1.86 -1.42 -14.70
C VAL A 83 1.76 -1.89 -16.16
N LEU A 84 0.78 -1.36 -16.87
CA LEU A 84 0.59 -1.72 -18.28
C LEU A 84 1.26 -0.70 -19.19
N TYR A 85 2.34 -1.13 -19.85
CA TYR A 85 3.07 -0.25 -20.76
C TYR A 85 3.05 -0.80 -22.18
N PRO A 86 1.99 -0.47 -22.93
CA PRO A 86 1.82 -0.91 -24.31
C PRO A 86 2.82 -0.26 -25.26
N LYS A 87 3.48 -1.07 -26.07
CA LYS A 87 4.46 -0.57 -27.03
C LYS A 87 3.83 0.45 -27.98
N LEU A 88 4.59 1.48 -28.32
CA LEU A 88 4.11 2.52 -29.23
C LEU A 88 5.27 3.25 -29.89
N LYS A 89 4.97 3.95 -30.98
CA LYS A 89 5.99 4.71 -31.70
C LYS A 89 5.39 5.93 -32.38
N ALA A 90 6.22 6.94 -32.60
CA ALA A 90 5.76 8.18 -33.24
C ALA A 90 5.69 8.01 -34.75
N THR A 91 4.57 8.40 -35.34
CA THR A 91 4.37 8.30 -36.78
C THR A 91 4.16 9.67 -37.41
N ASP A 92 4.37 9.75 -38.72
CA ASP A 92 4.20 11.01 -39.44
C ASP A 92 3.82 10.75 -40.90
N GLU A 93 2.65 11.25 -41.29
CA GLU A 93 2.17 11.07 -42.65
C GLU A 93 2.17 12.40 -43.40
N ASP A 94 2.38 12.33 -44.72
CA ASP A 94 2.40 13.51 -45.55
C ASP A 94 1.16 13.58 -46.44
N MET A 1 3.27 -14.36 -29.64
CA MET A 1 4.18 -13.66 -28.72
C MET A 1 3.63 -13.68 -27.30
N GLY A 2 2.89 -14.73 -26.96
CA GLY A 2 2.31 -14.86 -25.63
C GLY A 2 3.09 -15.82 -24.75
N SER A 3 2.78 -15.82 -23.46
CA SER A 3 3.45 -16.69 -22.51
C SER A 3 2.45 -17.58 -21.78
N SER A 4 2.91 -18.74 -21.32
CA SER A 4 2.05 -19.68 -20.62
C SER A 4 2.69 -20.10 -19.29
N HIS A 5 2.73 -19.19 -18.34
CA HIS A 5 3.32 -19.47 -17.03
C HIS A 5 3.04 -18.32 -16.06
N HIS A 6 2.55 -18.67 -14.86
CA HIS A 6 2.25 -17.67 -13.85
C HIS A 6 3.53 -17.05 -13.29
N HIS A 7 3.38 -15.93 -12.60
CA HIS A 7 4.52 -15.23 -12.02
C HIS A 7 4.26 -14.88 -10.56
N HIS A 8 5.21 -14.18 -9.94
CA HIS A 8 5.08 -13.78 -8.54
C HIS A 8 5.63 -12.38 -8.33
N HIS A 9 5.64 -11.93 -7.08
CA HIS A 9 6.13 -10.60 -6.75
C HIS A 9 6.74 -10.59 -5.35
N HIS A 10 7.56 -9.57 -5.07
CA HIS A 10 8.20 -9.43 -3.78
C HIS A 10 8.34 -7.97 -3.38
N SER A 11 8.49 -7.72 -2.08
CA SER A 11 8.62 -6.36 -1.58
C SER A 11 8.84 -6.37 -0.06
N SER A 12 9.62 -5.41 0.41
CA SER A 12 9.92 -5.31 1.84
C SER A 12 10.74 -4.05 2.13
N GLY A 13 10.70 -3.61 3.38
CA GLY A 13 11.45 -2.42 3.77
C GLY A 13 10.59 -1.43 4.53
N LEU A 14 10.88 -0.14 4.35
CA LEU A 14 10.13 0.91 5.02
C LEU A 14 9.10 1.54 4.07
N VAL A 15 9.60 2.35 3.14
CA VAL A 15 8.73 3.02 2.17
C VAL A 15 8.55 2.17 0.92
N PRO A 16 7.41 2.34 0.23
CA PRO A 16 7.10 1.60 -0.98
C PRO A 16 7.97 2.02 -2.16
N ARG A 17 8.67 3.14 -2.01
CA ARG A 17 9.55 3.66 -3.05
C ARG A 17 10.52 2.58 -3.53
N GLY A 18 10.25 2.01 -4.69
CA GLY A 18 11.10 0.97 -5.24
C GLY A 18 10.34 -0.02 -6.07
N SER A 19 9.23 -0.53 -5.54
CA SER A 19 8.41 -1.50 -6.26
C SER A 19 8.10 -1.02 -7.66
N HIS A 20 7.56 -1.92 -8.48
CA HIS A 20 7.21 -1.59 -9.86
C HIS A 20 6.34 -0.34 -9.91
N MET A 21 5.32 -0.28 -9.05
CA MET A 21 4.42 0.85 -8.99
C MET A 21 4.38 1.46 -7.59
N SER A 22 3.94 2.70 -7.49
CA SER A 22 3.87 3.38 -6.21
C SER A 22 2.59 4.23 -6.12
N VAL A 23 2.50 5.05 -5.07
CA VAL A 23 1.34 5.91 -4.88
C VAL A 23 1.14 6.83 -6.07
N ASP A 24 2.21 7.06 -6.82
CA ASP A 24 2.14 7.93 -7.99
C ASP A 24 1.12 7.42 -8.99
N ASP A 25 0.79 6.13 -8.89
CA ASP A 25 -0.18 5.52 -9.79
C ASP A 25 -1.55 5.41 -9.13
N ILE A 26 -1.80 6.28 -8.14
CA ILE A 26 -3.06 6.27 -7.43
C ILE A 26 -3.77 7.62 -7.55
N ILE A 27 -5.09 7.58 -7.64
CA ILE A 27 -5.88 8.79 -7.77
C ILE A 27 -6.94 8.88 -6.66
N ILE A 28 -7.81 9.88 -6.77
CA ILE A 28 -8.86 10.08 -5.78
C ILE A 28 -10.13 9.32 -6.17
N LYS A 29 -10.88 8.87 -5.17
CA LYS A 29 -12.11 8.14 -5.41
C LYS A 29 -11.84 6.84 -6.14
N CYS A 30 -10.74 6.18 -5.77
CA CYS A 30 -10.37 4.91 -6.40
C CYS A 30 -10.64 3.74 -5.45
N GLN A 31 -10.87 2.56 -6.03
CA GLN A 31 -11.14 1.37 -5.25
C GLN A 31 -9.86 0.61 -4.92
N CYS A 32 -9.64 0.34 -3.64
CA CYS A 32 -8.45 -0.37 -3.20
C CYS A 32 -8.82 -1.53 -2.28
N TRP A 33 -8.19 -2.68 -2.51
CA TRP A 33 -8.46 -3.86 -1.70
C TRP A 33 -7.37 -4.06 -0.65
N VAL A 34 -7.78 -4.27 0.59
CA VAL A 34 -6.84 -4.47 1.69
C VAL A 34 -6.70 -5.95 2.02
N GLN A 35 -5.52 -6.50 1.75
CA GLN A 35 -5.25 -7.91 2.02
C GLN A 35 -4.96 -8.14 3.50
N LYS A 36 -5.94 -8.68 4.22
CA LYS A 36 -5.79 -8.94 5.64
C LYS A 36 -4.99 -10.22 5.87
N ASN A 37 -4.53 -10.41 7.10
CA ASN A 37 -3.75 -11.60 7.45
C ASN A 37 -4.47 -12.87 7.01
N ASP A 38 -5.65 -13.10 7.59
CA ASP A 38 -6.43 -14.29 7.26
C ASP A 38 -7.81 -13.89 6.76
N GLU A 39 -7.96 -12.63 6.35
CA GLU A 39 -9.23 -12.13 5.84
C GLU A 39 -9.01 -11.21 4.64
N GLU A 40 -10.10 -10.64 4.14
CA GLU A 40 -10.03 -9.74 2.99
C GLU A 40 -10.98 -8.56 3.17
N ARG A 41 -10.45 -7.35 3.05
CA ARG A 41 -11.24 -6.14 3.20
C ARG A 41 -11.18 -5.28 1.93
N LEU A 42 -12.18 -4.45 1.74
CA LEU A 42 -12.24 -3.57 0.56
C LEU A 42 -12.66 -2.16 0.96
N ALA A 43 -11.87 -1.18 0.55
CA ALA A 43 -12.16 0.22 0.85
C ALA A 43 -11.84 1.12 -0.34
N GLU A 44 -12.29 2.38 -0.26
CA GLU A 44 -12.05 3.33 -1.34
C GLU A 44 -11.12 4.45 -0.87
N ILE A 45 -10.59 5.20 -1.82
CA ILE A 45 -9.69 6.30 -1.51
C ILE A 45 -10.42 7.64 -1.54
N LEU A 46 -10.39 8.35 -0.42
CA LEU A 46 -11.05 9.65 -0.33
C LEU A 46 -10.04 10.79 -0.44
N SER A 47 -9.19 10.92 0.58
CA SER A 47 -8.17 11.97 0.59
C SER A 47 -6.78 11.37 0.65
N ILE A 48 -5.77 12.21 0.43
CA ILE A 48 -4.39 11.76 0.46
C ILE A 48 -3.48 12.79 1.13
N ASN A 49 -2.84 12.40 2.22
CA ASN A 49 -1.95 13.29 2.95
C ASN A 49 -0.49 13.02 2.59
N THR A 50 0.23 14.08 2.24
CA THR A 50 1.64 13.96 1.87
C THR A 50 2.54 14.64 2.89
N ARG A 51 2.23 14.44 4.18
CA ARG A 51 3.01 15.03 5.26
C ARG A 51 4.24 14.19 5.56
N LYS A 52 4.02 12.90 5.81
CA LYS A 52 5.12 11.99 6.12
C LYS A 52 5.47 11.13 4.91
N ALA A 53 6.39 10.19 5.10
CA ALA A 53 6.80 9.30 4.02
C ALA A 53 6.93 7.87 4.51
N PRO A 54 6.17 6.96 3.87
CA PRO A 54 5.27 7.31 2.77
C PRO A 54 4.07 8.12 3.24
N PRO A 55 3.33 8.70 2.28
CA PRO A 55 2.14 9.51 2.57
C PRO A 55 0.99 8.67 3.11
N LYS A 56 0.01 9.34 3.71
CA LYS A 56 -1.15 8.66 4.26
C LYS A 56 -2.35 8.76 3.31
N PHE A 57 -3.25 7.79 3.40
CA PHE A 57 -4.44 7.77 2.55
C PHE A 57 -5.69 7.46 3.37
N TYR A 58 -6.78 8.17 3.06
CA TYR A 58 -8.04 7.97 3.76
C TYR A 58 -8.86 6.85 3.12
N VAL A 59 -9.12 5.81 3.87
CA VAL A 59 -9.90 4.67 3.38
C VAL A 59 -11.38 4.86 3.66
N HIS A 60 -12.22 4.45 2.71
CA HIS A 60 -13.67 4.57 2.88
C HIS A 60 -14.33 3.19 2.90
N TYR A 61 -15.37 3.05 3.70
CA TYR A 61 -16.08 1.79 3.82
C TYR A 61 -17.37 1.81 2.99
N VAL A 62 -18.04 0.67 2.92
CA VAL A 62 -19.28 0.56 2.16
C VAL A 62 -20.29 -0.32 2.89
N ASN A 63 -20.13 -0.44 4.20
CA ASN A 63 -21.02 -1.25 5.02
C ASN A 63 -21.25 -0.61 6.38
N TYR A 64 -21.87 -1.35 7.29
CA TYR A 64 -22.16 -0.85 8.62
C TYR A 64 -20.88 -0.77 9.45
N ASN A 65 -20.20 0.37 9.38
CA ASN A 65 -18.96 0.57 10.11
C ASN A 65 -18.39 1.96 9.86
N LYS A 66 -18.37 2.79 10.89
CA LYS A 66 -17.84 4.14 10.77
C LYS A 66 -16.38 4.20 11.20
N ARG A 67 -15.98 3.28 12.08
CA ARG A 67 -14.61 3.23 12.56
C ARG A 67 -13.66 2.81 11.45
N LEU A 68 -14.19 2.09 10.46
CA LEU A 68 -13.40 1.62 9.34
C LEU A 68 -12.78 2.79 8.58
N ASP A 69 -13.57 3.84 8.38
CA ASP A 69 -13.10 5.03 7.67
C ASP A 69 -12.03 5.76 8.48
N GLU A 70 -10.77 5.40 8.24
CA GLU A 70 -9.66 6.02 8.95
C GLU A 70 -8.48 6.25 8.02
N TRP A 71 -7.35 6.68 8.58
CA TRP A 71 -6.16 6.93 7.79
C TRP A 71 -5.20 5.75 7.86
N ILE A 72 -4.57 5.42 6.73
CA ILE A 72 -3.63 4.32 6.66
C ILE A 72 -2.58 4.56 5.59
N THR A 73 -1.49 3.80 5.65
CA THR A 73 -0.40 3.93 4.69
C THR A 73 -0.39 2.76 3.72
N THR A 74 0.63 2.73 2.86
CA THR A 74 0.76 1.64 1.88
C THR A 74 1.03 0.31 2.57
N ASP A 75 1.39 0.38 3.84
CA ASP A 75 1.68 -0.83 4.61
C ASP A 75 0.53 -1.83 4.50
N ARG A 76 -0.68 -1.31 4.32
CA ARG A 76 -1.86 -2.16 4.20
C ARG A 76 -2.33 -2.23 2.75
N ILE A 77 -2.04 -1.19 1.98
CA ILE A 77 -2.44 -1.12 0.58
C ILE A 77 -1.28 -1.49 -0.33
N ASN A 78 -1.45 -2.58 -1.07
CA ASN A 78 -0.41 -3.04 -1.99
C ASN A 78 -0.86 -2.88 -3.44
N LEU A 79 0.05 -2.42 -4.29
CA LEU A 79 -0.24 -2.22 -5.70
C LEU A 79 -0.86 -3.48 -6.32
N ASP A 80 -1.39 -3.34 -7.53
CA ASP A 80 -1.99 -4.47 -8.22
C ASP A 80 -1.20 -4.83 -9.47
N LYS A 81 -0.60 -3.83 -10.10
CA LYS A 81 0.20 -4.05 -11.30
C LYS A 81 1.25 -5.13 -11.08
N GLU A 82 1.72 -5.73 -12.17
CA GLU A 82 2.71 -6.79 -12.08
C GLU A 82 3.86 -6.54 -13.08
N VAL A 83 5.02 -7.09 -12.78
CA VAL A 83 6.18 -6.94 -13.64
C VAL A 83 7.09 -8.16 -13.57
N LEU A 84 8.00 -8.27 -14.54
CA LEU A 84 8.93 -9.39 -14.59
C LEU A 84 10.37 -8.91 -14.40
N TYR A 85 10.81 -8.87 -13.15
CA TYR A 85 12.17 -8.43 -12.82
C TYR A 85 12.97 -9.56 -12.19
N PRO A 86 13.58 -10.40 -13.03
CA PRO A 86 14.38 -11.53 -12.58
C PRO A 86 15.70 -11.10 -11.92
N LYS A 87 15.60 -10.67 -10.67
CA LYS A 87 16.78 -10.21 -9.94
C LYS A 87 16.65 -10.53 -8.45
N LEU A 88 17.70 -11.11 -7.87
CA LEU A 88 17.70 -11.46 -6.46
C LEU A 88 17.64 -10.21 -5.59
N LYS A 89 17.57 -10.42 -4.28
CA LYS A 89 17.51 -9.31 -3.33
C LYS A 89 17.65 -9.81 -1.90
N ALA A 90 18.51 -9.16 -1.11
CA ALA A 90 18.72 -9.54 0.28
C ALA A 90 18.23 -8.46 1.22
N THR A 91 17.87 -8.85 2.44
CA THR A 91 17.39 -7.91 3.44
C THR A 91 17.90 -8.26 4.83
N ASP A 92 17.81 -7.31 5.75
CA ASP A 92 18.26 -7.53 7.12
C ASP A 92 17.13 -8.08 7.98
N GLU A 93 17.40 -8.25 9.28
CA GLU A 93 16.40 -8.77 10.21
C GLU A 93 16.80 -8.47 11.65
N ASP A 94 15.81 -8.23 12.50
CA ASP A 94 16.05 -7.94 13.91
C ASP A 94 15.64 -9.12 14.78
N MET A 1 13.41 -27.30 -5.75
CA MET A 1 14.55 -28.11 -5.35
C MET A 1 14.85 -27.95 -3.87
N GLY A 2 15.10 -26.70 -3.47
CA GLY A 2 15.40 -26.43 -2.07
C GLY A 2 14.31 -25.63 -1.38
N SER A 3 14.71 -24.70 -0.53
CA SER A 3 13.75 -23.87 0.20
C SER A 3 12.90 -23.05 -0.76
N SER A 4 11.70 -22.69 -0.32
CA SER A 4 10.78 -21.91 -1.14
C SER A 4 10.28 -20.69 -0.38
N HIS A 5 11.21 -19.90 0.15
CA HIS A 5 10.87 -18.70 0.91
C HIS A 5 12.11 -17.92 1.29
N HIS A 6 12.05 -16.60 1.13
CA HIS A 6 13.18 -15.74 1.46
C HIS A 6 12.72 -14.31 1.73
N HIS A 7 13.43 -13.61 2.62
CA HIS A 7 13.08 -12.25 2.97
C HIS A 7 14.33 -11.38 3.07
N HIS A 8 14.15 -10.07 3.01
CA HIS A 8 15.26 -9.13 3.09
C HIS A 8 14.76 -7.70 3.18
N HIS A 9 15.66 -6.77 3.53
CA HIS A 9 15.30 -5.37 3.65
C HIS A 9 14.16 -5.18 4.63
N HIS A 10 14.09 -6.05 5.63
CA HIS A 10 13.04 -5.99 6.64
C HIS A 10 13.58 -5.38 7.94
N SER A 11 14.55 -4.48 7.81
CA SER A 11 15.14 -3.83 8.97
C SER A 11 14.20 -2.78 9.56
N SER A 12 14.34 -2.53 10.86
CA SER A 12 13.51 -1.56 11.55
C SER A 12 14.05 -0.15 11.37
N GLY A 13 13.85 0.43 10.18
CA GLY A 13 14.33 1.77 9.92
C GLY A 13 13.27 2.82 10.13
N LEU A 14 12.98 3.58 9.09
CA LEU A 14 11.97 4.64 9.16
C LEU A 14 10.82 4.37 8.20
N VAL A 15 11.17 4.00 6.96
CA VAL A 15 10.17 3.72 5.95
C VAL A 15 10.27 2.27 5.47
N PRO A 16 9.11 1.59 5.40
CA PRO A 16 9.04 0.19 4.97
C PRO A 16 9.35 0.03 3.48
N ARG A 17 8.71 0.85 2.66
CA ARG A 17 8.91 0.80 1.21
C ARG A 17 9.21 2.20 0.65
N GLY A 18 10.11 2.25 -0.33
CA GLY A 18 10.46 3.52 -0.93
C GLY A 18 10.35 3.50 -2.44
N SER A 19 11.20 2.70 -3.08
CA SER A 19 11.21 2.59 -4.54
C SER A 19 10.46 1.33 -4.98
N HIS A 20 9.54 0.87 -4.14
CA HIS A 20 8.75 -0.32 -4.45
C HIS A 20 7.42 0.05 -5.11
N MET A 21 6.52 0.61 -4.31
CA MET A 21 5.22 1.02 -4.82
C MET A 21 5.17 2.51 -5.08
N SER A 22 4.18 2.96 -5.84
CA SER A 22 4.03 4.37 -6.17
C SER A 22 2.56 4.79 -6.12
N VAL A 23 2.32 6.00 -5.62
CA VAL A 23 0.96 6.53 -5.53
C VAL A 23 0.44 6.97 -6.89
N ASP A 24 1.31 6.92 -7.90
CA ASP A 24 0.94 7.30 -9.25
C ASP A 24 -0.20 6.43 -9.78
N ASP A 25 -0.39 5.28 -9.15
CA ASP A 25 -1.43 4.35 -9.55
C ASP A 25 -2.65 4.47 -8.64
N ILE A 26 -2.55 5.35 -7.65
CA ILE A 26 -3.65 5.57 -6.70
C ILE A 26 -4.02 7.04 -6.62
N ILE A 27 -5.29 7.34 -6.88
CA ILE A 27 -5.77 8.72 -6.83
C ILE A 27 -6.97 8.84 -5.90
N ILE A 28 -7.58 10.02 -5.89
CA ILE A 28 -8.74 10.27 -5.05
C ILE A 28 -10.00 9.64 -5.65
N LYS A 29 -10.86 9.12 -4.79
CA LYS A 29 -12.11 8.50 -5.23
C LYS A 29 -11.82 7.27 -6.10
N CYS A 30 -10.85 6.47 -5.68
CA CYS A 30 -10.48 5.27 -6.42
C CYS A 30 -10.68 4.02 -5.57
N GLN A 31 -10.80 2.87 -6.23
CA GLN A 31 -11.00 1.61 -5.52
C GLN A 31 -9.66 0.94 -5.23
N CYS A 32 -9.43 0.65 -3.95
CA CYS A 32 -8.18 0.01 -3.52
C CYS A 32 -8.47 -1.24 -2.70
N TRP A 33 -7.83 -2.35 -3.07
CA TRP A 33 -8.02 -3.61 -2.37
C TRP A 33 -7.30 -3.60 -1.02
N VAL A 34 -8.02 -3.98 0.03
CA VAL A 34 -7.46 -4.02 1.38
C VAL A 34 -7.05 -5.43 1.77
N GLN A 35 -5.74 -5.64 1.90
CA GLN A 35 -5.22 -6.96 2.28
C GLN A 35 -5.13 -7.10 3.79
N LYS A 36 -5.76 -8.15 4.32
CA LYS A 36 -5.75 -8.40 5.76
C LYS A 36 -4.79 -9.53 6.10
N ASN A 37 -4.45 -9.65 7.39
CA ASN A 37 -3.54 -10.69 7.85
C ASN A 37 -3.98 -12.06 7.36
N ASP A 38 -5.26 -12.37 7.54
CA ASP A 38 -5.81 -13.66 7.11
C ASP A 38 -7.18 -13.47 6.47
N GLU A 39 -7.45 -12.26 5.98
CA GLU A 39 -8.72 -11.96 5.35
C GLU A 39 -8.52 -11.08 4.12
N GLU A 40 -9.63 -10.79 3.43
CA GLU A 40 -9.57 -9.96 2.23
C GLU A 40 -10.77 -9.01 2.17
N ARG A 41 -10.49 -7.72 2.02
CA ARG A 41 -11.54 -6.72 1.95
C ARG A 41 -11.21 -5.66 0.90
N LEU A 42 -12.14 -4.73 0.69
CA LEU A 42 -11.96 -3.68 -0.30
C LEU A 42 -12.43 -2.34 0.25
N ALA A 43 -11.65 -1.29 0.00
CA ALA A 43 -11.99 0.05 0.46
C ALA A 43 -11.67 1.09 -0.60
N GLU A 44 -12.30 2.26 -0.50
CA GLU A 44 -12.09 3.34 -1.45
C GLU A 44 -11.21 4.43 -0.84
N ILE A 45 -10.62 5.25 -1.70
CA ILE A 45 -9.76 6.34 -1.25
C ILE A 45 -10.50 7.67 -1.26
N LEU A 46 -10.43 8.38 -0.15
CA LEU A 46 -11.09 9.68 -0.03
C LEU A 46 -10.08 10.81 -0.01
N SER A 47 -8.97 10.59 0.70
CA SER A 47 -7.92 11.60 0.79
C SER A 47 -6.54 10.94 0.86
N ILE A 48 -5.52 11.72 0.53
CA ILE A 48 -4.15 11.21 0.54
C ILE A 48 -3.19 12.25 1.09
N ASN A 49 -2.25 11.81 1.93
CA ASN A 49 -1.27 12.71 2.52
C ASN A 49 0.07 12.62 1.78
N THR A 50 0.74 13.76 1.66
CA THR A 50 2.03 13.81 0.97
C THR A 50 3.02 14.67 1.73
N ARG A 51 2.80 14.81 3.04
CA ARG A 51 3.68 15.61 3.88
C ARG A 51 4.92 14.81 4.30
N LYS A 52 4.69 13.66 4.92
CA LYS A 52 5.78 12.81 5.37
C LYS A 52 5.65 11.41 4.78
N ALA A 53 6.78 10.71 4.66
CA ALA A 53 6.79 9.36 4.10
C ALA A 53 6.96 8.33 5.22
N PRO A 54 6.42 7.12 4.97
CA PRO A 54 5.71 6.80 3.73
C PRO A 54 4.38 7.52 3.62
N PRO A 55 3.82 7.56 2.41
CA PRO A 55 2.53 8.21 2.15
C PRO A 55 1.36 7.46 2.76
N LYS A 56 0.32 8.20 3.14
CA LYS A 56 -0.86 7.61 3.75
C LYS A 56 -2.05 7.69 2.81
N PHE A 57 -3.12 6.97 3.14
CA PHE A 57 -4.33 6.96 2.33
C PHE A 57 -5.57 6.82 3.19
N TYR A 58 -6.61 7.58 2.86
CA TYR A 58 -7.86 7.54 3.61
C TYR A 58 -8.80 6.48 3.05
N VAL A 59 -8.94 5.37 3.77
CA VAL A 59 -9.81 4.28 3.34
C VAL A 59 -11.23 4.50 3.83
N HIS A 60 -12.20 4.22 2.96
CA HIS A 60 -13.62 4.39 3.30
C HIS A 60 -14.43 3.17 2.87
N TYR A 61 -15.48 2.87 3.61
CA TYR A 61 -16.33 1.73 3.31
C TYR A 61 -17.60 2.17 2.59
N VAL A 62 -17.79 1.67 1.38
CA VAL A 62 -18.97 2.01 0.58
C VAL A 62 -20.21 1.29 1.10
N ASN A 63 -21.28 2.04 1.29
CA ASN A 63 -22.54 1.47 1.78
C ASN A 63 -22.35 0.86 3.17
N TYR A 64 -21.78 1.64 4.08
CA TYR A 64 -21.54 1.17 5.44
C TYR A 64 -21.30 2.35 6.39
N ASN A 65 -21.19 2.05 7.68
CA ASN A 65 -20.96 3.07 8.68
C ASN A 65 -19.75 3.93 8.31
N LYS A 66 -19.56 5.02 9.05
CA LYS A 66 -18.44 5.93 8.81
C LYS A 66 -17.32 5.69 9.82
N ARG A 67 -17.68 5.16 10.98
CA ARG A 67 -16.71 4.88 12.02
C ARG A 67 -15.54 4.07 11.49
N LEU A 68 -15.82 3.24 10.49
CA LEU A 68 -14.79 2.40 9.87
C LEU A 68 -13.90 3.23 8.95
N ASP A 69 -14.49 4.21 8.28
CA ASP A 69 -13.75 5.06 7.36
C ASP A 69 -12.65 5.81 8.09
N GLU A 70 -11.42 5.35 7.93
CA GLU A 70 -10.27 5.98 8.59
C GLU A 70 -9.08 6.04 7.64
N TRP A 71 -7.96 6.56 8.14
CA TRP A 71 -6.75 6.68 7.34
C TRP A 71 -5.68 5.71 7.83
N ILE A 72 -4.99 5.06 6.89
CA ILE A 72 -3.94 4.11 7.22
C ILE A 72 -2.72 4.30 6.32
N THR A 73 -1.70 3.48 6.54
CA THR A 73 -0.48 3.55 5.76
C THR A 73 -0.46 2.49 4.66
N THR A 74 0.68 2.36 3.99
CA THR A 74 0.83 1.38 2.91
C THR A 74 0.99 -0.03 3.48
N ASP A 75 1.37 -0.10 4.75
CA ASP A 75 1.56 -1.41 5.40
C ASP A 75 0.33 -2.29 5.23
N ARG A 76 -0.83 -1.65 5.11
CA ARG A 76 -2.08 -2.38 4.94
C ARG A 76 -2.59 -2.27 3.50
N ILE A 77 -2.19 -1.19 2.83
CA ILE A 77 -2.60 -0.97 1.45
C ILE A 77 -1.48 -1.33 0.48
N ASN A 78 -1.75 -2.32 -0.38
CA ASN A 78 -0.76 -2.76 -1.35
C ASN A 78 -1.17 -2.34 -2.76
N LEU A 79 -0.27 -1.67 -3.46
CA LEU A 79 -0.54 -1.21 -4.82
C LEU A 79 -1.02 -2.36 -5.69
N ASP A 80 -1.48 -2.03 -6.90
CA ASP A 80 -1.96 -3.03 -7.84
C ASP A 80 -0.90 -3.37 -8.88
N LYS A 81 -0.34 -2.33 -9.50
CA LYS A 81 0.69 -2.51 -10.51
C LYS A 81 1.90 -3.23 -9.94
N GLU A 82 2.71 -3.83 -10.81
CA GLU A 82 3.90 -4.55 -10.39
C GLU A 82 4.90 -3.61 -9.73
N VAL A 83 5.61 -4.11 -8.73
CA VAL A 83 6.61 -3.31 -8.03
C VAL A 83 7.65 -2.76 -8.99
N LEU A 84 7.86 -1.45 -8.93
CA LEU A 84 8.84 -0.79 -9.79
C LEU A 84 10.26 -1.05 -9.30
N TYR A 85 11.08 -1.65 -10.17
CA TYR A 85 12.47 -1.95 -9.81
C TYR A 85 13.43 -1.20 -10.73
N PRO A 86 13.75 0.05 -10.37
CA PRO A 86 14.66 0.90 -11.14
C PRO A 86 16.10 0.41 -11.08
N LYS A 87 16.79 0.45 -12.21
CA LYS A 87 18.18 0.02 -12.29
C LYS A 87 19.10 1.18 -12.62
N LEU A 88 19.07 2.21 -11.78
CA LEU A 88 19.91 3.39 -11.99
C LEU A 88 21.20 3.28 -11.19
N LYS A 89 22.26 3.88 -11.72
CA LYS A 89 23.56 3.86 -11.06
C LYS A 89 23.77 5.12 -10.23
N ALA A 90 23.20 5.14 -9.03
CA ALA A 90 23.34 6.28 -8.13
C ALA A 90 24.79 6.60 -7.86
N THR A 91 25.07 7.85 -7.46
CA THR A 91 26.42 8.28 -7.17
C THR A 91 26.88 7.78 -5.81
N ASP A 92 27.84 6.86 -5.81
CA ASP A 92 28.37 6.30 -4.58
C ASP A 92 29.79 6.77 -4.34
N GLU A 93 30.10 7.11 -3.09
CA GLU A 93 31.44 7.58 -2.73
C GLU A 93 31.62 7.60 -1.21
N ASP A 94 32.76 7.11 -0.75
CA ASP A 94 33.05 7.08 0.69
C ASP A 94 34.15 8.08 1.04
N MET A 1 31.94 -6.78 4.78
CA MET A 1 31.32 -6.01 5.85
C MET A 1 31.80 -4.56 5.82
N GLY A 2 31.12 -3.74 5.04
CA GLY A 2 31.49 -2.34 4.94
C GLY A 2 30.29 -1.41 5.05
N SER A 3 30.46 -0.18 4.60
CA SER A 3 29.38 0.81 4.65
C SER A 3 28.54 0.77 3.37
N SER A 4 28.85 -0.19 2.50
CA SER A 4 28.13 -0.33 1.24
C SER A 4 28.12 -1.79 0.79
N HIS A 5 27.16 -2.14 -0.06
CA HIS A 5 27.04 -3.49 -0.58
C HIS A 5 26.75 -3.48 -2.08
N HIS A 6 26.60 -4.67 -2.66
CA HIS A 6 26.32 -4.80 -4.08
C HIS A 6 25.03 -4.10 -4.45
N HIS A 7 24.10 -4.02 -3.49
CA HIS A 7 22.82 -3.38 -3.71
C HIS A 7 22.38 -2.60 -2.47
N HIS A 8 21.23 -1.93 -2.57
CA HIS A 8 20.71 -1.15 -1.46
C HIS A 8 20.54 -2.01 -0.21
N HIS A 9 20.47 -1.37 0.94
CA HIS A 9 20.31 -2.08 2.21
C HIS A 9 18.83 -2.38 2.48
N HIS A 10 18.58 -3.52 3.13
CA HIS A 10 17.21 -3.92 3.45
C HIS A 10 16.88 -3.59 4.90
N SER A 11 15.60 -3.30 5.16
CA SER A 11 15.15 -2.97 6.51
C SER A 11 16.10 -1.97 7.17
N SER A 12 16.35 -0.86 6.48
CA SER A 12 17.23 0.18 7.00
C SER A 12 16.63 1.56 6.80
N GLY A 13 16.14 2.15 7.89
CA GLY A 13 15.54 3.46 7.83
C GLY A 13 14.23 3.55 8.60
N LEU A 14 13.47 4.61 8.36
CA LEU A 14 12.20 4.81 9.05
C LEU A 14 11.03 4.63 8.08
N VAL A 15 11.28 3.95 6.97
CA VAL A 15 10.25 3.70 5.97
C VAL A 15 10.35 2.29 5.40
N PRO A 16 9.23 1.78 4.88
CA PRO A 16 9.16 0.43 4.30
C PRO A 16 9.94 0.33 2.98
N ARG A 17 9.97 -0.87 2.43
CA ARG A 17 10.69 -1.10 1.17
C ARG A 17 9.73 -1.60 0.09
N GLY A 18 9.65 -0.87 -1.01
CA GLY A 18 8.77 -1.24 -2.10
C GLY A 18 9.11 -0.53 -3.40
N SER A 19 9.31 -1.30 -4.46
CA SER A 19 9.64 -0.73 -5.76
C SER A 19 8.74 -1.32 -6.85
N HIS A 20 7.54 -1.73 -6.47
CA HIS A 20 6.59 -2.31 -7.41
C HIS A 20 5.34 -1.44 -7.52
N MET A 21 4.92 -0.88 -6.39
CA MET A 21 3.74 -0.03 -6.37
C MET A 21 4.12 1.44 -6.31
N SER A 22 3.21 2.31 -6.74
CA SER A 22 3.45 3.74 -6.75
C SER A 22 2.21 4.51 -6.31
N VAL A 23 2.39 5.43 -5.36
CA VAL A 23 1.28 6.23 -4.85
C VAL A 23 0.97 7.39 -5.78
N ASP A 24 2.00 7.89 -6.46
CA ASP A 24 1.84 9.00 -7.39
C ASP A 24 0.91 8.62 -8.54
N ASP A 25 0.70 7.32 -8.71
CA ASP A 25 -0.18 6.82 -9.76
C ASP A 25 -1.56 6.48 -9.21
N ILE A 26 -1.93 7.12 -8.12
CA ILE A 26 -3.23 6.89 -7.49
C ILE A 26 -4.12 8.12 -7.59
N ILE A 27 -5.41 7.90 -7.84
CA ILE A 27 -6.36 8.99 -7.95
C ILE A 27 -7.33 9.00 -6.78
N ILE A 28 -8.32 9.88 -6.85
CA ILE A 28 -9.32 9.98 -5.80
C ILE A 28 -10.57 9.19 -6.14
N LYS A 29 -11.28 8.72 -5.10
CA LYS A 29 -12.49 7.94 -5.30
C LYS A 29 -12.22 6.70 -6.13
N CYS A 30 -11.16 5.98 -5.77
CA CYS A 30 -10.78 4.76 -6.49
C CYS A 30 -10.94 3.54 -5.59
N GLN A 31 -11.04 2.37 -6.21
CA GLN A 31 -11.19 1.13 -5.46
C GLN A 31 -9.83 0.50 -5.16
N CYS A 32 -9.57 0.27 -3.88
CA CYS A 32 -8.31 -0.32 -3.45
C CYS A 32 -8.55 -1.62 -2.68
N TRP A 33 -7.97 -2.71 -3.18
CA TRP A 33 -8.12 -4.01 -2.54
C TRP A 33 -7.26 -4.11 -1.28
N VAL A 34 -7.90 -4.38 -0.15
CA VAL A 34 -7.19 -4.50 1.12
C VAL A 34 -6.95 -5.96 1.48
N GLN A 35 -5.70 -6.38 1.47
CA GLN A 35 -5.34 -7.76 1.79
C GLN A 35 -4.88 -7.87 3.24
N LYS A 36 -5.75 -8.42 4.09
CA LYS A 36 -5.43 -8.58 5.50
C LYS A 36 -4.52 -9.79 5.71
N ASN A 37 -3.91 -9.87 6.90
CA ASN A 37 -3.02 -10.96 7.23
C ASN A 37 -3.68 -12.31 6.95
N ASP A 38 -4.90 -12.47 7.45
CA ASP A 38 -5.65 -13.71 7.26
C ASP A 38 -7.08 -13.43 6.83
N GLU A 39 -7.30 -12.23 6.27
CA GLU A 39 -8.62 -11.83 5.82
C GLU A 39 -8.53 -11.05 4.51
N GLU A 40 -9.69 -10.77 3.92
CA GLU A 40 -9.75 -10.04 2.66
C GLU A 40 -10.90 -9.03 2.67
N ARG A 41 -10.57 -7.76 2.51
CA ARG A 41 -11.57 -6.70 2.50
C ARG A 41 -11.25 -5.66 1.43
N LEU A 42 -12.25 -4.85 1.08
CA LEU A 42 -12.07 -3.82 0.07
C LEU A 42 -12.29 -2.43 0.67
N ALA A 43 -11.42 -1.48 0.31
CA ALA A 43 -11.52 -0.12 0.81
C ALA A 43 -11.36 0.89 -0.32
N GLU A 44 -12.04 2.03 -0.19
CA GLU A 44 -11.99 3.07 -1.21
C GLU A 44 -11.05 4.19 -0.77
N ILE A 45 -10.49 4.91 -1.74
CA ILE A 45 -9.58 6.01 -1.45
C ILE A 45 -10.29 7.35 -1.55
N LEU A 46 -10.28 8.10 -0.45
CA LEU A 46 -10.92 9.41 -0.41
C LEU A 46 -9.90 10.53 -0.58
N SER A 47 -8.65 10.24 -0.22
CA SER A 47 -7.58 11.22 -0.33
C SER A 47 -6.24 10.62 0.08
N ILE A 48 -5.16 11.25 -0.36
CA ILE A 48 -3.81 10.76 -0.02
C ILE A 48 -2.90 11.93 0.35
N ASN A 49 -2.27 11.83 1.53
CA ASN A 49 -1.37 12.86 2.00
C ASN A 49 0.08 12.47 1.76
N THR A 50 0.84 13.36 1.14
CA THR A 50 2.25 13.10 0.85
C THR A 50 3.15 14.00 1.69
N ARG A 51 2.79 14.18 2.95
CA ARG A 51 3.57 15.01 3.86
C ARG A 51 4.49 14.16 4.73
N LYS A 52 4.10 12.92 4.96
CA LYS A 52 4.89 12.00 5.77
C LYS A 52 5.54 10.92 4.90
N ALA A 53 6.41 10.12 5.50
CA ALA A 53 7.09 9.05 4.78
C ALA A 53 7.15 7.78 5.61
N PRO A 54 6.41 6.74 5.17
CA PRO A 54 5.60 6.81 3.96
C PRO A 54 4.39 7.72 4.12
N PRO A 55 3.73 8.06 3.00
CA PRO A 55 2.55 8.93 2.99
C PRO A 55 1.33 8.25 3.62
N LYS A 56 0.29 9.04 3.84
CA LYS A 56 -0.94 8.51 4.44
C LYS A 56 -1.99 8.25 3.37
N PHE A 57 -3.03 7.51 3.74
CA PHE A 57 -4.11 7.19 2.81
C PHE A 57 -5.45 7.14 3.54
N TYR A 58 -6.47 7.77 2.95
CA TYR A 58 -7.80 7.79 3.54
C TYR A 58 -8.65 6.65 3.00
N VAL A 59 -8.93 5.67 3.86
CA VAL A 59 -9.74 4.53 3.47
C VAL A 59 -11.20 4.73 3.83
N HIS A 60 -12.10 4.30 2.94
CA HIS A 60 -13.54 4.45 3.15
C HIS A 60 -14.27 3.14 2.86
N TYR A 61 -15.33 2.88 3.60
CA TYR A 61 -16.10 1.66 3.42
C TYR A 61 -17.46 1.97 2.80
N VAL A 62 -17.73 1.38 1.63
CA VAL A 62 -18.98 1.60 0.93
C VAL A 62 -20.04 0.60 1.39
N ASN A 63 -19.60 -0.61 1.72
CA ASN A 63 -20.51 -1.66 2.17
C ASN A 63 -21.21 -1.25 3.47
N TYR A 64 -20.45 -1.19 4.55
CA TYR A 64 -21.00 -0.81 5.85
C TYR A 64 -19.91 -0.26 6.76
N ASN A 65 -20.26 -0.05 8.03
CA ASN A 65 -19.31 0.48 9.00
C ASN A 65 -18.48 1.60 8.40
N LYS A 66 -19.12 2.45 7.60
CA LYS A 66 -18.43 3.56 6.96
C LYS A 66 -17.72 4.43 7.99
N ARG A 67 -18.23 4.42 9.22
CA ARG A 67 -17.65 5.21 10.30
C ARG A 67 -16.17 4.85 10.48
N LEU A 68 -15.80 3.65 10.08
CA LEU A 68 -14.42 3.19 10.21
C LEU A 68 -13.51 3.97 9.27
N ASP A 69 -14.10 4.70 8.34
CA ASP A 69 -13.34 5.50 7.39
C ASP A 69 -12.32 6.39 8.10
N GLU A 70 -11.05 5.98 8.07
CA GLU A 70 -9.99 6.73 8.72
C GLU A 70 -8.73 6.74 7.87
N TRP A 71 -7.64 7.23 8.44
CA TRP A 71 -6.36 7.28 7.72
C TRP A 71 -5.52 6.04 8.02
N ILE A 72 -4.69 5.66 7.05
CA ILE A 72 -3.84 4.49 7.20
C ILE A 72 -2.56 4.64 6.39
N THR A 73 -1.69 3.64 6.49
CA THR A 73 -0.43 3.66 5.76
C THR A 73 -0.45 2.70 4.58
N THR A 74 0.68 2.59 3.88
CA THR A 74 0.77 1.69 2.73
C THR A 74 0.92 0.24 3.16
N ASP A 75 1.46 0.04 4.36
CA ASP A 75 1.65 -1.30 4.90
C ASP A 75 0.33 -2.07 4.94
N ARG A 76 -0.77 -1.33 5.00
CA ARG A 76 -2.10 -1.93 5.05
C ARG A 76 -2.73 -1.95 3.67
N ILE A 77 -2.17 -1.17 2.75
CA ILE A 77 -2.69 -1.11 1.38
C ILE A 77 -1.86 -1.97 0.45
N ASN A 78 -2.53 -2.60 -0.52
CA ASN A 78 -1.84 -3.45 -1.49
C ASN A 78 -2.16 -3.01 -2.92
N LEU A 79 -1.42 -2.04 -3.41
CA LEU A 79 -1.62 -1.54 -4.77
C LEU A 79 -1.64 -2.68 -5.78
N ASP A 80 -2.68 -2.73 -6.61
CA ASP A 80 -2.81 -3.76 -7.62
C ASP A 80 -2.42 -3.24 -8.99
N LYS A 81 -1.57 -2.22 -9.00
CA LYS A 81 -1.11 -1.62 -10.26
C LYS A 81 -0.05 -2.49 -10.92
N GLU A 82 0.46 -2.03 -12.05
CA GLU A 82 1.48 -2.77 -12.79
C GLU A 82 2.74 -2.94 -11.94
N VAL A 83 3.28 -4.16 -11.92
CA VAL A 83 4.48 -4.45 -11.15
C VAL A 83 5.47 -5.27 -11.97
N LEU A 84 6.73 -5.23 -11.56
CA LEU A 84 7.78 -5.97 -12.26
C LEU A 84 8.30 -7.12 -11.41
N TYR A 85 7.72 -8.31 -11.59
CA TYR A 85 8.11 -9.48 -10.84
C TYR A 85 8.83 -10.48 -11.74
N PRO A 86 10.15 -10.29 -11.90
CA PRO A 86 10.98 -11.18 -12.73
C PRO A 86 11.15 -12.56 -12.12
N LYS A 87 11.81 -13.45 -12.86
CA LYS A 87 12.04 -14.81 -12.39
C LYS A 87 13.19 -14.85 -11.38
N LEU A 88 12.84 -14.78 -10.10
CA LEU A 88 13.83 -14.81 -9.04
C LEU A 88 13.44 -15.82 -7.95
N LYS A 89 14.43 -16.29 -7.20
CA LYS A 89 14.19 -17.25 -6.13
C LYS A 89 14.38 -16.59 -4.77
N ALA A 90 14.15 -17.36 -3.71
CA ALA A 90 14.29 -16.86 -2.34
C ALA A 90 15.74 -16.50 -2.05
N THR A 91 15.96 -15.69 -1.02
CA THR A 91 17.29 -15.27 -0.63
C THR A 91 17.89 -16.22 0.41
N ASP A 92 19.21 -16.29 0.45
CA ASP A 92 19.90 -17.16 1.40
C ASP A 92 19.56 -16.79 2.84
N GLU A 93 19.80 -17.71 3.76
CA GLU A 93 19.51 -17.47 5.16
C GLU A 93 20.25 -18.47 6.05
N ASP A 94 20.69 -18.01 7.22
CA ASP A 94 21.41 -18.87 8.15
C ASP A 94 20.63 -19.04 9.45
N MET A 1 22.13 14.69 -10.67
CA MET A 1 22.32 13.81 -11.83
C MET A 1 23.80 13.50 -12.04
N GLY A 2 24.58 13.57 -10.96
CA GLY A 2 26.00 13.30 -11.07
C GLY A 2 26.50 12.46 -9.91
N SER A 3 25.78 11.39 -9.58
CA SER A 3 26.15 10.51 -8.49
C SER A 3 26.82 9.24 -9.02
N SER A 4 27.94 8.86 -8.39
CA SER A 4 28.67 7.67 -8.80
C SER A 4 29.49 7.11 -7.64
N HIS A 5 29.18 5.87 -7.26
CA HIS A 5 29.89 5.22 -6.16
C HIS A 5 29.89 3.71 -6.35
N HIS A 6 30.67 3.01 -5.52
CA HIS A 6 30.77 1.57 -5.59
C HIS A 6 29.77 0.91 -4.64
N HIS A 7 30.04 1.01 -3.35
CA HIS A 7 29.17 0.43 -2.34
C HIS A 7 29.37 1.12 -0.99
N HIS A 8 28.29 1.72 -0.48
CA HIS A 8 28.34 2.42 0.79
C HIS A 8 26.93 2.68 1.32
N HIS A 9 26.72 2.39 2.60
CA HIS A 9 25.42 2.59 3.23
C HIS A 9 25.51 3.66 4.34
N HIS A 10 25.41 4.92 3.93
CA HIS A 10 25.48 6.03 4.88
C HIS A 10 24.22 6.88 4.80
N SER A 11 23.06 6.24 4.92
CA SER A 11 21.79 6.94 4.86
C SER A 11 20.69 6.15 5.58
N SER A 12 20.07 6.77 6.57
CA SER A 12 19.02 6.14 7.34
C SER A 12 17.72 6.95 7.27
N GLY A 13 16.78 6.47 6.47
CA GLY A 13 15.51 7.16 6.33
C GLY A 13 14.43 6.57 7.21
N LEU A 14 13.18 6.81 6.84
CA LEU A 14 12.04 6.29 7.60
C LEU A 14 11.01 5.65 6.68
N VAL A 15 11.50 4.90 5.69
CA VAL A 15 10.62 4.23 4.74
C VAL A 15 10.74 2.71 4.85
N PRO A 16 9.70 2.00 4.43
CA PRO A 16 9.66 0.53 4.47
C PRO A 16 10.62 -0.09 3.47
N ARG A 17 11.69 -0.69 3.97
CA ARG A 17 12.69 -1.33 3.12
C ARG A 17 12.05 -2.42 2.27
N GLY A 18 12.59 -2.63 1.08
CA GLY A 18 12.06 -3.65 0.19
C GLY A 18 11.14 -3.08 -0.87
N SER A 19 10.26 -3.92 -1.40
CA SER A 19 9.32 -3.49 -2.44
C SER A 19 8.56 -2.25 -1.99
N HIS A 20 8.62 -1.20 -2.82
CA HIS A 20 7.94 0.06 -2.51
C HIS A 20 6.75 0.27 -3.45
N MET A 21 5.76 1.02 -2.98
CA MET A 21 4.56 1.30 -3.77
C MET A 21 4.65 2.68 -4.42
N SER A 22 3.70 2.97 -5.30
CA SER A 22 3.67 4.25 -5.99
C SER A 22 2.26 4.83 -6.00
N VAL A 23 2.14 6.10 -5.60
CA VAL A 23 0.85 6.76 -5.57
C VAL A 23 0.43 7.20 -6.97
N ASP A 24 1.33 7.06 -7.93
CA ASP A 24 1.04 7.44 -9.31
C ASP A 24 -0.14 6.66 -9.86
N ASP A 25 -0.44 5.52 -9.23
CA ASP A 25 -1.54 4.68 -9.66
C ASP A 25 -2.78 4.92 -8.79
N ILE A 26 -2.55 5.39 -7.56
CA ILE A 26 -3.64 5.66 -6.64
C ILE A 26 -4.11 7.10 -6.75
N ILE A 27 -5.43 7.29 -6.90
CA ILE A 27 -6.01 8.62 -7.02
C ILE A 27 -7.23 8.77 -6.11
N ILE A 28 -7.91 9.90 -6.23
CA ILE A 28 -9.09 10.17 -5.42
C ILE A 28 -10.30 9.39 -5.95
N LYS A 29 -11.14 8.93 -5.03
CA LYS A 29 -12.34 8.18 -5.40
C LYS A 29 -11.97 6.94 -6.20
N CYS A 30 -10.96 6.22 -5.75
CA CYS A 30 -10.50 5.01 -6.43
C CYS A 30 -10.76 3.77 -5.56
N GLN A 31 -10.72 2.60 -6.18
CA GLN A 31 -10.95 1.35 -5.48
C GLN A 31 -9.63 0.69 -5.09
N CYS A 32 -9.45 0.46 -3.80
CA CYS A 32 -8.23 -0.18 -3.29
C CYS A 32 -8.55 -1.45 -2.52
N TRP A 33 -7.98 -2.56 -2.98
CA TRP A 33 -8.21 -3.85 -2.33
C TRP A 33 -7.36 -3.98 -1.06
N VAL A 34 -8.00 -4.43 0.02
CA VAL A 34 -7.30 -4.60 1.29
C VAL A 34 -6.93 -6.06 1.52
N GLN A 35 -5.63 -6.34 1.49
CA GLN A 35 -5.14 -7.69 1.70
C GLN A 35 -4.84 -7.95 3.17
N LYS A 36 -5.79 -8.57 3.86
CA LYS A 36 -5.64 -8.88 5.27
C LYS A 36 -4.75 -10.10 5.47
N ASN A 37 -4.28 -10.29 6.70
CA ASN A 37 -3.43 -11.43 7.03
C ASN A 37 -4.05 -12.73 6.55
N ASP A 38 -5.22 -13.05 7.07
CA ASP A 38 -5.93 -14.27 6.69
C ASP A 38 -7.33 -13.95 6.18
N GLU A 39 -7.52 -12.72 5.74
CA GLU A 39 -8.82 -12.29 5.22
C GLU A 39 -8.66 -11.38 4.01
N GLU A 40 -9.77 -11.03 3.38
CA GLU A 40 -9.74 -10.17 2.21
C GLU A 40 -10.89 -9.16 2.23
N ARG A 41 -10.55 -7.88 2.18
CA ARG A 41 -11.56 -6.82 2.20
C ARG A 41 -11.31 -5.81 1.09
N LEU A 42 -12.20 -4.84 0.97
CA LEU A 42 -12.08 -3.81 -0.05
C LEU A 42 -12.45 -2.44 0.52
N ALA A 43 -11.70 -1.42 0.12
CA ALA A 43 -11.95 -0.06 0.57
C ALA A 43 -11.80 0.95 -0.56
N GLU A 44 -12.15 2.20 -0.30
CA GLU A 44 -12.07 3.25 -1.30
C GLU A 44 -11.13 4.36 -0.84
N ILE A 45 -10.67 5.17 -1.78
CA ILE A 45 -9.77 6.28 -1.47
C ILE A 45 -10.51 7.61 -1.49
N LEU A 46 -10.35 8.38 -0.43
CA LEU A 46 -11.01 9.69 -0.33
C LEU A 46 -10.01 10.82 -0.56
N SER A 47 -8.77 10.60 -0.11
CA SER A 47 -7.72 11.61 -0.27
C SER A 47 -6.36 11.04 0.13
N ILE A 48 -5.31 11.75 -0.22
CA ILE A 48 -3.95 11.32 0.09
C ILE A 48 -3.16 12.43 0.78
N ASN A 49 -2.42 12.06 1.82
CA ASN A 49 -1.61 13.02 2.56
C ASN A 49 -0.12 12.82 2.28
N THR A 50 0.56 13.91 1.96
CA THR A 50 1.99 13.86 1.66
C THR A 50 2.80 14.60 2.72
N ARG A 51 2.43 14.41 3.98
CA ARG A 51 3.11 15.06 5.09
C ARG A 51 4.22 14.17 5.64
N LYS A 52 4.08 12.86 5.43
CA LYS A 52 5.07 11.91 5.90
C LYS A 52 5.69 11.14 4.74
N ALA A 53 6.66 10.29 5.04
CA ALA A 53 7.33 9.49 4.02
C ALA A 53 7.56 8.07 4.50
N PRO A 54 6.88 7.10 3.83
CA PRO A 54 5.99 7.40 2.72
C PRO A 54 4.72 8.12 3.16
N PRO A 55 3.95 8.64 2.20
CA PRO A 55 2.71 9.36 2.47
C PRO A 55 1.61 8.44 2.95
N LYS A 56 0.51 9.03 3.43
CA LYS A 56 -0.62 8.25 3.93
C LYS A 56 -1.72 8.17 2.88
N PHE A 57 -2.78 7.42 3.20
CA PHE A 57 -3.90 7.25 2.28
C PHE A 57 -5.22 7.18 3.05
N TYR A 58 -6.18 7.99 2.64
CA TYR A 58 -7.49 8.02 3.29
C TYR A 58 -8.38 6.88 2.76
N VAL A 59 -8.66 5.91 3.62
CA VAL A 59 -9.49 4.78 3.25
C VAL A 59 -10.94 5.01 3.66
N HIS A 60 -11.87 4.45 2.89
CA HIS A 60 -13.29 4.59 3.18
C HIS A 60 -14.03 3.29 2.90
N TYR A 61 -14.95 2.92 3.78
CA TYR A 61 -15.74 1.71 3.62
C TYR A 61 -17.12 2.01 3.06
N VAL A 62 -17.60 1.13 2.19
CA VAL A 62 -18.92 1.30 1.57
C VAL A 62 -19.99 0.51 2.33
N ASN A 63 -21.08 1.20 2.68
CA ASN A 63 -22.17 0.56 3.41
C ASN A 63 -21.65 -0.15 4.65
N TYR A 64 -20.59 0.37 5.24
CA TYR A 64 -19.99 -0.23 6.43
C TYR A 64 -20.21 0.67 7.65
N ASN A 65 -19.63 1.87 7.62
CA ASN A 65 -19.76 2.81 8.71
C ASN A 65 -19.21 4.18 8.32
N LYS A 66 -19.65 5.21 9.02
CA LYS A 66 -19.21 6.58 8.75
C LYS A 66 -18.04 6.95 9.66
N ARG A 67 -17.97 6.32 10.83
CA ARG A 67 -16.91 6.59 11.78
C ARG A 67 -15.65 5.79 11.44
N LEU A 68 -15.84 4.67 10.77
CA LEU A 68 -14.73 3.81 10.38
C LEU A 68 -13.83 4.51 9.35
N ASP A 69 -14.45 5.35 8.52
CA ASP A 69 -13.71 6.08 7.49
C ASP A 69 -12.52 6.82 8.11
N GLU A 70 -11.32 6.28 7.89
CA GLU A 70 -10.11 6.90 8.43
C GLU A 70 -8.97 6.83 7.41
N TRP A 71 -7.79 7.29 7.81
CA TRP A 71 -6.63 7.28 6.95
C TRP A 71 -5.51 6.43 7.54
N ILE A 72 -4.91 5.58 6.72
CA ILE A 72 -3.82 4.72 7.17
C ILE A 72 -2.67 4.71 6.16
N THR A 73 -1.64 3.93 6.46
CA THR A 73 -0.48 3.84 5.58
C THR A 73 -0.53 2.58 4.72
N THR A 74 0.52 2.34 3.95
CA THR A 74 0.58 1.17 3.08
C THR A 74 1.14 -0.04 3.82
N ASP A 75 1.38 0.14 5.12
CA ASP A 75 1.90 -0.95 5.95
C ASP A 75 0.99 -2.17 5.91
N ARG A 76 -0.30 -1.92 5.71
CA ARG A 76 -1.28 -2.99 5.66
C ARG A 76 -1.94 -3.05 4.28
N ILE A 77 -1.83 -1.97 3.53
CA ILE A 77 -2.42 -1.90 2.19
C ILE A 77 -1.36 -2.14 1.12
N ASN A 78 -1.74 -2.83 0.06
CA ASN A 78 -0.82 -3.12 -1.03
C ASN A 78 -1.31 -2.49 -2.34
N LEU A 79 -0.38 -1.89 -3.07
CA LEU A 79 -0.70 -1.24 -4.34
C LEU A 79 -1.41 -2.21 -5.28
N ASP A 80 -2.16 -1.66 -6.24
CA ASP A 80 -2.88 -2.47 -7.21
C ASP A 80 -2.19 -2.44 -8.56
N LYS A 81 -0.88 -2.22 -8.55
CA LYS A 81 -0.10 -2.16 -9.79
C LYS A 81 1.35 -2.57 -9.52
N GLU A 82 2.06 -2.90 -10.60
CA GLU A 82 3.46 -3.30 -10.49
C GLU A 82 4.33 -2.14 -10.03
N VAL A 83 5.53 -2.46 -9.53
CA VAL A 83 6.46 -1.45 -9.06
C VAL A 83 7.25 -0.84 -10.22
N LEU A 84 7.70 0.39 -10.04
CA LEU A 84 8.47 1.08 -11.06
C LEU A 84 9.74 1.68 -10.48
N TYR A 85 10.85 0.95 -10.64
CA TYR A 85 12.14 1.40 -10.13
C TYR A 85 13.12 1.63 -11.27
N PRO A 86 13.08 2.83 -11.86
CA PRO A 86 13.96 3.21 -12.97
C PRO A 86 15.41 3.38 -12.52
N LYS A 87 16.34 3.10 -13.44
CA LYS A 87 17.76 3.22 -13.13
C LYS A 87 18.15 2.33 -11.96
N LEU A 88 18.01 1.02 -12.15
CA LEU A 88 18.35 0.06 -11.10
C LEU A 88 19.85 0.07 -10.82
N LYS A 89 20.23 -0.45 -9.65
CA LYS A 89 21.64 -0.51 -9.26
C LYS A 89 22.40 -1.51 -10.12
N ALA A 90 22.99 -1.02 -11.21
CA ALA A 90 23.75 -1.88 -12.11
C ALA A 90 24.83 -2.66 -11.35
N THR A 91 24.83 -3.97 -11.52
CA THR A 91 25.81 -4.83 -10.86
C THR A 91 27.23 -4.33 -11.10
N ASP A 92 27.99 -4.19 -10.01
CA ASP A 92 29.37 -3.72 -10.10
C ASP A 92 30.32 -4.88 -10.36
N GLU A 93 31.58 -4.56 -10.65
CA GLU A 93 32.59 -5.58 -10.92
C GLU A 93 32.88 -6.40 -9.67
N ASP A 94 33.75 -7.39 -9.81
CA ASP A 94 34.12 -8.25 -8.69
C ASP A 94 35.63 -8.33 -8.54
N MET A 1 14.28 -24.80 -14.93
CA MET A 1 13.22 -23.79 -15.12
C MET A 1 12.32 -23.73 -13.90
N GLY A 2 12.90 -23.43 -12.74
CA GLY A 2 12.12 -23.34 -11.51
C GLY A 2 12.44 -22.10 -10.71
N SER A 3 12.15 -22.14 -9.42
CA SER A 3 12.41 -21.00 -8.54
C SER A 3 13.06 -21.45 -7.25
N SER A 4 13.29 -20.50 -6.34
CA SER A 4 13.92 -20.81 -5.06
C SER A 4 13.40 -19.86 -3.97
N HIS A 5 13.49 -20.30 -2.72
CA HIS A 5 13.03 -19.51 -1.59
C HIS A 5 14.19 -18.74 -0.98
N HIS A 6 13.86 -17.85 -0.04
CA HIS A 6 14.87 -17.04 0.64
C HIS A 6 14.31 -16.39 1.89
N HIS A 7 15.12 -16.36 2.95
CA HIS A 7 14.69 -15.76 4.21
C HIS A 7 14.67 -14.24 4.12
N HIS A 8 13.49 -13.66 4.22
CA HIS A 8 13.33 -12.21 4.15
C HIS A 8 13.12 -11.61 5.54
N HIS A 9 13.58 -10.37 5.72
CA HIS A 9 13.44 -9.70 7.00
C HIS A 9 13.06 -8.23 6.79
N HIS A 10 12.00 -7.80 7.47
CA HIS A 10 11.53 -6.42 7.37
C HIS A 10 11.55 -5.73 8.73
N SER A 11 12.72 -5.69 9.35
CA SER A 11 12.86 -5.07 10.66
C SER A 11 13.79 -3.86 10.60
N SER A 12 13.23 -2.72 10.20
CA SER A 12 14.01 -1.48 10.08
C SER A 12 13.11 -0.30 9.77
N GLY A 13 13.45 0.86 10.33
CA GLY A 13 12.66 2.05 10.10
C GLY A 13 13.06 2.78 8.82
N LEU A 14 12.57 2.28 7.69
CA LEU A 14 12.87 2.88 6.40
C LEU A 14 11.65 2.89 5.49
N VAL A 15 11.49 3.96 4.73
CA VAL A 15 10.36 4.09 3.81
C VAL A 15 10.54 3.21 2.58
N PRO A 16 9.42 2.79 1.98
CA PRO A 16 9.43 1.94 0.79
C PRO A 16 9.93 2.69 -0.45
N ARG A 17 10.42 1.94 -1.43
CA ARG A 17 10.93 2.53 -2.66
C ARG A 17 11.30 1.45 -3.67
N GLY A 18 11.40 1.84 -4.94
CA GLY A 18 11.76 0.89 -5.98
C GLY A 18 10.72 -0.21 -6.12
N SER A 19 9.87 -0.10 -7.14
CA SER A 19 8.84 -1.09 -7.38
C SER A 19 8.15 -0.85 -8.72
N HIS A 20 7.57 -1.91 -9.28
CA HIS A 20 6.88 -1.82 -10.56
C HIS A 20 5.63 -0.94 -10.45
N MET A 21 4.93 -1.05 -9.33
CA MET A 21 3.73 -0.27 -9.10
C MET A 21 4.02 0.94 -8.21
N SER A 22 3.12 1.92 -8.23
CA SER A 22 3.29 3.13 -7.43
C SER A 22 1.97 3.57 -6.83
N VAL A 23 1.96 3.82 -5.52
CA VAL A 23 0.77 4.25 -4.82
C VAL A 23 0.59 5.75 -4.90
N ASP A 24 1.71 6.47 -5.00
CA ASP A 24 1.68 7.93 -5.08
C ASP A 24 1.04 8.39 -6.39
N ASP A 25 0.85 7.45 -7.31
CA ASP A 25 0.25 7.75 -8.61
C ASP A 25 -1.23 7.39 -8.61
N ILE A 26 -1.83 7.35 -7.42
CA ILE A 26 -3.25 7.01 -7.29
C ILE A 26 -4.10 8.27 -7.16
N ILE A 27 -5.27 8.25 -7.77
CA ILE A 27 -6.19 9.39 -7.71
C ILE A 27 -7.12 9.28 -6.52
N ILE A 28 -8.08 10.20 -6.43
CA ILE A 28 -9.04 10.21 -5.34
C ILE A 28 -10.35 9.56 -5.75
N LYS A 29 -11.04 8.96 -4.79
CA LYS A 29 -12.31 8.30 -5.06
C LYS A 29 -12.13 7.10 -5.97
N CYS A 30 -11.15 6.26 -5.66
CA CYS A 30 -10.86 5.08 -6.45
C CYS A 30 -10.96 3.81 -5.61
N GLN A 31 -11.05 2.67 -6.28
CA GLN A 31 -11.16 1.38 -5.59
C GLN A 31 -9.79 0.78 -5.34
N CYS A 32 -9.51 0.47 -4.07
CA CYS A 32 -8.22 -0.11 -3.69
C CYS A 32 -8.42 -1.37 -2.85
N TRP A 33 -7.85 -2.47 -3.32
CA TRP A 33 -7.98 -3.74 -2.61
C TRP A 33 -7.23 -3.70 -1.28
N VAL A 34 -7.94 -4.00 -0.20
CA VAL A 34 -7.35 -3.99 1.14
C VAL A 34 -7.00 -5.40 1.58
N GLN A 35 -5.70 -5.68 1.71
CA GLN A 35 -5.24 -6.99 2.12
C GLN A 35 -4.97 -7.02 3.62
N LYS A 36 -5.89 -7.58 4.38
CA LYS A 36 -5.76 -7.67 5.83
C LYS A 36 -4.82 -8.80 6.22
N ASN A 37 -4.37 -8.79 7.47
CA ASN A 37 -3.47 -9.81 7.97
C ASN A 37 -4.01 -11.21 7.67
N ASP A 38 -5.21 -11.49 8.17
CA ASP A 38 -5.84 -12.79 7.95
C ASP A 38 -7.20 -12.62 7.27
N GLU A 39 -7.40 -11.47 6.63
CA GLU A 39 -8.65 -11.19 5.95
C GLU A 39 -8.40 -10.46 4.62
N GLU A 40 -9.43 -10.42 3.77
CA GLU A 40 -9.30 -9.76 2.49
C GLU A 40 -10.58 -8.99 2.15
N ARG A 41 -10.45 -7.67 2.03
CA ARG A 41 -11.59 -6.82 1.72
C ARG A 41 -11.20 -5.72 0.74
N LEU A 42 -12.15 -4.83 0.44
CA LEU A 42 -11.89 -3.74 -0.48
C LEU A 42 -12.31 -2.40 0.12
N ALA A 43 -11.55 -1.36 -0.17
CA ALA A 43 -11.84 -0.02 0.34
C ALA A 43 -11.60 1.04 -0.72
N GLU A 44 -12.30 2.17 -0.59
CA GLU A 44 -12.15 3.27 -1.54
C GLU A 44 -11.24 4.36 -0.98
N ILE A 45 -10.76 5.22 -1.85
CA ILE A 45 -9.88 6.32 -1.46
C ILE A 45 -10.65 7.63 -1.33
N LEU A 46 -10.49 8.29 -0.19
CA LEU A 46 -11.17 9.56 0.05
C LEU A 46 -10.18 10.72 0.03
N SER A 47 -9.11 10.59 0.80
CA SER A 47 -8.09 11.63 0.88
C SER A 47 -6.69 11.02 0.86
N ILE A 48 -5.68 11.87 0.70
CA ILE A 48 -4.30 11.42 0.67
C ILE A 48 -3.39 12.38 1.41
N ASN A 49 -2.44 11.83 2.16
CA ASN A 49 -1.49 12.65 2.93
C ASN A 49 -0.16 12.76 2.20
N THR A 50 0.51 13.90 2.37
CA THR A 50 1.80 14.13 1.74
C THR A 50 2.76 14.84 2.69
N ARG A 51 2.54 14.67 3.98
CA ARG A 51 3.39 15.29 4.99
C ARG A 51 4.69 14.52 5.16
N LYS A 52 4.57 13.21 5.40
CA LYS A 52 5.74 12.35 5.58
C LYS A 52 5.65 11.12 4.70
N ALA A 53 6.80 10.52 4.40
CA ALA A 53 6.85 9.33 3.56
C ALA A 53 7.07 8.08 4.41
N PRO A 54 6.51 6.95 3.95
CA PRO A 54 5.73 6.90 2.70
C PRO A 54 4.40 7.62 2.82
N PRO A 55 3.76 7.88 1.68
CA PRO A 55 2.46 8.55 1.62
C PRO A 55 1.33 7.71 2.18
N LYS A 56 0.33 8.36 2.76
CA LYS A 56 -0.81 7.66 3.34
C LYS A 56 -2.08 7.93 2.54
N PHE A 57 -3.07 7.07 2.70
CA PHE A 57 -4.33 7.21 1.98
C PHE A 57 -5.52 6.90 2.90
N TYR A 58 -6.62 7.62 2.69
CA TYR A 58 -7.81 7.43 3.51
C TYR A 58 -8.72 6.34 2.91
N VAL A 59 -8.85 5.23 3.62
CA VAL A 59 -9.68 4.12 3.16
C VAL A 59 -11.10 4.27 3.66
N HIS A 60 -12.06 3.95 2.78
CA HIS A 60 -13.48 4.04 3.13
C HIS A 60 -14.21 2.74 2.82
N TYR A 61 -15.13 2.36 3.69
CA TYR A 61 -15.89 1.13 3.51
C TYR A 61 -17.27 1.42 2.93
N VAL A 62 -17.39 1.31 1.60
CA VAL A 62 -18.65 1.56 0.92
C VAL A 62 -19.72 0.56 1.35
N ASN A 63 -19.30 -0.68 1.60
CA ASN A 63 -20.21 -1.73 2.01
C ASN A 63 -20.19 -1.89 3.54
N TYR A 64 -20.26 -0.77 4.24
CA TYR A 64 -20.25 -0.79 5.70
C TYR A 64 -20.47 0.61 6.26
N ASN A 65 -20.52 0.71 7.58
CA ASN A 65 -20.72 1.99 8.25
C ASN A 65 -19.60 2.96 7.91
N LYS A 66 -19.67 4.16 8.48
CA LYS A 66 -18.66 5.18 8.24
C LYS A 66 -17.62 5.20 9.37
N ARG A 67 -18.02 4.70 10.53
CA ARG A 67 -17.13 4.66 11.69
C ARG A 67 -15.83 3.94 11.34
N LEU A 68 -15.91 2.99 10.42
CA LEU A 68 -14.74 2.22 10.00
C LEU A 68 -13.84 3.05 9.11
N ASP A 69 -14.43 4.02 8.41
CA ASP A 69 -13.67 4.90 7.51
C ASP A 69 -12.47 5.50 8.24
N GLU A 70 -11.28 5.01 7.93
CA GLU A 70 -10.07 5.51 8.56
C GLU A 70 -8.94 5.67 7.52
N TRP A 71 -7.78 6.09 7.98
CA TRP A 71 -6.63 6.28 7.11
C TRP A 71 -5.50 5.32 7.47
N ILE A 72 -4.74 4.92 6.46
CA ILE A 72 -3.62 4.01 6.67
C ILE A 72 -2.51 4.23 5.64
N THR A 73 -1.47 3.42 5.72
CA THR A 73 -0.34 3.54 4.81
C THR A 73 -0.37 2.42 3.76
N THR A 74 0.66 2.36 2.93
CA THR A 74 0.76 1.35 1.88
C THR A 74 1.09 -0.01 2.46
N ASP A 75 1.76 -0.02 3.61
CA ASP A 75 2.14 -1.26 4.27
C ASP A 75 0.92 -2.15 4.49
N ARG A 76 -0.24 -1.53 4.62
CA ARG A 76 -1.48 -2.26 4.83
C ARG A 76 -2.31 -2.31 3.55
N ILE A 77 -2.02 -1.40 2.63
CA ILE A 77 -2.74 -1.33 1.37
C ILE A 77 -1.96 -2.01 0.25
N ASN A 78 -2.52 -3.07 -0.32
CA ASN A 78 -1.88 -3.80 -1.40
C ASN A 78 -2.24 -3.20 -2.75
N LEU A 79 -1.34 -2.38 -3.28
CA LEU A 79 -1.55 -1.74 -4.57
C LEU A 79 -1.93 -2.76 -5.64
N ASP A 80 -1.00 -3.67 -5.93
CA ASP A 80 -1.24 -4.71 -6.93
C ASP A 80 -0.93 -6.09 -6.35
N LYS A 81 0.34 -6.34 -6.07
CA LYS A 81 0.77 -7.62 -5.51
C LYS A 81 1.76 -7.41 -4.37
N GLU A 82 2.04 -8.49 -3.64
CA GLU A 82 2.97 -8.43 -2.52
C GLU A 82 4.41 -8.34 -3.01
N VAL A 83 4.78 -7.18 -3.53
CA VAL A 83 6.14 -6.96 -4.03
C VAL A 83 7.16 -6.99 -2.90
N LEU A 84 8.39 -7.35 -3.23
CA LEU A 84 9.46 -7.42 -2.25
C LEU A 84 10.70 -6.65 -2.73
N TYR A 85 10.83 -5.42 -2.28
CA TYR A 85 11.97 -4.59 -2.67
C TYR A 85 12.82 -4.22 -1.45
N PRO A 86 13.75 -5.12 -1.09
CA PRO A 86 14.65 -4.93 0.04
C PRO A 86 15.66 -3.82 -0.20
N LYS A 87 15.99 -3.07 0.85
CA LYS A 87 16.96 -1.98 0.75
C LYS A 87 17.75 -1.84 2.05
N LEU A 88 18.77 -0.98 2.01
CA LEU A 88 19.60 -0.74 3.19
C LEU A 88 19.15 0.50 3.93
N LYS A 89 19.65 0.68 5.15
CA LYS A 89 19.31 1.83 5.97
C LYS A 89 19.93 3.10 5.41
N ALA A 90 19.35 4.25 5.78
CA ALA A 90 19.86 5.53 5.30
C ALA A 90 19.79 6.59 6.40
N THR A 91 20.27 7.78 6.10
CA THR A 91 20.28 8.87 7.07
C THR A 91 19.29 9.97 6.67
N ASP A 92 18.59 10.52 7.65
CA ASP A 92 17.62 11.57 7.40
C ASP A 92 17.81 12.73 8.39
N GLU A 93 16.92 13.71 8.31
CA GLU A 93 16.98 14.87 9.19
C GLU A 93 15.65 15.10 9.88
N ASP A 94 15.07 14.04 10.40
CA ASP A 94 13.78 14.13 11.09
C ASP A 94 13.89 13.57 12.51
N MET A 1 0.75 -9.13 -30.40
CA MET A 1 1.12 -10.34 -29.71
C MET A 1 1.79 -10.04 -28.38
N GLY A 2 1.35 -10.72 -27.31
CA GLY A 2 1.92 -10.49 -26.00
C GLY A 2 2.73 -11.69 -25.52
N SER A 3 2.67 -11.95 -24.22
CA SER A 3 3.42 -13.05 -23.63
C SER A 3 2.96 -13.32 -22.19
N SER A 4 3.50 -14.37 -21.59
CA SER A 4 3.15 -14.73 -20.23
C SER A 4 3.96 -13.90 -19.22
N HIS A 5 3.29 -13.45 -18.17
CA HIS A 5 3.94 -12.65 -17.13
C HIS A 5 3.47 -13.07 -15.75
N HIS A 6 4.42 -13.36 -14.86
CA HIS A 6 4.10 -13.78 -13.50
C HIS A 6 5.28 -13.50 -12.57
N HIS A 7 5.00 -12.81 -11.46
CA HIS A 7 6.03 -12.49 -10.48
C HIS A 7 5.42 -11.87 -9.23
N HIS A 8 5.84 -12.34 -8.07
CA HIS A 8 5.33 -11.83 -6.80
C HIS A 8 6.14 -10.62 -6.34
N HIS A 9 7.38 -10.86 -5.90
CA HIS A 9 8.24 -9.79 -5.43
C HIS A 9 7.64 -9.09 -4.22
N HIS A 10 7.07 -9.89 -3.32
CA HIS A 10 6.46 -9.35 -2.11
C HIS A 10 7.53 -8.82 -1.15
N SER A 11 7.36 -7.57 -0.73
CA SER A 11 8.31 -6.94 0.18
C SER A 11 7.66 -6.64 1.53
N SER A 12 8.42 -6.05 2.44
CA SER A 12 7.92 -5.71 3.76
C SER A 12 8.75 -4.59 4.38
N GLY A 13 8.23 -4.02 5.47
CA GLY A 13 8.93 -2.94 6.14
C GLY A 13 8.04 -1.74 6.39
N LEU A 14 8.43 -0.58 5.85
CA LEU A 14 7.66 0.64 6.01
C LEU A 14 7.42 1.32 4.67
N VAL A 15 8.49 1.87 4.10
CA VAL A 15 8.40 2.55 2.81
C VAL A 15 8.29 1.55 1.66
N PRO A 16 7.35 1.80 0.75
CA PRO A 16 7.11 0.94 -0.41
C PRO A 16 8.24 1.01 -1.42
N ARG A 17 9.05 -0.05 -1.47
CA ARG A 17 10.18 -0.10 -2.40
C ARG A 17 10.31 -1.49 -3.02
N GLY A 18 9.25 -1.94 -3.69
CA GLY A 18 9.27 -3.24 -4.32
C GLY A 18 8.29 -3.34 -5.49
N SER A 19 7.01 -3.20 -5.18
CA SER A 19 5.97 -3.28 -6.21
C SER A 19 6.28 -2.34 -7.36
N HIS A 20 5.60 -2.55 -8.49
CA HIS A 20 5.81 -1.73 -9.67
C HIS A 20 4.75 -0.64 -9.77
N MET A 21 4.19 -0.26 -8.61
CA MET A 21 3.16 0.76 -8.56
C MET A 21 3.70 2.04 -7.91
N SER A 22 3.00 3.15 -8.12
CA SER A 22 3.41 4.43 -7.56
C SER A 22 2.20 5.21 -7.04
N VAL A 23 2.32 5.75 -5.83
CA VAL A 23 1.24 6.52 -5.23
C VAL A 23 0.84 7.70 -6.13
N ASP A 24 1.81 8.28 -6.81
CA ASP A 24 1.57 9.41 -7.69
C ASP A 24 0.63 9.01 -8.83
N ASP A 25 0.49 7.70 -9.04
CA ASP A 25 -0.36 7.19 -10.11
C ASP A 25 -1.71 6.74 -9.54
N ILE A 26 -2.09 7.32 -8.40
CA ILE A 26 -3.35 6.98 -7.76
C ILE A 26 -4.34 8.15 -7.83
N ILE A 27 -5.60 7.84 -8.11
CA ILE A 27 -6.63 8.87 -8.21
C ILE A 27 -7.49 8.90 -6.95
N ILE A 28 -8.55 9.70 -6.98
CA ILE A 28 -9.45 9.82 -5.84
C ILE A 28 -10.71 8.99 -6.05
N LYS A 29 -11.30 8.53 -4.94
CA LYS A 29 -12.50 7.72 -5.00
C LYS A 29 -12.27 6.42 -5.77
N CYS A 30 -11.08 5.86 -5.61
CA CYS A 30 -10.72 4.62 -6.29
C CYS A 30 -10.87 3.43 -5.36
N GLN A 31 -11.17 2.26 -5.93
CA GLN A 31 -11.34 1.04 -5.15
C GLN A 31 -10.03 0.29 -5.04
N CYS A 32 -9.56 0.12 -3.81
CA CYS A 32 -8.31 -0.59 -3.55
C CYS A 32 -8.56 -1.89 -2.79
N TRP A 33 -7.93 -2.97 -3.25
CA TRP A 33 -8.09 -4.27 -2.61
C TRP A 33 -7.37 -4.32 -1.27
N VAL A 34 -8.10 -4.62 -0.20
CA VAL A 34 -7.52 -4.70 1.13
C VAL A 34 -7.25 -6.15 1.53
N GLN A 35 -5.97 -6.50 1.63
CA GLN A 35 -5.58 -7.85 2.01
C GLN A 35 -5.26 -7.94 3.49
N LYS A 36 -6.18 -8.49 4.27
CA LYS A 36 -6.00 -8.64 5.71
C LYS A 36 -5.08 -9.81 6.03
N ASN A 37 -4.60 -9.86 7.25
CA ASN A 37 -3.71 -10.94 7.69
C ASN A 37 -4.32 -12.31 7.37
N ASP A 38 -5.59 -12.48 7.72
CA ASP A 38 -6.28 -13.74 7.48
C ASP A 38 -7.69 -13.48 6.93
N GLU A 39 -7.87 -12.31 6.34
CA GLU A 39 -9.17 -11.93 5.77
C GLU A 39 -8.99 -11.20 4.44
N GLU A 40 -10.11 -10.95 3.76
CA GLU A 40 -10.08 -10.26 2.48
C GLU A 40 -11.23 -9.27 2.37
N ARG A 41 -10.90 -7.98 2.24
CA ARG A 41 -11.91 -6.95 2.13
C ARG A 41 -11.50 -5.90 1.09
N LEU A 42 -12.39 -4.95 0.82
CA LEU A 42 -12.12 -3.89 -0.14
C LEU A 42 -12.38 -2.52 0.47
N ALA A 43 -11.54 -1.55 0.10
CA ALA A 43 -11.68 -0.19 0.62
C ALA A 43 -11.58 0.84 -0.51
N GLU A 44 -11.94 2.08 -0.20
CA GLU A 44 -11.90 3.15 -1.20
C GLU A 44 -10.97 4.27 -0.75
N ILE A 45 -10.48 5.05 -1.71
CA ILE A 45 -9.58 6.16 -1.40
C ILE A 45 -10.33 7.49 -1.40
N LEU A 46 -10.10 8.28 -0.36
CA LEU A 46 -10.75 9.57 -0.23
C LEU A 46 -9.77 10.70 -0.48
N SER A 47 -8.77 10.84 0.39
CA SER A 47 -7.77 11.89 0.26
C SER A 47 -6.36 11.30 0.40
N ILE A 48 -5.36 12.05 -0.08
CA ILE A 48 -3.99 11.62 0.00
C ILE A 48 -3.10 12.68 0.62
N ASN A 49 -2.34 12.30 1.64
CA ASN A 49 -1.44 13.23 2.32
C ASN A 49 0.02 12.88 2.05
N THR A 50 0.79 13.88 1.64
CA THR A 50 2.20 13.69 1.34
C THR A 50 3.08 14.42 2.35
N ARG A 51 2.70 14.35 3.61
CA ARG A 51 3.46 15.01 4.67
C ARG A 51 4.39 14.02 5.38
N LYS A 52 4.02 12.75 5.32
CA LYS A 52 4.83 11.70 5.96
C LYS A 52 5.48 10.81 4.91
N ALA A 53 6.36 9.92 5.36
CA ALA A 53 7.04 9.00 4.45
C ALA A 53 7.12 7.60 5.05
N PRO A 54 6.39 6.66 4.42
CA PRO A 54 5.57 6.95 3.25
C PRO A 54 4.35 7.80 3.58
N PRO A 55 3.70 8.32 2.53
CA PRO A 55 2.50 9.15 2.69
C PRO A 55 1.29 8.37 3.18
N LYS A 56 0.37 9.06 3.85
CA LYS A 56 -0.83 8.43 4.37
C LYS A 56 -2.02 8.66 3.46
N PHE A 57 -2.98 7.74 3.47
CA PHE A 57 -4.17 7.85 2.64
C PHE A 57 -5.43 7.56 3.45
N TYR A 58 -6.47 8.34 3.22
CA TYR A 58 -7.74 8.15 3.92
C TYR A 58 -8.57 7.06 3.26
N VAL A 59 -8.71 5.93 3.95
CA VAL A 59 -9.48 4.82 3.44
C VAL A 59 -10.89 4.81 4.01
N HIS A 60 -11.87 4.54 3.16
CA HIS A 60 -13.28 4.50 3.59
C HIS A 60 -13.94 3.19 3.15
N TYR A 61 -14.87 2.73 3.97
CA TYR A 61 -15.58 1.48 3.68
C TYR A 61 -16.95 1.77 3.09
N VAL A 62 -17.41 0.89 2.20
CA VAL A 62 -18.70 1.04 1.55
C VAL A 62 -19.80 0.30 2.32
N ASN A 63 -19.75 0.40 3.64
CA ASN A 63 -20.74 -0.27 4.49
C ASN A 63 -21.30 0.70 5.53
N TYR A 64 -22.14 0.18 6.42
CA TYR A 64 -22.74 0.99 7.46
C TYR A 64 -21.68 1.55 8.39
N ASN A 65 -20.75 0.70 8.82
CA ASN A 65 -19.67 1.11 9.71
C ASN A 65 -18.93 2.33 9.15
N LYS A 66 -19.19 3.49 9.74
CA LYS A 66 -18.56 4.72 9.30
C LYS A 66 -17.23 4.93 10.02
N ARG A 67 -17.12 4.37 11.22
CA ARG A 67 -15.88 4.50 12.00
C ARG A 67 -14.70 3.90 11.24
N LEU A 68 -14.98 2.95 10.37
CA LEU A 68 -13.94 2.31 9.58
C LEU A 68 -13.13 3.34 8.80
N ASP A 69 -13.75 4.47 8.50
CA ASP A 69 -13.10 5.54 7.76
C ASP A 69 -11.94 6.13 8.57
N GLU A 70 -10.72 5.68 8.27
CA GLU A 70 -9.54 6.16 8.98
C GLU A 70 -8.37 6.34 8.01
N TRP A 71 -7.22 6.70 8.55
CA TRP A 71 -6.02 6.91 7.74
C TRP A 71 -5.07 5.72 7.86
N ILE A 72 -4.47 5.33 6.74
CA ILE A 72 -3.54 4.21 6.71
C ILE A 72 -2.49 4.39 5.63
N THR A 73 -1.41 3.63 5.74
CA THR A 73 -0.33 3.70 4.76
C THR A 73 -0.34 2.50 3.82
N THR A 74 0.56 2.49 2.85
CA THR A 74 0.64 1.40 1.89
C THR A 74 0.87 0.06 2.59
N ASP A 75 1.41 0.12 3.81
CA ASP A 75 1.67 -1.08 4.59
C ASP A 75 0.39 -1.86 4.83
N ARG A 76 -0.75 -1.17 4.75
CA ARG A 76 -2.04 -1.80 4.95
C ARG A 76 -2.78 -1.97 3.63
N ILE A 77 -2.31 -1.29 2.60
CA ILE A 77 -2.92 -1.37 1.28
C ILE A 77 -2.14 -2.31 0.37
N ASN A 78 -2.87 -3.05 -0.48
CA ASN A 78 -2.25 -3.98 -1.41
C ASN A 78 -1.92 -3.31 -2.73
N LEU A 79 -0.89 -2.47 -2.72
CA LEU A 79 -0.48 -1.76 -3.93
C LEU A 79 0.50 -2.59 -4.75
N ASP A 80 0.05 -3.77 -5.17
CA ASP A 80 0.89 -4.67 -5.96
C ASP A 80 0.07 -5.33 -7.06
N LYS A 81 -0.81 -4.56 -7.70
CA LYS A 81 -1.64 -5.07 -8.77
C LYS A 81 -0.81 -5.80 -9.82
N GLU A 82 -1.47 -6.51 -10.72
CA GLU A 82 -0.79 -7.24 -11.78
C GLU A 82 0.16 -6.33 -12.54
N VAL A 83 1.37 -6.83 -12.81
CA VAL A 83 2.38 -6.06 -13.53
C VAL A 83 3.01 -6.89 -14.64
N LEU A 84 3.52 -6.21 -15.66
CA LEU A 84 4.15 -6.89 -16.78
C LEU A 84 5.64 -7.12 -16.52
N TYR A 85 5.95 -8.27 -15.94
CA TYR A 85 7.34 -8.62 -15.63
C TYR A 85 7.83 -9.75 -16.53
N PRO A 86 8.33 -9.37 -17.72
CA PRO A 86 8.85 -10.34 -18.70
C PRO A 86 10.15 -10.98 -18.24
N LYS A 87 10.04 -12.05 -17.46
CA LYS A 87 11.20 -12.76 -16.96
C LYS A 87 10.81 -14.09 -16.32
N LEU A 88 11.11 -15.18 -17.00
CA LEU A 88 10.79 -16.51 -16.50
C LEU A 88 11.31 -16.71 -15.08
N LYS A 89 10.75 -17.67 -14.37
CA LYS A 89 11.16 -17.95 -13.00
C LYS A 89 10.85 -19.41 -12.63
N ALA A 90 11.75 -20.03 -11.89
CA ALA A 90 11.57 -21.41 -11.46
C ALA A 90 10.84 -21.48 -10.13
N THR A 91 9.85 -22.37 -10.04
CA THR A 91 9.07 -22.54 -8.83
C THR A 91 9.80 -23.44 -7.83
N ASP A 92 9.43 -23.32 -6.55
CA ASP A 92 10.04 -24.13 -5.50
C ASP A 92 8.98 -24.81 -4.66
N GLU A 93 9.34 -25.96 -4.09
CA GLU A 93 8.41 -26.72 -3.25
C GLU A 93 8.92 -26.83 -1.82
N ASP A 94 8.19 -27.55 -0.99
CA ASP A 94 8.57 -27.73 0.41
C ASP A 94 8.47 -29.20 0.81
#